data_1X5R
#
_entry.id   1X5R
#
_entity_poly.entity_id   1
_entity_poly.type   'polypeptide(L)'
_entity_poly.pdbx_seq_one_letter_code
;GSSGSSGGGQIVHTETTEVVLCGDPLSGFGLQLQGGIFATETLSSPPLVCFIEPDSPAERCGLLQVGDRVLSINGIATED
GTMEEANQLLRDAALAHKVVLEVEFDSGPSSG
;
_entity_poly.pdbx_strand_id   A
#
# COMPACT_ATOMS: atom_id res chain seq x y z
N GLY A 1 -5.95 -19.80 -14.67
CA GLY A 1 -5.39 -19.31 -13.41
C GLY A 1 -4.19 -18.40 -13.65
N SER A 2 -3.01 -18.98 -13.51
CA SER A 2 -1.78 -18.23 -13.72
C SER A 2 -1.09 -18.68 -15.00
N SER A 3 -1.54 -18.11 -16.11
CA SER A 3 -0.98 -18.45 -17.40
C SER A 3 0.25 -17.59 -17.68
N GLY A 4 1.35 -18.26 -18.03
CA GLY A 4 2.59 -17.57 -18.33
C GLY A 4 2.47 -16.79 -19.64
N SER A 5 3.21 -15.68 -19.70
CA SER A 5 3.21 -14.84 -20.88
C SER A 5 4.63 -14.39 -21.21
N SER A 6 4.84 -14.06 -22.47
CA SER A 6 6.14 -13.61 -22.93
C SER A 6 6.07 -13.21 -24.40
N GLY A 7 7.08 -12.47 -24.83
CA GLY A 7 7.14 -12.01 -26.20
C GLY A 7 7.93 -10.70 -26.31
N GLY A 8 7.30 -9.62 -25.85
CA GLY A 8 7.93 -8.32 -25.89
C GLY A 8 7.24 -7.34 -24.93
N GLY A 9 7.17 -6.09 -25.36
CA GLY A 9 6.54 -5.07 -24.55
C GLY A 9 7.55 -4.01 -24.10
N GLN A 10 7.39 -3.56 -22.87
CA GLN A 10 8.28 -2.56 -22.31
C GLN A 10 8.27 -2.62 -20.78
N ILE A 11 9.30 -2.05 -20.19
CA ILE A 11 9.43 -2.04 -18.74
C ILE A 11 8.42 -1.05 -18.15
N VAL A 12 8.00 -1.34 -16.93
CA VAL A 12 7.04 -0.50 -16.25
C VAL A 12 7.55 0.94 -16.22
N HIS A 13 6.65 1.88 -16.51
CA HIS A 13 7.00 3.27 -16.52
C HIS A 13 7.21 3.77 -15.09
N THR A 14 6.69 3.00 -14.15
CA THR A 14 6.81 3.35 -12.74
C THR A 14 7.24 2.12 -11.94
N GLU A 15 7.81 2.40 -10.77
CA GLU A 15 8.26 1.32 -9.89
C GLU A 15 7.29 1.15 -8.72
N THR A 16 7.54 0.10 -7.94
CA THR A 16 6.70 -0.19 -6.80
C THR A 16 7.47 -1.03 -5.77
N THR A 17 6.96 -1.02 -4.54
CA THR A 17 7.58 -1.77 -3.46
C THR A 17 6.53 -2.52 -2.65
N GLU A 18 6.84 -3.77 -2.35
CA GLU A 18 5.93 -4.60 -1.59
C GLU A 18 6.30 -4.57 -0.10
N VAL A 19 5.38 -4.05 0.70
CA VAL A 19 5.60 -3.96 2.14
C VAL A 19 4.82 -5.07 2.84
N VAL A 20 5.57 -6.02 3.38
CA VAL A 20 4.96 -7.14 4.08
C VAL A 20 4.93 -6.84 5.58
N LEU A 21 3.73 -6.66 6.10
CA LEU A 21 3.55 -6.37 7.51
C LEU A 21 2.94 -7.58 8.21
N CYS A 22 3.30 -7.74 9.47
CA CYS A 22 2.79 -8.86 10.26
C CYS A 22 2.33 -8.32 11.61
N GLY A 23 1.28 -8.94 12.14
CA GLY A 23 0.74 -8.53 13.43
C GLY A 23 -0.50 -9.36 13.79
N ASP A 24 -1.02 -9.09 14.97
CA ASP A 24 -2.20 -9.79 15.45
C ASP A 24 -3.45 -9.05 15.00
N PRO A 25 -4.61 -9.76 15.10
CA PRO A 25 -5.88 -9.18 14.72
C PRO A 25 -6.36 -8.16 15.76
N LEU A 26 -5.76 -8.23 16.93
CA LEU A 26 -6.12 -7.34 18.01
C LEU A 26 -5.23 -6.09 17.95
N SER A 27 -3.93 -6.33 17.97
CA SER A 27 -2.97 -5.24 17.92
C SER A 27 -2.86 -4.71 16.49
N GLY A 28 -3.43 -5.46 15.56
CA GLY A 28 -3.41 -5.08 14.16
C GLY A 28 -1.97 -4.97 13.64
N PHE A 29 -1.67 -3.83 13.05
CA PHE A 29 -0.34 -3.59 12.50
C PHE A 29 0.27 -2.32 13.11
N GLY A 30 -0.01 -1.21 12.47
CA GLY A 30 0.50 0.07 12.93
C GLY A 30 0.76 1.01 11.74
N LEU A 31 -0.33 1.45 11.14
CA LEU A 31 -0.24 2.36 9.99
C LEU A 31 -1.60 2.99 9.75
N GLN A 32 -1.56 4.25 9.31
CA GLN A 32 -2.78 4.99 9.03
C GLN A 32 -2.80 5.45 7.58
N LEU A 33 -3.95 5.25 6.94
CA LEU A 33 -4.12 5.65 5.55
C LEU A 33 -4.69 7.06 5.49
N GLN A 34 -4.40 7.74 4.40
CA GLN A 34 -4.88 9.10 4.20
C GLN A 34 -5.57 9.23 2.84
N GLY A 35 -6.83 9.65 2.89
CA GLY A 35 -7.60 9.82 1.68
C GLY A 35 -8.82 10.71 1.92
N GLY A 36 -9.85 10.50 1.13
CA GLY A 36 -11.07 11.27 1.24
C GLY A 36 -11.52 11.35 2.70
N ILE A 37 -12.33 12.36 2.98
CA ILE A 37 -12.84 12.57 4.33
C ILE A 37 -13.86 11.47 4.66
N PHE A 38 -14.78 11.27 3.72
CA PHE A 38 -15.81 10.27 3.89
C PHE A 38 -15.28 8.87 3.59
N ALA A 39 -15.90 7.88 4.21
CA ALA A 39 -15.49 6.50 4.02
C ALA A 39 -16.31 5.88 2.87
N THR A 40 -17.62 6.02 2.99
CA THR A 40 -18.51 5.48 1.98
C THR A 40 -18.38 6.27 0.68
N GLU A 41 -17.31 5.97 -0.05
CA GLU A 41 -17.05 6.63 -1.31
C GLU A 41 -15.77 6.09 -1.96
N THR A 42 -15.86 5.87 -3.26
CA THR A 42 -14.72 5.34 -4.00
C THR A 42 -13.52 6.29 -3.89
N LEU A 43 -12.35 5.76 -4.21
CA LEU A 43 -11.13 6.54 -4.14
C LEU A 43 -10.60 6.77 -5.56
N SER A 44 -10.52 8.04 -5.93
CA SER A 44 -10.04 8.42 -7.25
C SER A 44 -8.51 8.34 -7.28
N SER A 45 -7.91 8.46 -6.10
CA SER A 45 -6.47 8.40 -5.99
C SER A 45 -6.07 7.50 -4.83
N PRO A 46 -4.78 7.08 -4.84
CA PRO A 46 -4.25 6.22 -3.79
C PRO A 46 -4.04 7.00 -2.50
N PRO A 47 -4.41 6.36 -1.36
CA PRO A 47 -4.25 6.99 -0.05
C PRO A 47 -2.79 6.97 0.38
N LEU A 48 -2.41 8.02 1.09
CA LEU A 48 -1.05 8.15 1.58
C LEU A 48 -0.98 7.66 3.03
N VAL A 49 0.24 7.46 3.50
CA VAL A 49 0.45 7.00 4.86
C VAL A 49 0.18 8.17 5.83
N CYS A 50 -1.09 8.35 6.13
CA CYS A 50 -1.50 9.42 7.04
C CYS A 50 -0.51 9.44 8.20
N PHE A 51 -0.41 8.31 8.88
CA PHE A 51 0.48 8.20 10.02
C PHE A 51 0.98 6.75 10.19
N ILE A 52 1.98 6.60 11.04
CA ILE A 52 2.54 5.29 11.29
C ILE A 52 2.78 5.12 12.80
N GLU A 53 2.60 3.90 13.27
CA GLU A 53 2.79 3.60 14.68
C GLU A 53 4.28 3.38 14.98
N PRO A 54 4.72 3.95 16.13
CA PRO A 54 6.11 3.83 16.55
C PRO A 54 6.40 2.42 17.07
N ASP A 55 7.49 1.85 16.58
CA ASP A 55 7.89 0.52 16.99
C ASP A 55 6.90 -0.51 16.42
N SER A 56 6.08 -0.04 15.50
CA SER A 56 5.09 -0.89 14.87
C SER A 56 5.75 -1.68 13.73
N PRO A 57 4.91 -2.55 13.09
CA PRO A 57 5.39 -3.37 11.98
C PRO A 57 5.55 -2.53 10.71
N ALA A 58 4.59 -1.65 10.51
CA ALA A 58 4.60 -0.78 9.34
C ALA A 58 5.83 0.13 9.41
N GLU A 59 6.26 0.42 10.63
CA GLU A 59 7.41 1.27 10.83
C GLU A 59 8.70 0.47 10.68
N ARG A 60 8.65 -0.77 11.17
CA ARG A 60 9.81 -1.65 11.09
C ARG A 60 10.29 -1.76 9.64
N CYS A 61 9.34 -1.62 8.73
CA CYS A 61 9.66 -1.71 7.31
C CYS A 61 10.61 -0.55 6.96
N GLY A 62 10.48 0.53 7.71
CA GLY A 62 11.31 1.69 7.50
C GLY A 62 10.98 2.36 6.16
N LEU A 63 11.15 1.60 5.09
CA LEU A 63 10.87 2.10 3.76
C LEU A 63 9.55 2.88 3.78
N LEU A 64 8.62 2.38 4.57
CA LEU A 64 7.32 3.01 4.68
C LEU A 64 7.44 4.25 5.57
N GLN A 65 6.67 5.27 5.22
CA GLN A 65 6.68 6.51 5.97
C GLN A 65 5.55 7.43 5.50
N VAL A 66 5.27 8.44 6.31
CA VAL A 66 4.22 9.40 5.99
C VAL A 66 4.52 10.02 4.62
N GLY A 67 3.49 10.05 3.78
CA GLY A 67 3.63 10.61 2.45
C GLY A 67 3.54 9.52 1.38
N ASP A 68 4.10 8.36 1.71
CA ASP A 68 4.08 7.24 0.78
C ASP A 68 2.67 7.07 0.21
N ARG A 69 2.57 6.20 -0.78
CA ARG A 69 1.30 5.94 -1.43
C ARG A 69 0.95 4.46 -1.35
N VAL A 70 -0.34 4.18 -1.44
CA VAL A 70 -0.81 2.80 -1.38
C VAL A 70 -1.67 2.51 -2.61
N LEU A 71 -1.04 1.98 -3.64
CA LEU A 71 -1.73 1.65 -4.86
C LEU A 71 -2.78 0.58 -4.58
N SER A 72 -2.31 -0.57 -4.15
CA SER A 72 -3.20 -1.69 -3.83
C SER A 72 -2.80 -2.30 -2.50
N ILE A 73 -3.68 -3.17 -2.00
CA ILE A 73 -3.44 -3.85 -0.74
C ILE A 73 -3.73 -5.34 -0.89
N ASN A 74 -2.67 -6.13 -0.83
CA ASN A 74 -2.81 -7.58 -0.96
C ASN A 74 -3.22 -7.92 -2.39
N GLY A 75 -3.11 -6.91 -3.26
CA GLY A 75 -3.47 -7.10 -4.65
C GLY A 75 -4.77 -6.37 -4.99
N ILE A 76 -5.34 -5.75 -3.98
CA ILE A 76 -6.58 -5.02 -4.15
C ILE A 76 -6.28 -3.53 -4.34
N ALA A 77 -6.63 -3.03 -5.52
CA ALA A 77 -6.40 -1.64 -5.84
C ALA A 77 -7.26 -0.76 -4.93
N THR A 78 -6.65 0.30 -4.44
CA THR A 78 -7.34 1.23 -3.56
C THR A 78 -8.15 2.23 -4.37
N GLU A 79 -7.68 2.50 -5.58
CA GLU A 79 -8.35 3.43 -6.47
C GLU A 79 -9.62 2.81 -7.02
N ASP A 80 -9.69 1.48 -6.94
CA ASP A 80 -10.85 0.76 -7.43
C ASP A 80 -11.70 0.31 -6.24
N GLY A 81 -11.70 1.14 -5.21
CA GLY A 81 -12.46 0.84 -4.01
C GLY A 81 -12.75 2.11 -3.21
N THR A 82 -13.30 1.92 -2.02
CA THR A 82 -13.63 3.03 -1.15
C THR A 82 -12.68 3.07 0.04
N MET A 83 -12.47 4.28 0.55
CA MET A 83 -11.58 4.46 1.69
C MET A 83 -11.73 3.32 2.69
N GLU A 84 -12.95 3.14 3.17
CA GLU A 84 -13.24 2.09 4.13
C GLU A 84 -12.64 0.76 3.66
N GLU A 85 -13.05 0.36 2.46
CA GLU A 85 -12.56 -0.88 1.88
C GLU A 85 -11.05 -1.01 2.09
N ALA A 86 -10.35 0.07 1.77
CA ALA A 86 -8.90 0.09 1.92
C ALA A 86 -8.54 -0.26 3.37
N ASN A 87 -9.17 0.45 4.29
CA ASN A 87 -8.92 0.22 5.70
C ASN A 87 -9.34 -1.20 6.07
N GLN A 88 -10.52 -1.58 5.60
CA GLN A 88 -11.04 -2.91 5.88
C GLN A 88 -10.09 -3.98 5.31
N LEU A 89 -9.57 -3.69 4.13
CA LEU A 89 -8.66 -4.60 3.48
C LEU A 89 -7.46 -4.88 4.39
N LEU A 90 -7.16 -3.89 5.23
CA LEU A 90 -6.05 -4.02 6.16
C LEU A 90 -6.49 -4.88 7.35
N ARG A 91 -7.78 -4.82 7.63
CA ARG A 91 -8.33 -5.60 8.73
C ARG A 91 -8.26 -7.08 8.43
N ASP A 92 -8.89 -7.47 7.32
CA ASP A 92 -8.91 -8.86 6.91
C ASP A 92 -7.47 -9.39 6.87
N ALA A 93 -6.57 -8.55 6.39
CA ALA A 93 -5.18 -8.92 6.29
C ALA A 93 -4.63 -9.23 7.69
N ALA A 94 -4.99 -8.37 8.63
CA ALA A 94 -4.55 -8.53 10.00
C ALA A 94 -4.97 -9.93 10.51
N LEU A 95 -6.19 -10.29 10.17
CA LEU A 95 -6.72 -11.58 10.58
C LEU A 95 -5.87 -12.69 9.96
N ALA A 96 -5.08 -12.31 8.97
CA ALA A 96 -4.22 -13.26 8.28
C ALA A 96 -2.83 -13.23 8.94
N HIS A 97 -2.62 -12.20 9.74
CA HIS A 97 -1.34 -12.05 10.42
C HIS A 97 -0.27 -11.59 9.43
N LYS A 98 -0.73 -11.27 8.23
CA LYS A 98 0.18 -10.82 7.18
C LYS A 98 -0.60 -9.93 6.20
N VAL A 99 0.12 -8.98 5.63
CA VAL A 99 -0.48 -8.06 4.67
C VAL A 99 0.58 -7.62 3.65
N VAL A 100 0.11 -7.20 2.50
CA VAL A 100 0.99 -6.75 1.44
C VAL A 100 0.48 -5.43 0.87
N LEU A 101 1.34 -4.43 0.90
CA LEU A 101 0.99 -3.12 0.40
C LEU A 101 1.85 -2.79 -0.82
N GLU A 102 1.28 -2.02 -1.73
CA GLU A 102 1.99 -1.63 -2.94
C GLU A 102 2.11 -0.11 -3.01
N VAL A 103 3.35 0.37 -2.98
CA VAL A 103 3.62 1.78 -3.05
C VAL A 103 4.06 2.15 -4.46
N GLU A 104 3.79 3.40 -4.83
CA GLU A 104 4.16 3.89 -6.15
C GLU A 104 5.29 4.91 -6.04
N PHE A 105 6.16 4.90 -7.04
CA PHE A 105 7.29 5.82 -7.06
C PHE A 105 8.16 5.57 -8.29
N ASP A 106 8.99 6.57 -8.59
CA ASP A 106 9.88 6.48 -9.73
C ASP A 106 11.31 6.21 -9.24
N SER A 107 11.65 4.92 -9.20
CA SER A 107 12.98 4.52 -8.76
C SER A 107 14.05 5.27 -9.56
N GLY A 108 14.59 6.30 -8.93
CA GLY A 108 15.62 7.10 -9.58
C GLY A 108 16.14 8.19 -8.63
N PRO A 109 16.75 9.24 -9.24
CA PRO A 109 17.29 10.34 -8.46
C PRO A 109 16.18 11.24 -7.92
N SER A 110 15.50 10.74 -6.90
CA SER A 110 14.41 11.49 -6.29
C SER A 110 14.96 12.42 -5.20
N SER A 111 15.37 13.60 -5.63
CA SER A 111 15.91 14.58 -4.69
C SER A 111 14.78 15.25 -3.92
N GLY A 112 15.12 15.75 -2.74
CA GLY A 112 14.14 16.42 -1.89
C GLY A 112 14.79 16.97 -0.63
N GLY A 1 -2.10 -23.26 -20.91
CA GLY A 1 -0.82 -23.40 -21.59
C GLY A 1 0.32 -23.47 -20.59
N SER A 2 1.52 -23.20 -21.10
CA SER A 2 2.71 -23.22 -20.25
C SER A 2 3.82 -22.38 -20.89
N SER A 3 4.19 -22.77 -22.10
CA SER A 3 5.23 -22.06 -22.83
C SER A 3 5.04 -20.55 -22.68
N GLY A 4 6.15 -19.84 -22.62
CA GLY A 4 6.12 -18.40 -22.48
C GLY A 4 6.16 -17.99 -21.00
N SER A 5 6.34 -16.69 -20.79
CA SER A 5 6.41 -16.17 -19.44
C SER A 5 5.50 -14.94 -19.32
N SER A 6 5.24 -14.56 -18.07
CA SER A 6 4.40 -13.41 -17.80
C SER A 6 5.23 -12.23 -17.30
N GLY A 7 5.05 -11.10 -17.94
CA GLY A 7 5.79 -9.90 -17.57
C GLY A 7 6.56 -9.33 -18.77
N GLY A 8 7.09 -8.14 -18.57
CA GLY A 8 7.84 -7.47 -19.62
C GLY A 8 8.01 -5.98 -19.33
N GLY A 9 7.31 -5.16 -20.10
CA GLY A 9 7.37 -3.72 -19.93
C GLY A 9 8.79 -3.21 -20.13
N GLN A 10 8.93 -2.32 -21.11
CA GLN A 10 10.23 -1.75 -21.43
C GLN A 10 10.09 -0.26 -21.72
N ILE A 11 10.98 0.52 -21.11
CA ILE A 11 10.97 1.96 -21.29
C ILE A 11 9.68 2.54 -20.71
N VAL A 12 9.85 3.53 -19.84
CA VAL A 12 8.71 4.17 -19.20
C VAL A 12 7.90 3.12 -18.43
N HIS A 13 8.04 3.18 -17.11
CA HIS A 13 7.34 2.23 -16.25
C HIS A 13 7.58 2.60 -14.78
N THR A 14 6.55 3.16 -14.16
CA THR A 14 6.64 3.56 -12.77
C THR A 14 7.22 2.43 -11.93
N GLU A 15 7.77 2.81 -10.78
CA GLU A 15 8.36 1.83 -9.87
C GLU A 15 7.39 1.51 -8.74
N THR A 16 7.44 0.28 -8.29
CA THR A 16 6.57 -0.18 -7.21
C THR A 16 7.35 -1.06 -6.23
N THR A 17 6.86 -1.10 -5.00
CA THR A 17 7.50 -1.90 -3.96
C THR A 17 6.45 -2.71 -3.20
N GLU A 18 6.90 -3.85 -2.68
CA GLU A 18 6.02 -4.73 -1.93
C GLU A 18 6.46 -4.80 -0.48
N VAL A 19 5.57 -4.36 0.40
CA VAL A 19 5.86 -4.37 1.83
C VAL A 19 4.95 -5.39 2.52
N VAL A 20 5.58 -6.27 3.28
CA VAL A 20 4.85 -7.31 3.99
C VAL A 20 4.83 -6.96 5.49
N LEU A 21 3.66 -6.51 5.94
CA LEU A 21 3.49 -6.16 7.34
C LEU A 21 2.79 -7.30 8.07
N CYS A 22 3.24 -7.52 9.30
CA CYS A 22 2.67 -8.58 10.12
C CYS A 22 2.32 -7.99 11.49
N GLY A 23 1.27 -8.54 12.09
CA GLY A 23 0.83 -8.09 13.40
C GLY A 23 -0.43 -8.83 13.83
N ASP A 24 -0.89 -8.49 15.03
CA ASP A 24 -2.08 -9.11 15.58
C ASP A 24 -3.32 -8.36 15.06
N PRO A 25 -4.50 -9.02 15.24
CA PRO A 25 -5.75 -8.44 14.80
C PRO A 25 -6.20 -7.31 15.73
N LEU A 26 -5.57 -7.28 16.90
CA LEU A 26 -5.89 -6.27 17.90
C LEU A 26 -4.98 -5.05 17.68
N SER A 27 -3.69 -5.33 17.56
CA SER A 27 -2.72 -4.27 17.36
C SER A 27 -2.76 -3.79 15.91
N GLY A 28 -3.09 -4.72 15.02
CA GLY A 28 -3.18 -4.40 13.60
C GLY A 28 -1.80 -4.53 12.93
N PHE A 29 -1.41 -3.45 12.26
CA PHE A 29 -0.13 -3.44 11.58
C PHE A 29 0.62 -2.12 11.83
N GLY A 30 0.12 -1.38 12.81
CA GLY A 30 0.72 -0.11 13.16
C GLY A 30 0.90 0.78 11.93
N LEU A 31 -0.19 0.99 11.22
CA LEU A 31 -0.17 1.81 10.02
C LEU A 31 -1.52 2.50 9.85
N GLN A 32 -1.45 3.75 9.38
CA GLN A 32 -2.66 4.53 9.17
C GLN A 32 -2.72 5.04 7.73
N LEU A 33 -3.89 4.92 7.14
CA LEU A 33 -4.09 5.36 5.77
C LEU A 33 -4.70 6.77 5.78
N GLN A 34 -4.52 7.45 4.66
CA GLN A 34 -5.04 8.80 4.52
C GLN A 34 -5.66 9.00 3.14
N GLY A 35 -6.97 9.21 3.13
CA GLY A 35 -7.70 9.41 1.89
C GLY A 35 -8.83 10.41 2.07
N GLY A 36 -9.90 10.18 1.32
CA GLY A 36 -11.06 11.06 1.39
C GLY A 36 -11.58 11.16 2.83
N ILE A 37 -12.61 11.98 2.98
CA ILE A 37 -13.21 12.18 4.29
C ILE A 37 -14.25 11.11 4.54
N PHE A 38 -15.11 10.91 3.56
CA PHE A 38 -16.17 9.91 3.66
C PHE A 38 -15.63 8.52 3.29
N ALA A 39 -15.63 7.64 4.28
CA ALA A 39 -15.15 6.28 4.06
C ALA A 39 -15.67 5.77 2.71
N THR A 40 -16.95 6.01 2.48
CA THR A 40 -17.58 5.58 1.24
C THR A 40 -17.01 6.37 0.06
N GLU A 41 -17.68 6.23 -1.08
CA GLU A 41 -17.25 6.92 -2.28
C GLU A 41 -15.93 6.36 -2.78
N THR A 42 -15.92 5.99 -4.05
CA THR A 42 -14.71 5.44 -4.67
C THR A 42 -13.52 6.36 -4.42
N LEU A 43 -12.34 5.77 -4.50
CA LEU A 43 -11.11 6.52 -4.30
C LEU A 43 -10.50 6.89 -5.66
N SER A 44 -10.47 8.18 -5.93
CA SER A 44 -9.91 8.67 -7.18
C SER A 44 -8.40 8.54 -7.17
N SER A 45 -7.84 8.61 -5.97
CA SER A 45 -6.39 8.50 -5.81
C SER A 45 -6.07 7.55 -4.66
N PRO A 46 -4.79 7.09 -4.64
CA PRO A 46 -4.33 6.18 -3.60
C PRO A 46 -4.13 6.91 -2.28
N PRO A 47 -4.47 6.20 -1.17
CA PRO A 47 -4.33 6.78 0.16
C PRO A 47 -2.86 6.79 0.59
N LEU A 48 -2.52 7.80 1.37
CA LEU A 48 -1.16 7.95 1.86
C LEU A 48 -1.10 7.51 3.33
N VAL A 49 0.13 7.36 3.81
CA VAL A 49 0.34 6.94 5.19
C VAL A 49 0.07 8.13 6.12
N CYS A 50 -1.13 8.13 6.70
CA CYS A 50 -1.52 9.19 7.61
C CYS A 50 -0.54 9.21 8.78
N PHE A 51 -0.39 8.04 9.40
CA PHE A 51 0.52 7.91 10.53
C PHE A 51 1.07 6.48 10.63
N ILE A 52 2.07 6.33 11.48
CA ILE A 52 2.69 5.03 11.68
C ILE A 52 3.02 4.85 13.17
N GLU A 53 2.84 3.62 13.63
CA GLU A 53 3.12 3.29 15.01
C GLU A 53 4.61 3.11 15.23
N PRO A 54 5.09 3.57 16.43
CA PRO A 54 6.50 3.45 16.76
C PRO A 54 6.87 2.01 17.13
N ASP A 55 7.95 1.54 16.52
CA ASP A 55 8.41 0.18 16.77
C ASP A 55 7.40 -0.81 16.18
N SER A 56 6.46 -0.27 15.42
CA SER A 56 5.44 -1.09 14.80
C SER A 56 6.03 -1.83 13.59
N PRO A 57 5.16 -2.65 12.94
CA PRO A 57 5.58 -3.41 11.77
C PRO A 57 5.69 -2.50 10.54
N ALA A 58 4.74 -1.59 10.44
CA ALA A 58 4.72 -0.66 9.31
C ALA A 58 5.96 0.23 9.37
N GLU A 59 6.49 0.38 10.57
CA GLU A 59 7.68 1.20 10.77
C GLU A 59 8.93 0.33 10.63
N ARG A 60 8.83 -0.91 11.10
CA ARG A 60 9.95 -1.82 11.03
C ARG A 60 10.43 -1.99 9.58
N CYS A 61 9.46 -1.97 8.67
CA CYS A 61 9.76 -2.12 7.26
C CYS A 61 10.60 -0.91 6.83
N GLY A 62 10.38 0.20 7.53
CA GLY A 62 11.12 1.42 7.22
C GLY A 62 10.57 2.08 5.95
N LEU A 63 10.56 1.30 4.88
CA LEU A 63 10.07 1.79 3.61
C LEU A 63 8.85 2.67 3.83
N LEU A 64 7.84 2.08 4.47
CA LEU A 64 6.61 2.79 4.76
C LEU A 64 6.93 4.03 5.59
N GLN A 65 6.25 5.12 5.26
CA GLN A 65 6.44 6.38 5.96
C GLN A 65 5.38 7.39 5.54
N VAL A 66 5.07 8.29 6.47
CA VAL A 66 4.08 9.31 6.21
C VAL A 66 4.36 9.96 4.86
N GLY A 67 3.33 9.99 4.02
CA GLY A 67 3.45 10.59 2.70
C GLY A 67 3.38 9.51 1.61
N ASP A 68 4.00 8.38 1.90
CA ASP A 68 4.02 7.28 0.96
C ASP A 68 2.61 7.07 0.41
N ARG A 69 2.54 6.29 -0.67
CA ARG A 69 1.26 6.01 -1.30
C ARG A 69 0.96 4.50 -1.25
N VAL A 70 -0.31 4.17 -1.36
CA VAL A 70 -0.74 2.79 -1.33
C VAL A 70 -1.66 2.51 -2.52
N LEU A 71 -1.05 2.01 -3.59
CA LEU A 71 -1.79 1.71 -4.81
C LEU A 71 -2.86 0.66 -4.49
N SER A 72 -2.39 -0.51 -4.08
CA SER A 72 -3.29 -1.61 -3.74
C SER A 72 -2.94 -2.16 -2.35
N ILE A 73 -3.83 -3.01 -1.85
CA ILE A 73 -3.63 -3.61 -0.55
C ILE A 73 -3.83 -5.13 -0.65
N ASN A 74 -2.73 -5.85 -0.50
CA ASN A 74 -2.78 -7.31 -0.58
C ASN A 74 -3.04 -7.72 -2.03
N GLY A 75 -3.01 -6.74 -2.90
CA GLY A 75 -3.25 -6.99 -4.32
C GLY A 75 -4.57 -6.36 -4.78
N ILE A 76 -5.23 -5.72 -3.84
CA ILE A 76 -6.50 -5.07 -4.14
C ILE A 76 -6.26 -3.57 -4.36
N ALA A 77 -6.62 -3.12 -5.55
CA ALA A 77 -6.45 -1.72 -5.90
C ALA A 77 -7.43 -0.87 -5.09
N THR A 78 -6.88 0.08 -4.35
CA THR A 78 -7.70 0.96 -3.53
C THR A 78 -8.51 1.91 -4.41
N GLU A 79 -7.97 2.16 -5.59
CA GLU A 79 -8.63 3.05 -6.53
C GLU A 79 -9.90 2.40 -7.07
N ASP A 80 -10.00 1.10 -6.86
CA ASP A 80 -11.16 0.35 -7.32
C ASP A 80 -12.10 0.10 -6.14
N GLY A 81 -12.24 1.12 -5.31
CA GLY A 81 -13.10 1.04 -4.14
C GLY A 81 -13.07 2.34 -3.34
N THR A 82 -13.68 2.28 -2.16
CA THR A 82 -13.73 3.44 -1.29
C THR A 82 -12.73 3.30 -0.15
N MET A 83 -12.41 4.43 0.46
CA MET A 83 -11.46 4.44 1.57
C MET A 83 -11.66 3.21 2.46
N GLU A 84 -12.86 3.10 2.99
CA GLU A 84 -13.19 1.97 3.86
C GLU A 84 -12.61 0.68 3.30
N GLU A 85 -13.02 0.35 2.08
CA GLU A 85 -12.55 -0.85 1.43
C GLU A 85 -11.06 -1.08 1.75
N ALA A 86 -10.27 -0.04 1.51
CA ALA A 86 -8.85 -0.11 1.77
C ALA A 86 -8.61 -0.53 3.23
N ASN A 87 -9.31 0.16 4.12
CA ASN A 87 -9.18 -0.12 5.54
C ASN A 87 -9.66 -1.54 5.81
N GLN A 88 -10.90 -1.81 5.41
CA GLN A 88 -11.49 -3.12 5.61
C GLN A 88 -10.51 -4.21 5.20
N LEU A 89 -9.72 -3.91 4.18
CA LEU A 89 -8.74 -4.85 3.68
C LEU A 89 -7.66 -5.07 4.74
N LEU A 90 -7.15 -3.96 5.26
CA LEU A 90 -6.12 -4.01 6.28
C LEU A 90 -6.61 -4.86 7.45
N ARG A 91 -7.91 -4.74 7.72
CA ARG A 91 -8.51 -5.48 8.81
C ARG A 91 -8.36 -7.00 8.57
N ASP A 92 -9.07 -7.47 7.55
CA ASP A 92 -9.04 -8.88 7.21
C ASP A 92 -7.58 -9.33 7.10
N ALA A 93 -6.75 -8.43 6.59
CA ALA A 93 -5.33 -8.72 6.44
C ALA A 93 -4.70 -8.92 7.82
N ALA A 94 -5.20 -8.16 8.78
CA ALA A 94 -4.70 -8.23 10.13
C ALA A 94 -5.03 -9.60 10.72
N LEU A 95 -6.22 -10.10 10.37
CA LEU A 95 -6.66 -11.40 10.86
C LEU A 95 -5.77 -12.48 10.26
N ALA A 96 -5.05 -12.11 9.21
CA ALA A 96 -4.16 -13.05 8.54
C ALA A 96 -2.76 -12.94 9.15
N HIS A 97 -2.59 -11.91 9.97
CA HIS A 97 -1.31 -11.68 10.62
C HIS A 97 -0.26 -11.27 9.57
N LYS A 98 -0.76 -10.98 8.38
CA LYS A 98 0.11 -10.58 7.29
C LYS A 98 -0.68 -9.70 6.30
N VAL A 99 0.05 -8.84 5.61
CA VAL A 99 -0.56 -7.96 4.65
C VAL A 99 0.51 -7.43 3.69
N VAL A 100 0.12 -7.26 2.43
CA VAL A 100 1.03 -6.76 1.43
C VAL A 100 0.56 -5.39 0.95
N LEU A 101 1.50 -4.46 0.87
CA LEU A 101 1.20 -3.12 0.42
C LEU A 101 2.03 -2.79 -0.82
N GLU A 102 1.42 -2.02 -1.71
CA GLU A 102 2.08 -1.64 -2.94
C GLU A 102 2.21 -0.11 -3.02
N VAL A 103 3.45 0.35 -2.92
CA VAL A 103 3.72 1.78 -2.97
C VAL A 103 4.19 2.15 -4.38
N GLU A 104 3.99 3.41 -4.73
CA GLU A 104 4.39 3.90 -6.04
C GLU A 104 5.38 5.06 -5.89
N PHE A 105 6.41 5.02 -6.72
CA PHE A 105 7.44 6.06 -6.69
C PHE A 105 8.37 5.94 -7.89
N ASP A 106 9.33 6.85 -7.95
CA ASP A 106 10.30 6.85 -9.04
C ASP A 106 11.71 6.72 -8.46
N SER A 107 11.76 6.43 -7.16
CA SER A 107 13.03 6.27 -6.49
C SER A 107 13.81 7.59 -6.54
N GLY A 108 13.60 8.41 -5.53
CA GLY A 108 14.26 9.70 -5.45
C GLY A 108 13.38 10.75 -4.76
N PRO A 109 14.00 11.51 -3.82
CA PRO A 109 13.28 12.54 -3.10
C PRO A 109 13.04 13.76 -3.98
N SER A 110 14.03 14.06 -4.80
CA SER A 110 13.94 15.19 -5.71
C SER A 110 12.77 15.02 -6.67
N SER A 111 11.81 15.91 -6.56
CA SER A 111 10.62 15.86 -7.41
C SER A 111 9.86 14.56 -7.15
N GLY A 112 8.53 14.66 -7.29
CA GLY A 112 7.67 13.52 -7.08
C GLY A 112 6.55 13.47 -8.11
N GLY A 1 13.85 -13.38 -23.45
CA GLY A 1 14.27 -14.18 -22.29
C GLY A 1 15.23 -13.39 -21.41
N SER A 2 15.41 -13.89 -20.20
CA SER A 2 16.30 -13.25 -19.25
C SER A 2 17.03 -14.30 -18.41
N SER A 3 18.16 -13.88 -17.83
CA SER A 3 18.94 -14.77 -17.01
C SER A 3 19.76 -13.97 -16.00
N GLY A 4 20.36 -14.69 -15.07
CA GLY A 4 21.18 -14.06 -14.04
C GLY A 4 22.50 -13.55 -14.62
N SER A 5 22.38 -12.56 -15.50
CA SER A 5 23.56 -11.98 -16.14
C SER A 5 23.39 -10.47 -16.26
N SER A 6 24.46 -9.81 -16.64
CA SER A 6 24.46 -8.37 -16.80
C SER A 6 23.14 -7.92 -17.44
N GLY A 7 22.27 -7.38 -16.61
CA GLY A 7 20.97 -6.91 -17.09
C GLY A 7 19.93 -6.92 -15.96
N GLY A 8 19.14 -7.98 -15.94
CA GLY A 8 18.11 -8.13 -14.93
C GLY A 8 16.74 -8.29 -15.57
N GLY A 9 16.06 -7.16 -15.74
CA GLY A 9 14.73 -7.16 -16.33
C GLY A 9 14.57 -6.00 -17.32
N GLN A 10 13.32 -5.64 -17.58
CA GLN A 10 13.03 -4.56 -18.50
C GLN A 10 12.19 -3.49 -17.80
N ILE A 11 12.82 -2.83 -16.83
CA ILE A 11 12.15 -1.79 -16.08
C ILE A 11 11.41 -0.86 -17.05
N VAL A 12 10.21 -0.49 -16.64
CA VAL A 12 9.38 0.39 -17.46
C VAL A 12 8.31 1.05 -16.59
N HIS A 13 7.82 2.19 -17.06
CA HIS A 13 6.80 2.92 -16.33
C HIS A 13 7.23 3.09 -14.87
N THR A 14 6.35 3.70 -14.10
CA THR A 14 6.62 3.92 -12.68
C THR A 14 7.07 2.63 -12.01
N GLU A 15 7.40 2.74 -10.73
CA GLU A 15 7.84 1.59 -9.97
C GLU A 15 6.82 1.26 -8.87
N THR A 16 7.03 0.11 -8.24
CA THR A 16 6.14 -0.33 -7.19
C THR A 16 6.90 -1.24 -6.21
N THR A 17 6.69 -0.97 -4.93
CA THR A 17 7.33 -1.75 -3.88
C THR A 17 6.29 -2.52 -3.07
N GLU A 18 6.58 -3.80 -2.88
CA GLU A 18 5.67 -4.66 -2.13
C GLU A 18 6.16 -4.80 -0.68
N VAL A 19 5.33 -4.35 0.24
CA VAL A 19 5.66 -4.42 1.65
C VAL A 19 4.81 -5.52 2.32
N VAL A 20 5.47 -6.32 3.12
CA VAL A 20 4.80 -7.40 3.82
C VAL A 20 4.84 -7.13 5.33
N LEU A 21 3.69 -6.77 5.87
CA LEU A 21 3.58 -6.47 7.28
C LEU A 21 2.94 -7.67 8.01
N CYS A 22 3.36 -7.87 9.24
CA CYS A 22 2.84 -8.97 10.04
C CYS A 22 2.45 -8.43 11.41
N GLY A 23 1.40 -9.00 11.97
CA GLY A 23 0.91 -8.59 13.26
C GLY A 23 -0.27 -9.45 13.71
N ASP A 24 -0.86 -9.05 14.83
CA ASP A 24 -2.01 -9.78 15.36
C ASP A 24 -3.30 -9.07 14.94
N PRO A 25 -4.43 -9.81 15.13
CA PRO A 25 -5.73 -9.27 14.77
C PRO A 25 -6.20 -8.22 15.78
N LEU A 26 -5.54 -8.23 16.94
CA LEU A 26 -5.88 -7.29 18.00
C LEU A 26 -4.91 -6.11 17.93
N SER A 27 -3.63 -6.42 17.83
CA SER A 27 -2.60 -5.40 17.76
C SER A 27 -2.48 -4.88 16.33
N GLY A 28 -3.29 -5.45 15.45
CA GLY A 28 -3.28 -5.05 14.05
C GLY A 28 -1.85 -4.96 13.51
N PHE A 29 -1.49 -3.76 13.11
CA PHE A 29 -0.16 -3.53 12.57
C PHE A 29 0.46 -2.26 13.17
N GLY A 30 0.21 -1.14 12.50
CA GLY A 30 0.73 0.14 12.94
C GLY A 30 0.94 1.09 11.76
N LEU A 31 -0.14 1.31 11.03
CA LEU A 31 -0.09 2.19 9.88
C LEU A 31 -1.46 2.84 9.68
N GLN A 32 -1.44 4.11 9.30
CA GLN A 32 -2.67 4.86 9.08
C GLN A 32 -2.73 5.35 7.63
N LEU A 33 -3.86 5.07 7.00
CA LEU A 33 -4.06 5.48 5.62
C LEU A 33 -4.64 6.90 5.58
N GLN A 34 -4.42 7.56 4.46
CA GLN A 34 -4.91 8.92 4.28
C GLN A 34 -5.42 9.12 2.85
N GLY A 35 -6.73 9.25 2.74
CA GLY A 35 -7.36 9.44 1.44
C GLY A 35 -8.28 10.66 1.46
N GLY A 36 -9.24 10.65 0.54
CA GLY A 36 -10.19 11.74 0.44
C GLY A 36 -11.62 11.21 0.30
N ILE A 37 -12.55 12.14 0.10
CA ILE A 37 -13.94 11.78 -0.07
C ILE A 37 -14.42 11.04 1.18
N PHE A 38 -15.73 11.09 1.40
CA PHE A 38 -16.32 10.43 2.55
C PHE A 38 -15.72 9.03 2.74
N ALA A 39 -15.70 8.60 4.00
CA ALA A 39 -15.15 7.29 4.34
C ALA A 39 -15.71 6.26 3.36
N THR A 40 -16.98 6.42 3.02
CA THR A 40 -17.63 5.51 2.10
C THR A 40 -17.81 6.17 0.73
N GLU A 41 -16.91 5.84 -0.18
CA GLU A 41 -16.96 6.40 -1.52
C GLU A 41 -15.64 6.13 -2.26
N THR A 42 -15.78 5.73 -3.52
CA THR A 42 -14.63 5.44 -4.34
C THR A 42 -13.54 6.49 -4.12
N LEU A 43 -12.30 6.06 -4.31
CA LEU A 43 -11.16 6.95 -4.14
C LEU A 43 -10.62 7.35 -5.51
N SER A 44 -10.50 8.65 -5.72
CA SER A 44 -9.99 9.17 -6.97
C SER A 44 -8.47 9.02 -7.02
N SER A 45 -7.86 9.03 -5.85
CA SER A 45 -6.43 8.90 -5.75
C SER A 45 -6.07 7.90 -4.65
N PRO A 46 -4.79 7.42 -4.70
CA PRO A 46 -4.31 6.47 -3.71
C PRO A 46 -4.05 7.15 -2.36
N PRO A 47 -4.43 6.43 -1.27
CA PRO A 47 -4.24 6.96 0.07
C PRO A 47 -2.78 6.87 0.49
N LEU A 48 -2.36 7.84 1.29
CA LEU A 48 -0.99 7.88 1.77
C LEU A 48 -0.96 7.51 3.25
N VAL A 49 0.26 7.34 3.76
CA VAL A 49 0.43 6.97 5.16
C VAL A 49 0.19 8.21 6.02
N CYS A 50 -1.01 8.29 6.57
CA CYS A 50 -1.39 9.41 7.42
C CYS A 50 -0.43 9.43 8.62
N PHE A 51 -0.32 8.29 9.26
CA PHE A 51 0.55 8.16 10.43
C PHE A 51 1.10 6.75 10.55
N ILE A 52 2.06 6.59 11.45
CA ILE A 52 2.68 5.30 11.68
C ILE A 52 2.90 5.10 13.18
N GLU A 53 2.68 3.88 13.62
CA GLU A 53 2.85 3.54 15.02
C GLU A 53 4.33 3.31 15.34
N PRO A 54 4.75 3.85 16.51
CA PRO A 54 6.14 3.72 16.94
C PRO A 54 6.42 2.29 17.45
N ASP A 55 7.51 1.73 16.96
CA ASP A 55 7.90 0.38 17.36
C ASP A 55 6.95 -0.63 16.71
N SER A 56 6.17 -0.13 15.77
CA SER A 56 5.21 -0.98 15.07
C SER A 56 5.90 -1.68 13.89
N PRO A 57 5.11 -2.53 13.18
CA PRO A 57 5.63 -3.26 12.04
C PRO A 57 5.78 -2.35 10.82
N ALA A 58 4.80 -1.48 10.65
CA ALA A 58 4.81 -0.54 9.54
C ALA A 58 6.01 0.39 9.68
N GLU A 59 6.48 0.52 10.91
CA GLU A 59 7.62 1.38 11.19
C GLU A 59 8.93 0.59 11.02
N ARG A 60 8.89 -0.66 11.46
CA ARG A 60 10.05 -1.52 11.37
C ARG A 60 10.49 -1.68 9.91
N CYS A 61 9.52 -1.49 9.02
CA CYS A 61 9.80 -1.61 7.59
C CYS A 61 10.79 -0.51 7.20
N GLY A 62 10.75 0.57 7.95
CA GLY A 62 11.65 1.70 7.69
C GLY A 62 11.27 2.41 6.39
N LEU A 63 11.27 1.64 5.32
CA LEU A 63 10.93 2.19 4.01
C LEU A 63 9.58 2.90 4.09
N LEU A 64 8.69 2.32 4.89
CA LEU A 64 7.36 2.88 5.06
C LEU A 64 7.46 4.15 5.91
N GLN A 65 6.77 5.18 5.46
CA GLN A 65 6.76 6.46 6.15
C GLN A 65 5.66 7.36 5.61
N VAL A 66 5.22 8.29 6.45
CA VAL A 66 4.17 9.21 6.07
C VAL A 66 4.47 9.76 4.67
N GLY A 67 3.45 9.71 3.83
CA GLY A 67 3.59 10.19 2.46
C GLY A 67 3.51 9.05 1.46
N ASP A 68 4.01 7.90 1.89
CA ASP A 68 4.02 6.72 1.04
C ASP A 68 2.60 6.46 0.54
N ARG A 69 2.50 6.22 -0.75
CA ARG A 69 1.20 5.95 -1.36
C ARG A 69 0.86 4.46 -1.25
N VAL A 70 -0.42 4.17 -1.46
CA VAL A 70 -0.89 2.79 -1.37
C VAL A 70 -1.84 2.52 -2.55
N LEU A 71 -1.24 2.08 -3.65
CA LEU A 71 -2.02 1.78 -4.84
C LEU A 71 -3.06 0.71 -4.50
N SER A 72 -2.57 -0.44 -4.05
CA SER A 72 -3.44 -1.55 -3.69
C SER A 72 -3.07 -2.08 -2.31
N ILE A 73 -3.97 -2.86 -1.74
CA ILE A 73 -3.75 -3.44 -0.43
C ILE A 73 -4.14 -4.92 -0.46
N ASN A 74 -3.15 -5.77 -0.34
CA ASN A 74 -3.37 -7.21 -0.35
C ASN A 74 -3.63 -7.67 -1.79
N GLY A 75 -3.56 -6.71 -2.70
CA GLY A 75 -3.79 -7.01 -4.11
C GLY A 75 -5.02 -6.27 -4.63
N ILE A 76 -5.68 -5.58 -3.72
CA ILE A 76 -6.89 -4.84 -4.08
C ILE A 76 -6.52 -3.36 -4.28
N ALA A 77 -6.89 -2.85 -5.44
CA ALA A 77 -6.61 -1.46 -5.78
C ALA A 77 -7.56 -0.55 -4.98
N THR A 78 -6.95 0.39 -4.28
CA THR A 78 -7.73 1.33 -3.48
C THR A 78 -8.48 2.31 -4.39
N GLU A 79 -7.88 2.59 -5.53
CA GLU A 79 -8.46 3.50 -6.49
C GLU A 79 -9.75 2.91 -7.07
N ASP A 80 -9.86 1.60 -6.96
CA ASP A 80 -11.02 0.89 -7.46
C ASP A 80 -11.90 0.46 -6.29
N GLY A 81 -11.66 1.08 -5.14
CA GLY A 81 -12.41 0.77 -3.94
C GLY A 81 -12.71 2.03 -3.14
N THR A 82 -13.22 1.82 -1.93
CA THR A 82 -13.55 2.94 -1.05
C THR A 82 -12.61 2.96 0.15
N MET A 83 -12.42 4.16 0.68
CA MET A 83 -11.54 4.32 1.84
C MET A 83 -11.71 3.17 2.82
N GLU A 84 -12.93 2.99 3.28
CA GLU A 84 -13.23 1.93 4.23
C GLU A 84 -12.65 0.60 3.74
N GLU A 85 -13.05 0.22 2.53
CA GLU A 85 -12.57 -1.02 1.94
C GLU A 85 -11.07 -1.16 2.15
N ALA A 86 -10.34 -0.12 1.78
CA ALA A 86 -8.90 -0.12 1.93
C ALA A 86 -8.54 -0.48 3.37
N ASN A 87 -9.23 0.17 4.29
CA ASN A 87 -8.99 -0.06 5.71
C ASN A 87 -9.36 -1.50 6.05
N GLN A 88 -10.55 -1.89 5.61
CA GLN A 88 -11.04 -3.23 5.86
C GLN A 88 -10.04 -4.27 5.37
N LEU A 89 -9.47 -3.98 4.20
CA LEU A 89 -8.49 -4.87 3.60
C LEU A 89 -7.33 -5.09 4.58
N LEU A 90 -7.04 -4.04 5.33
CA LEU A 90 -5.97 -4.10 6.31
C LEU A 90 -6.41 -4.96 7.50
N ARG A 91 -7.68 -4.84 7.83
CA ARG A 91 -8.24 -5.61 8.94
C ARG A 91 -8.13 -7.10 8.66
N ASP A 92 -8.77 -7.53 7.58
CA ASP A 92 -8.75 -8.93 7.21
C ASP A 92 -7.30 -9.44 7.21
N ALA A 93 -6.46 -8.70 6.50
CA ALA A 93 -5.05 -9.06 6.41
C ALA A 93 -4.51 -9.34 7.82
N ALA A 94 -4.81 -8.43 8.73
CA ALA A 94 -4.37 -8.57 10.10
C ALA A 94 -4.80 -9.93 10.64
N LEU A 95 -6.05 -10.28 10.35
CA LEU A 95 -6.60 -11.55 10.80
C LEU A 95 -5.78 -12.68 10.19
N ALA A 96 -5.03 -12.35 9.15
CA ALA A 96 -4.20 -13.33 8.48
C ALA A 96 -2.78 -13.29 9.06
N HIS A 97 -2.52 -12.22 9.80
CA HIS A 97 -1.22 -12.04 10.41
C HIS A 97 -0.20 -11.61 9.35
N LYS A 98 -0.73 -11.28 8.18
CA LYS A 98 0.12 -10.86 7.08
C LYS A 98 -0.69 -9.95 6.15
N VAL A 99 0.02 -9.00 5.55
CA VAL A 99 -0.61 -8.06 4.63
C VAL A 99 0.41 -7.59 3.60
N VAL A 100 -0.09 -7.31 2.40
CA VAL A 100 0.77 -6.85 1.33
C VAL A 100 0.29 -5.48 0.84
N LEU A 101 1.25 -4.57 0.69
CA LEU A 101 0.94 -3.23 0.24
C LEU A 101 1.80 -2.90 -0.98
N GLU A 102 1.27 -1.99 -1.80
CA GLU A 102 1.98 -1.59 -3.01
C GLU A 102 2.02 -0.06 -3.10
N VAL A 103 3.24 0.46 -3.05
CA VAL A 103 3.45 1.90 -3.13
C VAL A 103 3.83 2.28 -4.55
N GLU A 104 3.61 3.55 -4.88
CA GLU A 104 3.93 4.05 -6.20
C GLU A 104 4.97 5.18 -6.10
N PHE A 105 5.99 5.07 -6.93
CA PHE A 105 7.04 6.07 -6.95
C PHE A 105 8.03 5.81 -8.09
N ASP A 106 8.91 6.78 -8.31
CA ASP A 106 9.90 6.66 -9.37
C ASP A 106 11.24 6.25 -8.76
N SER A 107 11.64 5.03 -9.06
CA SER A 107 12.89 4.50 -8.55
C SER A 107 14.03 4.82 -9.52
N GLY A 108 14.50 6.06 -9.44
CA GLY A 108 15.58 6.51 -10.30
C GLY A 108 16.18 7.83 -9.80
N PRO A 109 17.09 8.40 -10.63
CA PRO A 109 17.73 9.66 -10.27
C PRO A 109 16.77 10.83 -10.44
N SER A 110 15.65 10.75 -9.74
CA SER A 110 14.65 11.80 -9.80
C SER A 110 14.45 12.25 -11.25
N SER A 111 13.70 11.44 -11.99
CA SER A 111 13.43 11.74 -13.39
C SER A 111 11.92 11.76 -13.63
N GLY A 112 11.49 12.79 -14.34
CA GLY A 112 10.08 12.94 -14.65
C GLY A 112 9.40 13.93 -13.68
N GLY A 1 -9.82 -16.57 -16.48
CA GLY A 1 -9.62 -16.24 -17.88
C GLY A 1 -8.36 -16.93 -18.44
N SER A 2 -8.52 -17.52 -19.61
CA SER A 2 -7.41 -18.21 -20.25
C SER A 2 -6.76 -17.30 -21.29
N SER A 3 -5.45 -17.39 -21.36
CA SER A 3 -4.70 -16.59 -22.30
C SER A 3 -5.42 -16.53 -23.64
N GLY A 4 -5.34 -15.37 -24.28
CA GLY A 4 -5.99 -15.17 -25.56
C GLY A 4 -5.47 -13.91 -26.26
N SER A 5 -5.72 -13.83 -27.55
CA SER A 5 -5.28 -12.69 -28.34
C SER A 5 -3.76 -12.65 -28.40
N SER A 6 -3.25 -11.91 -29.38
CA SER A 6 -1.82 -11.79 -29.55
C SER A 6 -1.31 -10.53 -28.85
N GLY A 7 -0.72 -10.74 -27.68
CA GLY A 7 -0.19 -9.65 -26.89
C GLY A 7 -0.86 -9.58 -25.52
N GLY A 8 -0.81 -8.40 -24.93
CA GLY A 8 -1.41 -8.19 -23.63
C GLY A 8 -1.46 -6.69 -23.27
N GLY A 9 -0.40 -6.24 -22.61
CA GLY A 9 -0.32 -4.85 -22.21
C GLY A 9 0.52 -4.69 -20.94
N GLN A 10 1.82 -4.53 -21.15
CA GLN A 10 2.73 -4.37 -20.04
C GLN A 10 3.72 -3.25 -20.32
N ILE A 11 3.33 -2.04 -19.93
CA ILE A 11 4.17 -0.87 -20.13
C ILE A 11 4.64 -0.33 -18.78
N VAL A 12 5.91 0.00 -18.72
CA VAL A 12 6.49 0.54 -17.50
C VAL A 12 6.10 2.01 -17.35
N HIS A 13 5.39 2.30 -16.27
CA HIS A 13 4.95 3.66 -16.00
C HIS A 13 5.69 4.20 -14.77
N THR A 14 5.52 3.51 -13.66
CA THR A 14 6.16 3.91 -12.43
C THR A 14 6.63 2.68 -11.65
N GLU A 15 7.58 2.91 -10.75
CA GLU A 15 8.12 1.84 -9.93
C GLU A 15 7.19 1.56 -8.74
N THR A 16 7.21 0.31 -8.31
CA THR A 16 6.38 -0.11 -7.19
C THR A 16 7.18 -0.98 -6.23
N THR A 17 6.72 -1.03 -4.99
CA THR A 17 7.38 -1.81 -3.96
C THR A 17 6.36 -2.63 -3.18
N GLU A 18 6.76 -3.85 -2.83
CA GLU A 18 5.89 -4.74 -2.08
C GLU A 18 6.37 -4.86 -0.64
N VAL A 19 5.53 -4.40 0.28
CA VAL A 19 5.85 -4.44 1.69
C VAL A 19 4.99 -5.52 2.37
N VAL A 20 5.65 -6.34 3.17
CA VAL A 20 4.97 -7.41 3.89
C VAL A 20 4.91 -7.07 5.37
N LEU A 21 3.75 -6.59 5.80
CA LEU A 21 3.56 -6.23 7.19
C LEU A 21 2.93 -7.40 7.94
N CYS A 22 3.25 -7.48 9.23
CA CYS A 22 2.72 -8.55 10.06
C CYS A 22 2.25 -7.93 11.38
N GLY A 23 1.18 -8.51 11.91
CA GLY A 23 0.62 -8.03 13.17
C GLY A 23 -0.44 -8.99 13.70
N ASP A 24 -1.10 -8.56 14.77
CA ASP A 24 -2.14 -9.38 15.38
C ASP A 24 -3.50 -8.92 14.86
N PRO A 25 -4.54 -9.76 15.14
CA PRO A 25 -5.89 -9.47 14.69
C PRO A 25 -6.50 -8.37 15.56
N LEU A 26 -5.94 -8.20 16.75
CA LEU A 26 -6.42 -7.19 17.68
C LEU A 26 -5.44 -6.01 17.71
N SER A 27 -4.16 -6.35 17.81
CA SER A 27 -3.13 -5.33 17.85
C SER A 27 -3.02 -4.64 16.48
N GLY A 28 -3.40 -5.38 15.46
CA GLY A 28 -3.36 -4.85 14.10
C GLY A 28 -1.91 -4.74 13.60
N PHE A 29 -1.70 -3.80 12.70
CA PHE A 29 -0.38 -3.58 12.14
C PHE A 29 0.29 -2.35 12.75
N GLY A 30 0.06 -1.21 12.12
CA GLY A 30 0.63 0.04 12.58
C GLY A 30 0.85 1.01 11.43
N LEU A 31 -0.23 1.31 10.73
CA LEU A 31 -0.16 2.22 9.60
C LEU A 31 -1.54 2.85 9.38
N GLN A 32 -1.54 4.16 9.20
CA GLN A 32 -2.78 4.90 8.98
C GLN A 32 -2.85 5.39 7.53
N LEU A 33 -3.94 5.05 6.87
CA LEU A 33 -4.14 5.45 5.49
C LEU A 33 -4.84 6.81 5.45
N GLN A 34 -4.52 7.59 4.43
CA GLN A 34 -5.11 8.90 4.27
C GLN A 34 -5.66 9.07 2.85
N GLY A 35 -6.95 9.36 2.78
CA GLY A 35 -7.60 9.55 1.49
C GLY A 35 -9.12 9.63 1.66
N GLY A 36 -9.75 10.31 0.72
CA GLY A 36 -11.19 10.47 0.74
C GLY A 36 -11.68 10.76 2.16
N ILE A 37 -11.83 12.05 2.44
CA ILE A 37 -12.29 12.48 3.76
C ILE A 37 -13.38 11.53 4.24
N PHE A 38 -14.24 11.13 3.31
CA PHE A 38 -15.34 10.24 3.62
C PHE A 38 -14.94 8.79 3.37
N ALA A 39 -15.78 7.88 3.86
CA ALA A 39 -15.53 6.46 3.70
C ALA A 39 -16.32 5.94 2.50
N THR A 40 -17.64 6.12 2.57
CA THR A 40 -18.52 5.68 1.51
C THR A 40 -18.27 6.49 0.24
N GLU A 41 -17.37 5.98 -0.59
CA GLU A 41 -17.04 6.65 -1.84
C GLU A 41 -15.76 6.05 -2.43
N THR A 42 -15.73 6.00 -3.76
CA THR A 42 -14.58 5.46 -4.46
C THR A 42 -13.36 6.36 -4.25
N LEU A 43 -12.19 5.75 -4.39
CA LEU A 43 -10.94 6.48 -4.22
C LEU A 43 -10.34 6.79 -5.59
N SER A 44 -10.38 8.06 -5.95
CA SER A 44 -9.85 8.50 -7.23
C SER A 44 -8.32 8.44 -7.21
N SER A 45 -7.77 8.50 -6.01
CA SER A 45 -6.33 8.45 -5.84
C SER A 45 -5.97 7.49 -4.70
N PRO A 46 -4.66 7.10 -4.69
CA PRO A 46 -4.18 6.18 -3.66
C PRO A 46 -4.03 6.89 -2.32
N PRO A 47 -4.39 6.16 -1.23
CA PRO A 47 -4.29 6.71 0.11
C PRO A 47 -2.84 6.75 0.58
N LEU A 48 -2.51 7.83 1.28
CA LEU A 48 -1.16 8.01 1.79
C LEU A 48 -1.10 7.50 3.24
N VAL A 49 0.12 7.42 3.75
CA VAL A 49 0.34 6.96 5.11
C VAL A 49 0.14 8.13 6.07
N CYS A 50 -1.12 8.34 6.44
CA CYS A 50 -1.45 9.42 7.36
C CYS A 50 -0.46 9.39 8.53
N PHE A 51 -0.44 8.26 9.22
CA PHE A 51 0.45 8.09 10.35
C PHE A 51 0.96 6.64 10.44
N ILE A 52 1.93 6.44 11.32
CA ILE A 52 2.51 5.12 11.51
C ILE A 52 2.78 4.90 12.99
N GLU A 53 2.49 3.69 13.44
CA GLU A 53 2.70 3.33 14.83
C GLU A 53 4.20 3.19 15.12
N PRO A 54 4.61 3.70 16.32
CA PRO A 54 6.00 3.63 16.73
C PRO A 54 6.38 2.20 17.15
N ASP A 55 7.52 1.76 16.65
CA ASP A 55 8.01 0.43 16.98
C ASP A 55 7.06 -0.61 16.39
N SER A 56 6.19 -0.14 15.52
CA SER A 56 5.21 -1.01 14.88
C SER A 56 5.87 -1.76 13.72
N PRO A 57 5.06 -2.63 13.06
CA PRO A 57 5.55 -3.42 11.93
C PRO A 57 5.68 -2.54 10.68
N ALA A 58 4.71 -1.65 10.52
CA ALA A 58 4.71 -0.75 9.37
C ALA A 58 5.91 0.19 9.46
N GLU A 59 6.37 0.38 10.68
CA GLU A 59 7.51 1.26 10.91
C GLU A 59 8.82 0.48 10.74
N ARG A 60 8.82 -0.74 11.27
CA ARG A 60 9.99 -1.58 11.18
C ARG A 60 10.45 -1.72 9.73
N CYS A 61 9.49 -1.57 8.82
CA CYS A 61 9.78 -1.65 7.40
C CYS A 61 10.75 -0.53 7.03
N GLY A 62 10.67 0.55 7.78
CA GLY A 62 11.53 1.69 7.55
C GLY A 62 11.17 2.39 6.25
N LEU A 63 11.22 1.63 5.15
CA LEU A 63 10.90 2.16 3.84
C LEU A 63 9.52 2.82 3.89
N LEU A 64 8.66 2.27 4.75
CA LEU A 64 7.32 2.80 4.90
C LEU A 64 7.35 3.99 5.86
N GLN A 65 6.68 5.06 5.45
CA GLN A 65 6.62 6.25 6.27
C GLN A 65 5.51 7.19 5.78
N VAL A 66 5.31 8.27 6.51
CA VAL A 66 4.28 9.24 6.16
C VAL A 66 4.55 9.76 4.74
N GLY A 67 3.50 9.76 3.94
CA GLY A 67 3.60 10.24 2.57
C GLY A 67 3.48 9.07 1.58
N ASP A 68 4.14 7.98 1.91
CA ASP A 68 4.12 6.80 1.07
C ASP A 68 2.69 6.58 0.55
N ARG A 69 2.61 5.98 -0.63
CA ARG A 69 1.32 5.72 -1.24
C ARG A 69 1.00 4.22 -1.17
N VAL A 70 -0.28 3.91 -1.33
CA VAL A 70 -0.72 2.53 -1.28
C VAL A 70 -1.68 2.27 -2.46
N LEU A 71 -1.09 1.87 -3.58
CA LEU A 71 -1.87 1.59 -4.77
C LEU A 71 -2.93 0.55 -4.44
N SER A 72 -2.48 -0.60 -3.95
CA SER A 72 -3.38 -1.68 -3.60
C SER A 72 -3.02 -2.22 -2.21
N ILE A 73 -3.93 -3.03 -1.67
CA ILE A 73 -3.71 -3.61 -0.36
C ILE A 73 -3.99 -5.12 -0.44
N ASN A 74 -2.92 -5.90 -0.30
CA ASN A 74 -3.04 -7.34 -0.35
C ASN A 74 -3.35 -7.77 -1.78
N GLY A 75 -3.28 -6.81 -2.69
CA GLY A 75 -3.55 -7.08 -4.09
C GLY A 75 -4.85 -6.39 -4.53
N ILE A 76 -5.46 -5.69 -3.60
CA ILE A 76 -6.70 -4.98 -3.89
C ILE A 76 -6.39 -3.51 -4.16
N ALA A 77 -6.72 -3.09 -5.37
CA ALA A 77 -6.49 -1.71 -5.78
C ALA A 77 -7.43 -0.79 -5.00
N THR A 78 -6.82 0.10 -4.21
CA THR A 78 -7.58 1.03 -3.41
C THR A 78 -8.33 2.02 -4.31
N GLU A 79 -7.80 2.19 -5.52
CA GLU A 79 -8.40 3.10 -6.48
C GLU A 79 -9.70 2.51 -7.02
N ASP A 80 -9.78 1.19 -6.96
CA ASP A 80 -10.97 0.50 -7.44
C ASP A 80 -11.90 0.19 -6.26
N GLY A 81 -11.63 0.88 -5.15
CA GLY A 81 -12.42 0.69 -3.95
C GLY A 81 -12.62 2.01 -3.20
N THR A 82 -13.30 1.92 -2.08
CA THR A 82 -13.57 3.09 -1.27
C THR A 82 -12.58 3.17 -0.10
N MET A 83 -12.41 4.38 0.41
CA MET A 83 -11.50 4.59 1.52
C MET A 83 -11.57 3.44 2.53
N GLU A 84 -12.77 3.23 3.04
CA GLU A 84 -12.98 2.15 4.01
C GLU A 84 -12.38 0.84 3.49
N GLU A 85 -12.82 0.46 2.31
CA GLU A 85 -12.33 -0.77 1.69
C GLU A 85 -10.84 -0.94 1.99
N ALA A 86 -10.07 0.07 1.62
CA ALA A 86 -8.63 0.04 1.84
C ALA A 86 -8.35 -0.30 3.29
N ASN A 87 -9.05 0.39 4.18
CA ASN A 87 -8.88 0.17 5.61
C ASN A 87 -9.35 -1.24 5.97
N GLN A 88 -10.64 -1.48 5.72
CA GLN A 88 -11.22 -2.77 6.01
C GLN A 88 -10.26 -3.89 5.60
N LEU A 89 -9.53 -3.65 4.51
CA LEU A 89 -8.58 -4.62 4.01
C LEU A 89 -7.48 -4.83 5.05
N LEU A 90 -6.94 -3.71 5.52
CA LEU A 90 -5.88 -3.76 6.53
C LEU A 90 -6.36 -4.56 7.74
N ARG A 91 -7.67 -4.52 7.95
CA ARG A 91 -8.27 -5.23 9.07
C ARG A 91 -8.26 -6.74 8.81
N ASP A 92 -8.97 -7.13 7.76
CA ASP A 92 -9.05 -8.53 7.39
C ASP A 92 -7.64 -9.07 7.12
N ALA A 93 -6.78 -8.16 6.68
CA ALA A 93 -5.41 -8.53 6.39
C ALA A 93 -4.67 -8.85 7.69
N ALA A 94 -5.02 -8.09 8.73
CA ALA A 94 -4.40 -8.27 10.02
C ALA A 94 -4.75 -9.67 10.56
N LEU A 95 -6.00 -10.05 10.32
CA LEU A 95 -6.48 -11.36 10.77
C LEU A 95 -5.63 -12.45 10.12
N ALA A 96 -4.91 -12.06 9.08
CA ALA A 96 -4.05 -13.00 8.37
C ALA A 96 -2.64 -12.96 8.95
N HIS A 97 -2.42 -11.96 9.80
CA HIS A 97 -1.13 -11.79 10.43
C HIS A 97 -0.09 -11.37 9.38
N LYS A 98 -0.59 -11.09 8.19
CA LYS A 98 0.26 -10.68 7.09
C LYS A 98 -0.54 -9.82 6.11
N VAL A 99 0.18 -9.03 5.33
CA VAL A 99 -0.44 -8.17 4.35
C VAL A 99 0.60 -7.73 3.32
N VAL A 100 0.10 -7.20 2.21
CA VAL A 100 0.97 -6.75 1.14
C VAL A 100 0.53 -5.35 0.69
N LEU A 101 1.45 -4.41 0.82
CA LEU A 101 1.17 -3.03 0.43
C LEU A 101 1.98 -2.69 -0.82
N GLU A 102 1.29 -2.07 -1.77
CA GLU A 102 1.93 -1.69 -3.02
C GLU A 102 2.04 -0.16 -3.11
N VAL A 103 3.27 0.32 -3.03
CA VAL A 103 3.52 1.75 -3.10
C VAL A 103 3.94 2.12 -4.52
N GLU A 104 3.74 3.38 -4.86
CA GLU A 104 4.09 3.88 -6.18
C GLU A 104 5.02 5.09 -6.06
N PHE A 105 6.12 5.02 -6.80
CA PHE A 105 7.10 6.09 -6.79
C PHE A 105 8.00 6.02 -8.03
N ASP A 106 8.74 7.10 -8.24
CA ASP A 106 9.64 7.17 -9.38
C ASP A 106 11.07 6.97 -8.89
N SER A 107 11.19 6.58 -7.64
CA SER A 107 12.50 6.35 -7.04
C SER A 107 13.34 7.61 -7.12
N GLY A 108 13.48 8.27 -5.98
CA GLY A 108 14.26 9.50 -5.91
C GLY A 108 14.04 10.21 -4.57
N PRO A 109 14.85 11.29 -4.36
CA PRO A 109 14.75 12.06 -3.14
C PRO A 109 13.50 12.94 -3.13
N SER A 110 12.75 12.85 -2.05
CA SER A 110 11.53 13.63 -1.90
C SER A 110 11.21 13.85 -0.43
N SER A 111 11.04 15.12 -0.07
CA SER A 111 10.73 15.46 1.31
C SER A 111 9.83 16.70 1.34
N GLY A 112 9.03 16.78 2.39
CA GLY A 112 8.12 17.90 2.56
C GLY A 112 6.71 17.53 2.08
N GLY A 1 31.08 -12.76 -27.49
CA GLY A 1 31.72 -12.97 -28.77
C GLY A 1 31.10 -12.09 -29.85
N SER A 2 29.83 -12.36 -30.14
CA SER A 2 29.11 -11.60 -31.15
C SER A 2 28.78 -10.20 -30.61
N SER A 3 28.54 -9.28 -31.54
CA SER A 3 28.22 -7.91 -31.17
C SER A 3 26.92 -7.49 -31.86
N GLY A 4 25.90 -7.26 -31.04
CA GLY A 4 24.60 -6.85 -31.56
C GLY A 4 23.49 -7.16 -30.55
N SER A 5 22.37 -7.61 -31.08
CA SER A 5 21.23 -7.95 -30.25
C SER A 5 20.72 -6.71 -29.52
N SER A 6 19.42 -6.49 -29.62
CA SER A 6 18.81 -5.34 -28.99
C SER A 6 17.29 -5.38 -29.19
N GLY A 7 16.57 -5.20 -28.08
CA GLY A 7 15.12 -5.22 -28.11
C GLY A 7 14.54 -4.10 -27.25
N GLY A 8 13.26 -4.26 -26.92
CA GLY A 8 12.58 -3.27 -26.09
C GLY A 8 11.08 -3.58 -26.02
N GLY A 9 10.47 -3.08 -24.95
CA GLY A 9 9.04 -3.29 -24.75
C GLY A 9 8.39 -2.06 -24.11
N GLN A 10 7.81 -2.27 -22.94
CA GLN A 10 7.15 -1.20 -22.22
C GLN A 10 8.15 -0.48 -21.30
N ILE A 11 8.38 0.79 -21.60
CA ILE A 11 9.30 1.58 -20.81
C ILE A 11 8.77 1.72 -19.38
N VAL A 12 9.61 1.39 -18.42
CA VAL A 12 9.23 1.47 -17.03
C VAL A 12 9.11 2.93 -16.62
N HIS A 13 7.88 3.36 -16.38
CA HIS A 13 7.62 4.73 -15.98
C HIS A 13 7.96 4.91 -14.51
N THR A 14 7.17 4.23 -13.67
CA THR A 14 7.38 4.31 -12.23
C THR A 14 7.77 2.94 -11.67
N GLU A 15 8.04 2.92 -10.38
CA GLU A 15 8.43 1.68 -9.72
C GLU A 15 7.42 1.33 -8.62
N THR A 16 7.50 0.09 -8.17
CA THR A 16 6.59 -0.38 -7.13
C THR A 16 7.35 -1.29 -6.15
N THR A 17 6.98 -1.17 -4.88
CA THR A 17 7.61 -1.97 -3.84
C THR A 17 6.55 -2.76 -3.06
N GLU A 18 6.92 -3.98 -2.71
CA GLU A 18 6.02 -4.84 -1.97
C GLU A 18 6.50 -5.01 -0.53
N VAL A 19 5.63 -4.63 0.40
CA VAL A 19 5.96 -4.73 1.81
C VAL A 19 5.04 -5.76 2.48
N VAL A 20 5.65 -6.65 3.24
CA VAL A 20 4.90 -7.68 3.93
C VAL A 20 4.97 -7.43 5.44
N LEU A 21 3.83 -7.02 5.99
CA LEU A 21 3.75 -6.75 7.41
C LEU A 21 3.09 -7.93 8.12
N CYS A 22 3.60 -8.23 9.30
CA CYS A 22 3.09 -9.33 10.09
C CYS A 22 2.76 -8.82 11.49
N GLY A 23 1.47 -8.82 11.80
CA GLY A 23 1.01 -8.35 13.09
C GLY A 23 -0.32 -9.02 13.48
N ASP A 24 -0.71 -8.80 14.73
CA ASP A 24 -1.94 -9.37 15.23
C ASP A 24 -3.11 -8.50 14.79
N PRO A 25 -4.32 -9.13 14.73
CA PRO A 25 -5.52 -8.43 14.32
C PRO A 25 -6.02 -7.52 15.44
N LEU A 26 -5.82 -7.97 16.67
CA LEU A 26 -6.23 -7.22 17.83
C LEU A 26 -5.59 -5.83 17.79
N SER A 27 -4.27 -5.83 17.73
CA SER A 27 -3.53 -4.58 17.68
C SER A 27 -3.44 -4.08 16.24
N GLY A 28 -3.54 -5.02 15.30
CA GLY A 28 -3.47 -4.67 13.90
C GLY A 28 -2.02 -4.69 13.40
N PHE A 29 -1.62 -3.58 12.82
CA PHE A 29 -0.27 -3.45 12.29
C PHE A 29 0.42 -2.20 12.84
N GLY A 30 0.18 -1.08 12.16
CA GLY A 30 0.77 0.19 12.58
C GLY A 30 0.97 1.11 11.37
N LEU A 31 -0.14 1.41 10.71
CA LEU A 31 -0.09 2.29 9.55
C LEU A 31 -1.46 2.95 9.36
N GLN A 32 -1.41 4.27 9.19
CA GLN A 32 -2.63 5.04 9.01
C GLN A 32 -2.71 5.58 7.57
N LEU A 33 -3.82 5.31 6.93
CA LEU A 33 -4.04 5.75 5.56
C LEU A 33 -4.65 7.16 5.58
N GLN A 34 -4.53 7.84 4.45
CA GLN A 34 -5.07 9.18 4.32
C GLN A 34 -5.72 9.36 2.95
N GLY A 35 -7.04 9.51 2.97
CA GLY A 35 -7.79 9.69 1.75
C GLY A 35 -8.98 10.63 1.97
N GLY A 36 -10.04 10.37 1.22
CA GLY A 36 -11.24 11.19 1.32
C GLY A 36 -11.72 11.28 2.76
N ILE A 37 -12.78 12.05 2.96
CA ILE A 37 -13.34 12.24 4.29
C ILE A 37 -14.39 11.16 4.55
N PHE A 38 -15.24 10.95 3.55
CA PHE A 38 -16.29 9.96 3.66
C PHE A 38 -15.76 8.56 3.33
N ALA A 39 -15.85 7.68 4.32
CA ALA A 39 -15.39 6.32 4.15
C ALA A 39 -15.87 5.78 2.80
N THR A 40 -17.14 6.05 2.51
CA THR A 40 -17.72 5.60 1.26
C THR A 40 -17.14 6.39 0.09
N GLU A 41 -17.79 6.23 -1.07
CA GLU A 41 -17.35 6.92 -2.27
C GLU A 41 -15.99 6.40 -2.71
N THR A 42 -16.01 5.66 -3.83
CA THR A 42 -14.79 5.11 -4.37
C THR A 42 -13.64 6.09 -4.23
N LEU A 43 -12.42 5.56 -4.28
CA LEU A 43 -11.23 6.39 -4.16
C LEU A 43 -10.64 6.62 -5.55
N SER A 44 -10.63 7.89 -5.95
CA SER A 44 -10.10 8.27 -7.24
C SER A 44 -8.56 8.30 -7.19
N SER A 45 -8.05 8.45 -5.99
CA SER A 45 -6.60 8.50 -5.80
C SER A 45 -6.21 7.61 -4.61
N PRO A 46 -4.92 7.20 -4.62
CA PRO A 46 -4.40 6.35 -3.55
C PRO A 46 -4.18 7.15 -2.27
N PRO A 47 -4.56 6.54 -1.12
CA PRO A 47 -4.41 7.18 0.16
C PRO A 47 -2.94 7.17 0.61
N LEU A 48 -2.52 8.27 1.19
CA LEU A 48 -1.16 8.40 1.67
C LEU A 48 -1.09 7.97 3.14
N VAL A 49 0.13 7.74 3.60
CA VAL A 49 0.36 7.31 4.97
C VAL A 49 0.14 8.51 5.91
N CYS A 50 -1.06 8.59 6.45
CA CYS A 50 -1.40 9.66 7.37
C CYS A 50 -0.41 9.65 8.52
N PHE A 51 -0.33 8.50 9.18
CA PHE A 51 0.59 8.34 10.30
C PHE A 51 1.10 6.90 10.39
N ILE A 52 2.11 6.72 11.23
CA ILE A 52 2.70 5.41 11.42
C ILE A 52 2.94 5.17 12.91
N GLU A 53 2.74 3.93 13.32
CA GLU A 53 2.94 3.56 14.71
C GLU A 53 4.42 3.43 15.02
N PRO A 54 4.80 3.92 16.23
CA PRO A 54 6.19 3.87 16.67
C PRO A 54 6.58 2.44 17.07
N ASP A 55 7.64 1.97 16.45
CA ASP A 55 8.13 0.62 16.73
C ASP A 55 7.14 -0.41 16.18
N SER A 56 6.32 0.05 15.26
CA SER A 56 5.32 -0.81 14.65
C SER A 56 5.96 -1.66 13.54
N PRO A 57 5.12 -2.54 12.94
CA PRO A 57 5.59 -3.40 11.87
C PRO A 57 5.76 -2.61 10.56
N ALA A 58 4.77 -1.77 10.29
CA ALA A 58 4.80 -0.95 9.08
C ALA A 58 6.04 -0.05 9.10
N GLU A 59 6.40 0.37 10.31
CA GLU A 59 7.57 1.23 10.47
C GLU A 59 8.85 0.40 10.39
N ARG A 60 8.81 -0.76 11.04
CA ARG A 60 9.95 -1.65 11.05
C ARG A 60 10.47 -1.88 9.63
N CYS A 61 9.53 -1.93 8.70
CA CYS A 61 9.87 -2.14 7.30
C CYS A 61 10.71 -0.96 6.82
N GLY A 62 10.47 0.18 7.45
CA GLY A 62 11.19 1.39 7.11
C GLY A 62 10.66 2.00 5.81
N LEU A 63 10.63 1.17 4.78
CA LEU A 63 10.15 1.60 3.48
C LEU A 63 8.88 2.44 3.66
N LEU A 64 8.05 1.99 4.59
CA LEU A 64 6.80 2.69 4.88
C LEU A 64 7.11 3.99 5.60
N GLN A 65 6.49 5.06 5.12
CA GLN A 65 6.68 6.38 5.72
C GLN A 65 5.56 7.32 5.30
N VAL A 66 5.32 8.32 6.14
CA VAL A 66 4.28 9.30 5.85
C VAL A 66 4.48 9.86 4.45
N GLY A 67 3.37 9.98 3.73
CA GLY A 67 3.41 10.50 2.37
C GLY A 67 3.32 9.37 1.35
N ASP A 68 3.94 8.25 1.70
CA ASP A 68 3.93 7.09 0.82
C ASP A 68 2.53 6.87 0.28
N ARG A 69 2.47 6.49 -0.99
CA ARG A 69 1.19 6.24 -1.64
C ARG A 69 0.87 4.75 -1.63
N VAL A 70 -0.36 4.44 -1.28
CA VAL A 70 -0.82 3.06 -1.23
C VAL A 70 -1.68 2.76 -2.45
N LEU A 71 -1.07 2.08 -3.41
CA LEU A 71 -1.78 1.73 -4.64
C LEU A 71 -2.80 0.62 -4.33
N SER A 72 -2.29 -0.50 -3.85
CA SER A 72 -3.14 -1.62 -3.51
C SER A 72 -2.77 -2.17 -2.13
N ILE A 73 -3.67 -2.98 -1.59
CA ILE A 73 -3.45 -3.57 -0.29
C ILE A 73 -3.82 -5.06 -0.33
N ASN A 74 -2.81 -5.89 -0.21
CA ASN A 74 -3.02 -7.34 -0.24
C ASN A 74 -3.31 -7.77 -1.67
N GLY A 75 -3.13 -6.84 -2.59
CA GLY A 75 -3.37 -7.12 -4.00
C GLY A 75 -4.65 -6.43 -4.49
N ILE A 76 -5.23 -5.65 -3.59
CA ILE A 76 -6.46 -4.93 -3.91
C ILE A 76 -6.16 -3.45 -4.07
N ALA A 77 -6.45 -2.94 -5.26
CA ALA A 77 -6.22 -1.55 -5.56
C ALA A 77 -7.24 -0.69 -4.82
N THR A 78 -6.73 0.21 -3.98
CA THR A 78 -7.59 1.09 -3.21
C THR A 78 -8.41 1.98 -4.15
N GLU A 79 -7.82 2.30 -5.29
CA GLU A 79 -8.49 3.14 -6.26
C GLU A 79 -9.72 2.42 -6.83
N ASP A 80 -9.76 1.11 -6.59
CA ASP A 80 -10.87 0.30 -7.07
C ASP A 80 -11.81 0.01 -5.89
N GLY A 81 -11.89 0.96 -4.97
CA GLY A 81 -12.74 0.80 -3.82
C GLY A 81 -12.87 2.12 -3.05
N THR A 82 -13.54 2.04 -1.91
CA THR A 82 -13.73 3.21 -1.07
C THR A 82 -12.77 3.21 0.11
N MET A 83 -12.51 4.40 0.63
CA MET A 83 -11.61 4.53 1.76
C MET A 83 -11.76 3.37 2.74
N GLU A 84 -12.99 3.23 3.25
CA GLU A 84 -13.29 2.17 4.18
C GLU A 84 -12.74 0.83 3.68
N GLU A 85 -13.23 0.44 2.51
CA GLU A 85 -12.80 -0.82 1.91
C GLU A 85 -11.30 -1.02 2.13
N ALA A 86 -10.53 0.04 1.87
CA ALA A 86 -9.10 -0.01 2.04
C ALA A 86 -8.77 -0.40 3.47
N ASN A 87 -9.36 0.33 4.41
CA ASN A 87 -9.14 0.08 5.82
C ASN A 87 -9.61 -1.34 6.16
N GLN A 88 -10.76 -1.70 5.60
CA GLN A 88 -11.32 -3.01 5.84
C GLN A 88 -10.38 -4.10 5.30
N LEU A 89 -9.81 -3.82 4.14
CA LEU A 89 -8.89 -4.75 3.52
C LEU A 89 -7.73 -5.04 4.48
N LEU A 90 -7.35 -4.01 5.23
CA LEU A 90 -6.27 -4.14 6.18
C LEU A 90 -6.72 -5.02 7.35
N ARG A 91 -8.00 -4.89 7.69
CA ARG A 91 -8.56 -5.65 8.78
C ARG A 91 -8.39 -7.15 8.51
N ASP A 92 -9.07 -7.62 7.47
CA ASP A 92 -9.00 -9.01 7.10
C ASP A 92 -7.54 -9.47 7.07
N ALA A 93 -6.72 -8.66 6.41
CA ALA A 93 -5.30 -8.97 6.30
C ALA A 93 -4.73 -9.21 7.70
N ALA A 94 -5.03 -8.29 8.59
CA ALA A 94 -4.56 -8.39 9.96
C ALA A 94 -4.95 -9.75 10.54
N LEU A 95 -6.20 -10.13 10.28
CA LEU A 95 -6.72 -11.40 10.76
C LEU A 95 -5.90 -12.53 10.15
N ALA A 96 -5.22 -12.22 9.06
CA ALA A 96 -4.41 -13.21 8.38
C ALA A 96 -2.98 -13.16 8.93
N HIS A 97 -2.73 -12.13 9.74
CA HIS A 97 -1.42 -11.95 10.34
C HIS A 97 -0.40 -11.65 9.25
N LYS A 98 -0.90 -11.29 8.09
CA LYS A 98 -0.04 -10.96 6.96
C LYS A 98 -0.78 -9.99 6.03
N VAL A 99 -0.02 -9.05 5.48
CA VAL A 99 -0.57 -8.05 4.59
C VAL A 99 0.51 -7.61 3.59
N VAL A 100 0.06 -7.28 2.39
CA VAL A 100 0.97 -6.84 1.36
C VAL A 100 0.60 -5.42 0.92
N LEU A 101 1.59 -4.54 0.96
CA LEU A 101 1.39 -3.16 0.58
C LEU A 101 2.19 -2.85 -0.68
N GLU A 102 1.63 -2.00 -1.52
CA GLU A 102 2.28 -1.62 -2.75
C GLU A 102 2.43 -0.09 -2.82
N VAL A 103 3.68 0.35 -2.75
CA VAL A 103 3.98 1.77 -2.80
C VAL A 103 4.50 2.13 -4.20
N GLU A 104 4.14 3.32 -4.65
CA GLU A 104 4.56 3.79 -5.95
C GLU A 104 5.60 4.90 -5.81
N PHE A 105 6.57 4.88 -6.70
CA PHE A 105 7.62 5.89 -6.69
C PHE A 105 8.61 5.65 -7.83
N ASP A 106 9.42 6.67 -8.09
CA ASP A 106 10.41 6.60 -9.15
C ASP A 106 11.78 6.27 -8.54
N SER A 107 12.16 5.01 -8.67
CA SER A 107 13.44 4.56 -8.14
C SER A 107 14.58 5.36 -8.77
N GLY A 108 15.08 6.32 -8.00
CA GLY A 108 16.17 7.17 -8.47
C GLY A 108 16.75 7.99 -7.32
N PRO A 109 17.15 9.25 -7.67
CA PRO A 109 17.73 10.14 -6.68
C PRO A 109 16.64 10.71 -5.77
N SER A 110 16.97 10.79 -4.48
CA SER A 110 16.04 11.30 -3.51
C SER A 110 16.32 12.79 -3.25
N SER A 111 15.24 13.55 -3.13
CA SER A 111 15.35 14.98 -2.89
C SER A 111 14.41 15.40 -1.76
N GLY A 112 14.75 16.51 -1.12
CA GLY A 112 13.96 17.02 -0.02
C GLY A 112 14.57 18.30 0.55
N GLY A 1 -14.73 -28.94 -20.14
CA GLY A 1 -14.73 -28.36 -21.47
C GLY A 1 -14.60 -26.83 -21.40
N SER A 2 -13.38 -26.39 -21.12
CA SER A 2 -13.11 -24.96 -21.03
C SER A 2 -11.60 -24.72 -20.94
N SER A 3 -11.14 -23.79 -21.75
CA SER A 3 -9.72 -23.45 -21.78
C SER A 3 -9.43 -22.34 -20.77
N GLY A 4 -8.16 -22.21 -20.43
CA GLY A 4 -7.73 -21.21 -19.48
C GLY A 4 -6.27 -20.81 -19.72
N SER A 5 -6.10 -19.61 -20.25
CA SER A 5 -4.76 -19.11 -20.54
C SER A 5 -4.84 -17.67 -21.06
N SER A 6 -4.36 -16.75 -20.25
CA SER A 6 -4.37 -15.34 -20.62
C SER A 6 -3.02 -14.71 -20.28
N GLY A 7 -2.77 -13.58 -20.93
CA GLY A 7 -1.52 -12.86 -20.71
C GLY A 7 -1.68 -11.38 -21.05
N GLY A 8 -0.78 -10.89 -21.91
CA GLY A 8 -0.80 -9.51 -22.32
C GLY A 8 0.54 -8.83 -22.04
N GLY A 9 0.52 -7.51 -22.10
CA GLY A 9 1.73 -6.72 -21.86
C GLY A 9 1.38 -5.29 -21.48
N GLN A 10 0.88 -5.14 -20.26
CA GLN A 10 0.51 -3.83 -19.75
C GLN A 10 1.70 -2.87 -19.85
N ILE A 11 1.39 -1.59 -19.72
CA ILE A 11 2.42 -0.57 -19.79
C ILE A 11 2.82 -0.15 -18.37
N VAL A 12 4.13 -0.04 -18.17
CA VAL A 12 4.65 0.33 -16.86
C VAL A 12 5.74 1.39 -17.04
N HIS A 13 5.66 2.43 -16.22
CA HIS A 13 6.63 3.51 -16.28
C HIS A 13 7.26 3.71 -14.90
N THR A 14 6.39 3.93 -13.92
CA THR A 14 6.84 4.14 -12.55
C THR A 14 7.31 2.82 -11.94
N GLU A 15 7.58 2.88 -10.64
CA GLU A 15 8.04 1.69 -9.92
C GLU A 15 7.02 1.29 -8.86
N THR A 16 7.33 0.20 -8.17
CA THR A 16 6.45 -0.31 -7.14
C THR A 16 7.23 -1.17 -6.15
N THR A 17 6.89 -1.02 -4.88
CA THR A 17 7.54 -1.78 -3.83
C THR A 17 6.52 -2.52 -2.98
N GLU A 18 6.80 -3.79 -2.73
CA GLU A 18 5.92 -4.63 -1.93
C GLU A 18 6.29 -4.54 -0.45
N VAL A 19 5.36 -4.02 0.34
CA VAL A 19 5.58 -3.87 1.77
C VAL A 19 4.80 -4.95 2.50
N VAL A 20 5.54 -5.94 3.00
CA VAL A 20 4.94 -7.04 3.72
C VAL A 20 5.08 -6.79 5.22
N LEU A 21 3.94 -6.56 5.87
CA LEU A 21 3.92 -6.31 7.30
C LEU A 21 3.27 -7.49 8.02
N CYS A 22 3.70 -7.71 9.25
CA CYS A 22 3.16 -8.79 10.04
C CYS A 22 2.75 -8.24 11.41
N GLY A 23 1.45 -8.24 11.66
CA GLY A 23 0.92 -7.74 12.90
C GLY A 23 -0.30 -8.55 13.35
N ASP A 24 -0.72 -8.31 14.58
CA ASP A 24 -1.87 -9.00 15.13
C ASP A 24 -3.15 -8.31 14.66
N PRO A 25 -4.28 -9.06 14.79
CA PRO A 25 -5.57 -8.53 14.38
C PRO A 25 -6.09 -7.51 15.40
N LEU A 26 -5.46 -7.50 16.55
CA LEU A 26 -5.84 -6.58 17.61
C LEU A 26 -5.10 -5.26 17.43
N SER A 27 -3.78 -5.36 17.34
CA SER A 27 -2.94 -4.19 17.17
C SER A 27 -2.99 -3.73 15.71
N GLY A 28 -3.28 -4.68 14.83
CA GLY A 28 -3.36 -4.39 13.41
C GLY A 28 -1.98 -4.44 12.76
N PHE A 29 -1.63 -3.34 12.09
CA PHE A 29 -0.35 -3.25 11.42
C PHE A 29 0.36 -1.94 11.77
N GLY A 30 -0.19 -1.25 12.76
CA GLY A 30 0.37 0.01 13.20
C GLY A 30 0.65 0.93 12.01
N LEU A 31 -0.38 1.08 11.18
CA LEU A 31 -0.26 1.92 10.00
C LEU A 31 -1.62 2.56 9.70
N GLN A 32 -1.57 3.81 9.27
CA GLN A 32 -2.79 4.54 8.94
C GLN A 32 -2.78 4.95 7.47
N LEU A 33 -3.96 4.96 6.88
CA LEU A 33 -4.11 5.32 5.48
C LEU A 33 -4.72 6.72 5.39
N GLN A 34 -4.23 7.49 4.43
CA GLN A 34 -4.72 8.85 4.23
C GLN A 34 -5.44 8.96 2.88
N GLY A 35 -6.67 9.42 2.95
CA GLY A 35 -7.48 9.57 1.74
C GLY A 35 -8.71 10.45 2.03
N GLY A 36 -9.78 10.16 1.29
CA GLY A 36 -11.01 10.90 1.45
C GLY A 36 -11.41 11.01 2.93
N ILE A 37 -12.19 12.03 3.22
CA ILE A 37 -12.64 12.27 4.58
C ILE A 37 -13.80 11.32 4.89
N PHE A 38 -14.77 11.28 3.98
CA PHE A 38 -15.92 10.41 4.16
C PHE A 38 -15.56 8.96 3.89
N ALA A 39 -16.43 8.07 4.35
CA ALA A 39 -16.23 6.64 4.15
C ALA A 39 -16.91 6.20 2.86
N THR A 40 -18.16 6.60 2.72
CA THR A 40 -18.93 6.25 1.53
C THR A 40 -18.47 7.09 0.34
N GLU A 41 -17.51 6.55 -0.39
CA GLU A 41 -16.98 7.24 -1.56
C GLU A 41 -15.79 6.47 -2.13
N THR A 42 -15.77 6.36 -3.45
CA THR A 42 -14.71 5.66 -4.13
C THR A 42 -13.41 6.46 -4.04
N LEU A 43 -12.30 5.74 -4.21
CA LEU A 43 -10.99 6.37 -4.14
C LEU A 43 -10.47 6.59 -5.57
N SER A 44 -10.39 7.85 -5.95
CA SER A 44 -9.91 8.21 -7.28
C SER A 44 -8.38 8.08 -7.33
N SER A 45 -7.78 8.21 -6.17
CA SER A 45 -6.33 8.10 -6.07
C SER A 45 -5.94 7.21 -4.89
N PRO A 46 -4.66 6.76 -4.91
CA PRO A 46 -4.15 5.90 -3.86
C PRO A 46 -3.90 6.69 -2.58
N PRO A 47 -4.24 6.05 -1.43
CA PRO A 47 -4.05 6.68 -0.13
C PRO A 47 -2.57 6.69 0.27
N LEU A 48 -2.23 7.59 1.17
CA LEU A 48 -0.86 7.72 1.64
C LEU A 48 -0.80 7.31 3.12
N VAL A 49 0.41 7.04 3.57
CA VAL A 49 0.63 6.64 4.95
C VAL A 49 0.29 7.81 5.87
N CYS A 50 -1.00 7.96 6.15
CA CYS A 50 -1.47 9.02 7.01
C CYS A 50 -0.53 9.12 8.22
N PHE A 51 -0.46 8.02 8.95
CA PHE A 51 0.38 7.97 10.13
C PHE A 51 1.00 6.58 10.29
N ILE A 52 1.93 6.48 11.23
CA ILE A 52 2.60 5.22 11.51
C ILE A 52 2.80 5.06 13.01
N GLU A 53 2.61 3.83 13.47
CA GLU A 53 2.76 3.53 14.88
C GLU A 53 4.21 3.21 15.21
N PRO A 54 4.66 3.68 16.41
CA PRO A 54 6.02 3.45 16.85
C PRO A 54 6.20 2.00 17.30
N ASP A 55 7.39 1.47 16.99
CA ASP A 55 7.71 0.10 17.36
C ASP A 55 6.70 -0.85 16.70
N SER A 56 5.99 -0.32 15.72
CA SER A 56 4.99 -1.11 15.01
C SER A 56 5.63 -1.77 13.79
N PRO A 57 4.80 -2.55 13.05
CA PRO A 57 5.26 -3.25 11.87
C PRO A 57 5.44 -2.28 10.70
N ALA A 58 4.54 -1.32 10.63
CA ALA A 58 4.57 -0.33 9.57
C ALA A 58 5.84 0.52 9.71
N GLU A 59 6.33 0.59 10.94
CA GLU A 59 7.54 1.35 11.22
C GLU A 59 8.77 0.46 11.12
N ARG A 60 8.61 -0.78 11.59
CA ARG A 60 9.70 -1.74 11.56
C ARG A 60 10.29 -1.82 10.16
N CYS A 61 9.42 -1.65 9.17
CA CYS A 61 9.84 -1.70 7.78
C CYS A 61 10.82 -0.55 7.53
N GLY A 62 10.65 0.50 8.32
CA GLY A 62 11.51 1.68 8.19
C GLY A 62 11.23 2.42 6.88
N LEU A 63 11.40 1.70 5.78
CA LEU A 63 11.16 2.28 4.47
C LEU A 63 9.82 2.99 4.46
N LEU A 64 8.83 2.34 5.05
CA LEU A 64 7.49 2.90 5.11
C LEU A 64 7.52 4.17 5.96
N GLN A 65 6.94 5.22 5.41
CA GLN A 65 6.88 6.49 6.11
C GLN A 65 5.78 7.38 5.52
N VAL A 66 5.31 8.31 6.33
CA VAL A 66 4.26 9.22 5.90
C VAL A 66 4.55 9.70 4.48
N GLY A 67 3.52 9.63 3.65
CA GLY A 67 3.66 10.05 2.26
C GLY A 67 3.55 8.85 1.31
N ASP A 68 4.17 7.75 1.72
CA ASP A 68 4.16 6.55 0.92
C ASP A 68 2.72 6.27 0.45
N ARG A 69 2.60 6.05 -0.86
CA ARG A 69 1.30 5.79 -1.45
C ARG A 69 0.95 4.31 -1.30
N VAL A 70 -0.30 4.00 -1.62
CA VAL A 70 -0.77 2.62 -1.52
C VAL A 70 -1.64 2.30 -2.75
N LEU A 71 -0.99 1.84 -3.81
CA LEU A 71 -1.69 1.50 -5.03
C LEU A 71 -2.78 0.47 -4.71
N SER A 72 -2.34 -0.70 -4.28
CA SER A 72 -3.27 -1.76 -3.93
C SER A 72 -2.91 -2.36 -2.57
N ILE A 73 -3.85 -3.12 -2.04
CA ILE A 73 -3.64 -3.76 -0.75
C ILE A 73 -3.85 -5.27 -0.88
N ASN A 74 -2.75 -5.99 -0.75
CA ASN A 74 -2.78 -7.44 -0.87
C ASN A 74 -3.01 -7.83 -2.33
N GLY A 75 -2.99 -6.82 -3.19
CA GLY A 75 -3.20 -7.05 -4.60
C GLY A 75 -4.53 -6.44 -5.07
N ILE A 76 -5.18 -5.76 -4.15
CA ILE A 76 -6.46 -5.14 -4.45
C ILE A 76 -6.27 -3.62 -4.55
N ALA A 77 -6.60 -3.10 -5.72
CA ALA A 77 -6.48 -1.67 -5.96
C ALA A 77 -7.32 -0.90 -4.95
N THR A 78 -6.71 0.12 -4.37
CA THR A 78 -7.40 0.94 -3.38
C THR A 78 -8.35 1.92 -4.06
N GLU A 79 -8.19 2.04 -5.37
CA GLU A 79 -9.03 2.93 -6.15
C GLU A 79 -10.34 2.23 -6.54
N ASP A 80 -10.32 0.91 -6.39
CA ASP A 80 -11.49 0.11 -6.72
C ASP A 80 -12.32 -0.13 -5.45
N GLY A 81 -12.09 0.73 -4.47
CA GLY A 81 -12.80 0.62 -3.21
C GLY A 81 -12.78 1.95 -2.45
N THR A 82 -13.77 2.13 -1.59
CA THR A 82 -13.86 3.35 -0.81
C THR A 82 -12.79 3.38 0.27
N MET A 83 -12.61 4.55 0.87
CA MET A 83 -11.62 4.72 1.91
C MET A 83 -11.74 3.62 2.97
N GLU A 84 -12.92 3.03 3.03
CA GLU A 84 -13.18 1.97 3.99
C GLU A 84 -12.73 0.61 3.42
N GLU A 85 -12.80 0.52 2.09
CA GLU A 85 -12.41 -0.70 1.41
C GLU A 85 -10.92 -0.99 1.65
N ALA A 86 -10.11 0.04 1.47
CA ALA A 86 -8.68 -0.09 1.66
C ALA A 86 -8.40 -0.50 3.11
N ASN A 87 -9.01 0.22 4.03
CA ASN A 87 -8.84 -0.06 5.44
C ASN A 87 -9.40 -1.45 5.76
N GLN A 88 -10.65 -1.64 5.36
CA GLN A 88 -11.31 -2.91 5.59
C GLN A 88 -10.41 -4.07 5.17
N LEU A 89 -9.63 -3.82 4.12
CA LEU A 89 -8.71 -4.83 3.61
C LEU A 89 -7.64 -5.12 4.67
N LEU A 90 -7.03 -4.05 5.15
CA LEU A 90 -5.99 -4.17 6.15
C LEU A 90 -6.53 -4.96 7.35
N ARG A 91 -7.79 -4.73 7.65
CA ARG A 91 -8.44 -5.41 8.75
C ARG A 91 -8.33 -6.92 8.58
N ASP A 92 -9.06 -7.44 7.61
CA ASP A 92 -9.05 -8.86 7.33
C ASP A 92 -7.61 -9.35 7.25
N ALA A 93 -6.80 -8.60 6.51
CA ALA A 93 -5.40 -8.95 6.34
C ALA A 93 -4.74 -9.09 7.72
N ALA A 94 -5.26 -8.32 8.66
CA ALA A 94 -4.74 -8.36 10.02
C ALA A 94 -5.06 -9.71 10.65
N LEU A 95 -6.21 -10.26 10.27
CA LEU A 95 -6.64 -11.54 10.79
C LEU A 95 -5.75 -12.65 10.21
N ALA A 96 -5.02 -12.29 9.17
CA ALA A 96 -4.13 -13.23 8.51
C ALA A 96 -2.73 -13.12 9.13
N HIS A 97 -2.53 -12.04 9.87
CA HIS A 97 -1.25 -11.81 10.52
C HIS A 97 -0.21 -11.39 9.48
N LYS A 98 -0.70 -11.14 8.27
CA LYS A 98 0.18 -10.74 7.18
C LYS A 98 -0.62 -9.89 6.17
N VAL A 99 0.05 -8.90 5.61
CA VAL A 99 -0.58 -8.03 4.64
C VAL A 99 0.48 -7.52 3.66
N VAL A 100 0.03 -7.29 2.43
CA VAL A 100 0.93 -6.79 1.40
C VAL A 100 0.40 -5.47 0.86
N LEU A 101 1.33 -4.56 0.58
CA LEU A 101 0.97 -3.26 0.06
C LEU A 101 1.88 -2.92 -1.13
N GLU A 102 1.34 -2.11 -2.03
CA GLU A 102 2.07 -1.71 -3.21
C GLU A 102 2.13 -0.18 -3.31
N VAL A 103 3.33 0.35 -3.13
CA VAL A 103 3.53 1.79 -3.18
C VAL A 103 3.94 2.18 -4.61
N GLU A 104 3.75 3.45 -4.91
CA GLU A 104 4.10 3.97 -6.23
C GLU A 104 5.10 5.12 -6.10
N PHE A 105 6.14 5.05 -6.92
CA PHE A 105 7.17 6.07 -6.91
C PHE A 105 8.21 5.81 -8.00
N ASP A 106 9.09 6.79 -8.19
CA ASP A 106 10.14 6.67 -9.19
C ASP A 106 11.48 6.47 -8.49
N SER A 107 12.03 5.28 -8.68
CA SER A 107 13.31 4.94 -8.08
C SER A 107 14.44 5.66 -8.82
N GLY A 108 14.87 6.77 -8.24
CA GLY A 108 15.95 7.55 -8.83
C GLY A 108 17.31 7.10 -8.30
N PRO A 109 18.38 7.69 -8.88
CA PRO A 109 19.74 7.37 -8.47
C PRO A 109 20.07 8.01 -7.13
N SER A 110 19.84 9.31 -7.04
CA SER A 110 20.11 10.05 -5.82
C SER A 110 18.96 11.02 -5.53
N SER A 111 18.51 11.00 -4.30
CA SER A 111 17.43 11.88 -3.88
C SER A 111 16.23 11.70 -4.81
N GLY A 112 15.42 10.70 -4.50
CA GLY A 112 14.24 10.42 -5.29
C GLY A 112 13.44 9.25 -4.70
N GLY A 1 -8.45 -23.26 -27.27
CA GLY A 1 -7.43 -22.59 -26.50
C GLY A 1 -6.30 -22.08 -27.40
N SER A 2 -5.11 -22.05 -26.84
CA SER A 2 -3.95 -21.60 -27.58
C SER A 2 -2.67 -21.83 -26.77
N SER A 3 -1.53 -21.66 -27.43
CA SER A 3 -0.26 -21.85 -26.77
C SER A 3 0.87 -21.29 -27.65
N GLY A 4 1.74 -20.51 -27.03
CA GLY A 4 2.85 -19.91 -27.75
C GLY A 4 3.50 -18.80 -26.92
N SER A 5 4.55 -18.22 -27.48
CA SER A 5 5.26 -17.14 -26.82
C SER A 5 4.57 -15.80 -27.12
N SER A 6 3.67 -15.43 -26.22
CA SER A 6 2.95 -14.17 -26.37
C SER A 6 3.15 -13.30 -25.14
N GLY A 7 3.65 -12.09 -25.38
CA GLY A 7 3.89 -11.16 -24.30
C GLY A 7 2.59 -10.66 -23.69
N GLY A 8 2.72 -9.93 -22.60
CA GLY A 8 1.55 -9.40 -21.91
C GLY A 8 1.09 -8.08 -22.55
N GLY A 9 1.21 -7.00 -21.77
CA GLY A 9 0.81 -5.70 -22.24
C GLY A 9 0.73 -4.70 -21.08
N GLN A 10 0.51 -3.44 -21.44
CA GLN A 10 0.40 -2.39 -20.44
C GLN A 10 1.56 -2.48 -19.44
N ILE A 11 2.69 -1.93 -19.85
CA ILE A 11 3.87 -1.94 -19.00
C ILE A 11 3.47 -1.58 -17.57
N VAL A 12 4.15 -2.21 -16.62
CA VAL A 12 3.89 -1.97 -15.22
C VAL A 12 3.72 -0.46 -14.99
N HIS A 13 4.70 0.29 -15.49
CA HIS A 13 4.68 1.73 -15.35
C HIS A 13 5.16 2.11 -13.95
N THR A 14 6.24 2.87 -13.91
CA THR A 14 6.81 3.31 -12.65
C THR A 14 7.23 2.10 -11.81
N GLU A 15 8.02 2.39 -10.77
CA GLU A 15 8.49 1.33 -9.89
C GLU A 15 7.54 1.16 -8.71
N THR A 16 7.67 0.03 -8.04
CA THR A 16 6.83 -0.27 -6.89
C THR A 16 7.53 -1.24 -5.95
N THR A 17 7.24 -1.09 -4.66
CA THR A 17 7.83 -1.95 -3.66
C THR A 17 6.75 -2.71 -2.90
N GLU A 18 7.00 -4.00 -2.69
CA GLU A 18 6.06 -4.85 -1.98
C GLU A 18 6.54 -5.10 -0.56
N VAL A 19 5.73 -4.66 0.40
CA VAL A 19 6.07 -4.84 1.80
C VAL A 19 5.18 -5.94 2.39
N VAL A 20 5.65 -6.50 3.50
CA VAL A 20 4.92 -7.56 4.17
C VAL A 20 4.81 -7.23 5.66
N LEU A 21 3.68 -6.66 6.03
CA LEU A 21 3.44 -6.30 7.42
C LEU A 21 2.81 -7.48 8.15
N CYS A 22 3.36 -7.76 9.33
CA CYS A 22 2.87 -8.86 10.14
C CYS A 22 2.39 -8.29 11.48
N GLY A 23 1.33 -8.91 12.00
CA GLY A 23 0.77 -8.48 13.26
C GLY A 23 -0.40 -9.38 13.68
N ASP A 24 -0.95 -9.09 14.84
CA ASP A 24 -2.07 -9.86 15.37
C ASP A 24 -3.37 -9.24 14.90
N PRO A 25 -4.47 -10.01 15.08
CA PRO A 25 -5.79 -9.55 14.68
C PRO A 25 -6.33 -8.49 15.66
N LEU A 26 -5.67 -8.42 16.80
CA LEU A 26 -6.07 -7.46 17.82
C LEU A 26 -5.07 -6.31 17.86
N SER A 27 -3.79 -6.67 17.80
CA SER A 27 -2.73 -5.67 17.81
C SER A 27 -2.66 -4.97 16.46
N GLY A 28 -3.28 -5.59 15.47
CA GLY A 28 -3.29 -5.03 14.13
C GLY A 28 -1.87 -4.94 13.57
N PHE A 29 -1.63 -3.85 12.84
CA PHE A 29 -0.32 -3.63 12.25
C PHE A 29 0.32 -2.35 12.80
N GLY A 30 0.05 -1.25 12.11
CA GLY A 30 0.59 0.03 12.51
C GLY A 30 0.82 0.94 11.31
N LEU A 31 -0.28 1.32 10.67
CA LEU A 31 -0.21 2.19 9.51
C LEU A 31 -1.56 2.88 9.31
N GLN A 32 -1.49 4.18 9.04
CA GLN A 32 -2.69 4.97 8.83
C GLN A 32 -2.71 5.52 7.40
N LEU A 33 -3.86 5.37 6.77
CA LEU A 33 -4.04 5.85 5.41
C LEU A 33 -4.69 7.23 5.44
N GLN A 34 -4.53 7.95 4.33
CA GLN A 34 -5.09 9.28 4.22
C GLN A 34 -5.73 9.47 2.85
N GLY A 35 -7.05 9.59 2.85
CA GLY A 35 -7.79 9.78 1.62
C GLY A 35 -9.02 10.67 1.84
N GLY A 36 -10.09 10.32 1.14
CA GLY A 36 -11.33 11.08 1.25
C GLY A 36 -11.80 11.14 2.71
N ILE A 37 -12.92 11.82 2.91
CA ILE A 37 -13.48 11.97 4.25
C ILE A 37 -14.60 10.95 4.43
N PHE A 38 -15.58 11.02 3.54
CA PHE A 38 -16.72 10.11 3.60
C PHE A 38 -16.27 8.66 3.37
N ALA A 39 -16.63 7.82 4.32
CA ALA A 39 -16.28 6.41 4.22
C ALA A 39 -16.65 5.88 2.84
N THR A 40 -17.84 6.27 2.38
CA THR A 40 -18.31 5.85 1.08
C THR A 40 -17.54 6.57 -0.03
N GLU A 41 -18.05 6.44 -1.24
CA GLU A 41 -17.43 7.07 -2.40
C GLU A 41 -16.07 6.41 -2.69
N THR A 42 -15.99 5.80 -3.86
CA THR A 42 -14.77 5.14 -4.27
C THR A 42 -13.59 6.11 -4.22
N LEU A 43 -12.39 5.55 -4.21
CA LEU A 43 -11.18 6.35 -4.15
C LEU A 43 -10.67 6.58 -5.58
N SER A 44 -10.54 7.85 -5.93
CA SER A 44 -10.06 8.23 -7.26
C SER A 44 -8.53 8.16 -7.29
N SER A 45 -7.94 8.36 -6.12
CA SER A 45 -6.48 8.33 -6.01
C SER A 45 -6.07 7.47 -4.82
N PRO A 46 -4.76 7.09 -4.81
CA PRO A 46 -4.23 6.27 -3.73
C PRO A 46 -4.02 7.12 -2.47
N PRO A 47 -4.39 6.51 -1.30
CA PRO A 47 -4.24 7.19 -0.03
C PRO A 47 -2.78 7.22 0.41
N LEU A 48 -2.44 8.26 1.17
CA LEU A 48 -1.08 8.41 1.65
C LEU A 48 -1.02 7.92 3.11
N VAL A 49 0.21 7.65 3.54
CA VAL A 49 0.43 7.18 4.90
C VAL A 49 0.22 8.33 5.88
N CYS A 50 -1.05 8.52 6.26
CA CYS A 50 -1.40 9.58 7.19
C CYS A 50 -0.42 9.54 8.36
N PHE A 51 -0.36 8.38 9.00
CA PHE A 51 0.52 8.20 10.14
C PHE A 51 0.99 6.74 10.24
N ILE A 52 1.99 6.53 11.10
CA ILE A 52 2.53 5.20 11.30
C ILE A 52 2.79 4.98 12.79
N GLU A 53 2.48 3.77 13.25
CA GLU A 53 2.68 3.43 14.64
C GLU A 53 4.17 3.21 14.93
N PRO A 54 4.61 3.73 16.11
CA PRO A 54 6.01 3.60 16.51
C PRO A 54 6.30 2.18 16.99
N ASP A 55 7.43 1.65 16.54
CA ASP A 55 7.84 0.31 16.90
C ASP A 55 6.90 -0.70 16.26
N SER A 56 6.05 -0.20 15.37
CA SER A 56 5.10 -1.05 14.67
C SER A 56 5.78 -1.75 13.51
N PRO A 57 4.98 -2.60 12.81
CA PRO A 57 5.50 -3.34 11.66
C PRO A 57 5.66 -2.43 10.44
N ALA A 58 4.65 -1.61 10.23
CA ALA A 58 4.66 -0.69 9.10
C ALA A 58 5.88 0.24 9.23
N GLU A 59 6.34 0.40 10.46
CA GLU A 59 7.48 1.24 10.73
C GLU A 59 8.78 0.46 10.55
N ARG A 60 8.76 -0.77 11.06
CA ARG A 60 9.93 -1.64 10.96
C ARG A 60 10.37 -1.77 9.51
N CYS A 61 9.43 -1.52 8.61
CA CYS A 61 9.71 -1.62 7.19
C CYS A 61 10.76 -0.55 6.83
N GLY A 62 10.75 0.52 7.61
CA GLY A 62 11.68 1.61 7.40
C GLY A 62 11.36 2.36 6.10
N LEU A 63 11.38 1.62 5.01
CA LEU A 63 11.09 2.20 3.70
C LEU A 63 9.79 3.00 3.78
N LEU A 64 8.83 2.43 4.50
CA LEU A 64 7.54 3.08 4.66
C LEU A 64 7.72 4.38 5.45
N GLN A 65 6.75 5.26 5.30
CA GLN A 65 6.78 6.54 6.00
C GLN A 65 5.65 7.45 5.50
N VAL A 66 5.31 8.42 6.34
CA VAL A 66 4.25 9.35 5.99
C VAL A 66 4.55 9.99 4.64
N GLY A 67 3.54 10.03 3.80
CA GLY A 67 3.67 10.60 2.47
C GLY A 67 3.54 9.52 1.39
N ASP A 68 4.15 8.37 1.67
CA ASP A 68 4.11 7.26 0.74
C ASP A 68 2.71 7.16 0.13
N ARG A 69 2.65 6.49 -1.01
CA ARG A 69 1.37 6.31 -1.70
C ARG A 69 1.02 4.84 -1.79
N VAL A 70 -0.10 4.48 -1.17
CA VAL A 70 -0.55 3.11 -1.17
C VAL A 70 -1.37 2.84 -2.44
N LEU A 71 -0.82 2.02 -3.31
CA LEU A 71 -1.49 1.68 -4.56
C LEU A 71 -2.57 0.62 -4.28
N SER A 72 -2.12 -0.49 -3.72
CA SER A 72 -3.03 -1.58 -3.40
C SER A 72 -2.70 -2.14 -2.02
N ILE A 73 -3.62 -2.96 -1.52
CA ILE A 73 -3.44 -3.58 -0.21
C ILE A 73 -3.83 -5.05 -0.29
N ASN A 74 -2.82 -5.89 -0.12
CA ASN A 74 -3.03 -7.34 -0.17
C ASN A 74 -3.24 -7.76 -1.63
N GLY A 75 -3.01 -6.83 -2.53
CA GLY A 75 -3.16 -7.09 -3.94
C GLY A 75 -4.41 -6.40 -4.50
N ILE A 76 -5.11 -5.71 -3.61
CA ILE A 76 -6.32 -4.99 -4.00
C ILE A 76 -6.00 -3.50 -4.14
N ALA A 77 -6.37 -2.96 -5.28
CA ALA A 77 -6.13 -1.55 -5.55
C ALA A 77 -7.13 -0.71 -4.75
N THR A 78 -6.60 0.30 -4.08
CA THR A 78 -7.44 1.18 -3.27
C THR A 78 -8.33 2.03 -4.18
N GLU A 79 -7.84 2.26 -5.38
CA GLU A 79 -8.58 3.06 -6.35
C GLU A 79 -9.86 2.33 -6.78
N ASP A 80 -9.92 1.05 -6.45
CA ASP A 80 -11.06 0.24 -6.78
C ASP A 80 -11.87 -0.06 -5.51
N GLY A 81 -11.83 0.90 -4.60
CA GLY A 81 -12.55 0.75 -3.33
C GLY A 81 -12.64 2.09 -2.60
N THR A 82 -13.52 2.12 -1.61
CA THR A 82 -13.71 3.32 -0.82
C THR A 82 -12.75 3.34 0.36
N MET A 83 -12.55 4.53 0.91
CA MET A 83 -11.65 4.70 2.04
C MET A 83 -11.88 3.60 3.07
N GLU A 84 -13.14 3.30 3.31
CA GLU A 84 -13.51 2.27 4.27
C GLU A 84 -12.99 0.90 3.79
N GLU A 85 -13.17 0.66 2.50
CA GLU A 85 -12.74 -0.60 1.91
C GLU A 85 -11.24 -0.82 2.16
N ALA A 86 -10.49 0.26 2.04
CA ALA A 86 -9.05 0.20 2.25
C ALA A 86 -8.76 -0.18 3.70
N ASN A 87 -9.36 0.57 4.61
CA ASN A 87 -9.19 0.33 6.03
C ASN A 87 -9.63 -1.10 6.35
N GLN A 88 -10.73 -1.50 5.73
CA GLN A 88 -11.27 -2.83 5.94
C GLN A 88 -10.32 -3.89 5.35
N LEU A 89 -9.85 -3.61 4.14
CA LEU A 89 -8.94 -4.52 3.47
C LEU A 89 -7.78 -4.84 4.39
N LEU A 90 -7.41 -3.86 5.21
CA LEU A 90 -6.31 -4.02 6.14
C LEU A 90 -6.78 -4.88 7.32
N ARG A 91 -8.02 -4.66 7.72
CA ARG A 91 -8.59 -5.41 8.83
C ARG A 91 -8.50 -6.91 8.57
N ASP A 92 -9.18 -7.34 7.51
CA ASP A 92 -9.17 -8.74 7.15
C ASP A 92 -7.73 -9.23 7.03
N ALA A 93 -6.88 -8.37 6.48
CA ALA A 93 -5.48 -8.69 6.30
C ALA A 93 -4.85 -8.97 7.67
N ALA A 94 -5.15 -8.10 8.62
CA ALA A 94 -4.62 -8.23 9.96
C ALA A 94 -4.98 -9.61 10.51
N LEU A 95 -6.18 -10.06 10.13
CA LEU A 95 -6.66 -11.36 10.58
C LEU A 95 -5.84 -12.47 9.90
N ALA A 96 -5.18 -12.09 8.81
CA ALA A 96 -4.37 -13.03 8.06
C ALA A 96 -2.97 -13.08 8.68
N HIS A 97 -2.72 -12.16 9.59
CA HIS A 97 -1.43 -12.08 10.25
C HIS A 97 -0.36 -11.61 9.26
N LYS A 98 -0.83 -11.23 8.08
CA LYS A 98 0.07 -10.76 7.04
C LYS A 98 -0.69 -9.80 6.11
N VAL A 99 0.07 -8.94 5.45
CA VAL A 99 -0.51 -7.98 4.54
C VAL A 99 0.54 -7.56 3.50
N VAL A 100 0.06 -7.22 2.32
CA VAL A 100 0.95 -6.80 1.25
C VAL A 100 0.63 -5.35 0.87
N LEU A 101 1.66 -4.52 0.90
CA LEU A 101 1.50 -3.11 0.57
C LEU A 101 2.29 -2.81 -0.70
N GLU A 102 1.71 -1.96 -1.54
CA GLU A 102 2.35 -1.58 -2.79
C GLU A 102 2.50 -0.06 -2.86
N VAL A 103 3.75 0.38 -2.82
CA VAL A 103 4.05 1.81 -2.89
C VAL A 103 4.47 2.17 -4.30
N GLU A 104 4.21 3.42 -4.66
CA GLU A 104 4.56 3.91 -5.99
C GLU A 104 5.69 4.93 -5.89
N PHE A 105 6.55 4.91 -6.91
CA PHE A 105 7.68 5.82 -6.95
C PHE A 105 8.53 5.57 -8.20
N ASP A 106 9.29 6.60 -8.56
CA ASP A 106 10.15 6.51 -9.72
C ASP A 106 11.58 6.20 -9.28
N SER A 107 11.91 4.92 -9.27
CA SER A 107 13.22 4.48 -8.87
C SER A 107 14.30 5.27 -9.62
N GLY A 108 15.04 6.07 -8.87
CA GLY A 108 16.09 6.88 -9.44
C GLY A 108 15.91 8.36 -9.08
N PRO A 109 17.06 9.09 -9.04
CA PRO A 109 17.04 10.50 -8.71
C PRO A 109 16.51 11.34 -9.88
N SER A 110 16.11 12.55 -9.56
CA SER A 110 15.57 13.46 -10.56
C SER A 110 15.89 14.91 -10.19
N SER A 111 16.08 15.72 -11.21
CA SER A 111 16.39 17.13 -11.01
C SER A 111 17.60 17.26 -10.08
N GLY A 112 18.78 17.22 -10.69
CA GLY A 112 20.02 17.34 -9.94
C GLY A 112 20.41 15.99 -9.32
N GLY A 1 9.39 3.32 -36.65
CA GLY A 1 9.00 4.64 -36.19
C GLY A 1 7.76 4.56 -35.31
N SER A 2 6.61 4.66 -35.96
CA SER A 2 5.34 4.61 -35.24
C SER A 2 4.76 3.19 -35.32
N SER A 3 3.77 2.94 -34.47
CA SER A 3 3.13 1.64 -34.43
C SER A 3 4.15 0.56 -34.08
N GLY A 4 3.98 -0.01 -32.91
CA GLY A 4 4.88 -1.07 -32.44
C GLY A 4 4.43 -2.44 -32.94
N SER A 5 5.17 -2.94 -33.92
CA SER A 5 4.86 -4.25 -34.49
C SER A 5 4.93 -5.33 -33.41
N SER A 6 4.42 -6.49 -33.75
CA SER A 6 4.42 -7.62 -32.83
C SER A 6 5.80 -7.80 -32.23
N GLY A 7 5.92 -7.45 -30.96
CA GLY A 7 7.19 -7.56 -30.26
C GLY A 7 7.64 -6.21 -29.70
N GLY A 8 7.15 -5.92 -28.50
CA GLY A 8 7.49 -4.67 -27.83
C GLY A 8 7.77 -4.89 -26.36
N GLY A 9 8.22 -3.83 -25.70
CA GLY A 9 8.53 -3.90 -24.28
C GLY A 9 7.49 -3.13 -23.46
N GLN A 10 7.37 -3.53 -22.20
CA GLN A 10 6.42 -2.90 -21.30
C GLN A 10 6.90 -1.50 -20.92
N ILE A 11 5.93 -0.64 -20.61
CA ILE A 11 6.24 0.72 -20.22
C ILE A 11 6.80 0.74 -18.80
N VAL A 12 7.37 1.88 -18.44
CA VAL A 12 7.94 2.04 -17.11
C VAL A 12 8.08 3.53 -16.80
N HIS A 13 7.55 3.91 -15.64
CA HIS A 13 7.61 5.30 -15.21
C HIS A 13 7.81 5.36 -13.70
N THR A 14 6.82 4.85 -12.99
CA THR A 14 6.87 4.85 -11.54
C THR A 14 7.28 3.46 -11.02
N GLU A 15 7.89 3.46 -9.85
CA GLU A 15 8.33 2.21 -9.24
C GLU A 15 7.29 1.72 -8.23
N THR A 16 7.38 0.44 -7.92
CA THR A 16 6.47 -0.18 -6.97
C THR A 16 7.24 -0.97 -5.91
N THR A 17 6.75 -0.88 -4.69
CA THR A 17 7.38 -1.59 -3.58
C THR A 17 6.35 -2.43 -2.83
N GLU A 18 6.72 -3.68 -2.59
CA GLU A 18 5.84 -4.60 -1.88
C GLU A 18 6.23 -4.68 -0.41
N VAL A 19 5.32 -4.20 0.43
CA VAL A 19 5.56 -4.21 1.87
C VAL A 19 4.74 -5.34 2.51
N VAL A 20 5.42 -6.10 3.35
CA VAL A 20 4.78 -7.21 4.04
C VAL A 20 4.68 -6.89 5.54
N LEU A 21 3.52 -6.41 5.93
CA LEU A 21 3.28 -6.08 7.32
C LEU A 21 2.71 -7.29 8.05
N CYS A 22 3.30 -7.57 9.21
CA CYS A 22 2.86 -8.70 10.01
C CYS A 22 2.44 -8.18 11.39
N GLY A 23 1.52 -8.91 12.00
CA GLY A 23 1.03 -8.54 13.32
C GLY A 23 -0.05 -9.51 13.80
N ASP A 24 -0.74 -9.11 14.85
CA ASP A 24 -1.79 -9.94 15.42
C ASP A 24 -3.15 -9.31 15.12
N PRO A 25 -4.22 -10.12 15.33
CA PRO A 25 -5.58 -9.66 15.08
C PRO A 25 -6.04 -8.68 16.18
N LEU A 26 -5.28 -8.67 17.27
CA LEU A 26 -5.59 -7.80 18.38
C LEU A 26 -4.68 -6.57 18.34
N SER A 27 -3.39 -6.84 18.23
CA SER A 27 -2.40 -5.77 18.18
C SER A 27 -2.47 -5.06 16.83
N GLY A 28 -2.86 -5.81 15.81
CA GLY A 28 -2.98 -5.27 14.47
C GLY A 28 -1.60 -5.10 13.83
N PHE A 29 -1.45 -4.01 13.10
CA PHE A 29 -0.19 -3.72 12.43
C PHE A 29 0.43 -2.42 12.96
N GLY A 30 0.11 -1.33 12.29
CA GLY A 30 0.62 -0.03 12.67
C GLY A 30 0.83 0.87 11.45
N LEU A 31 -0.28 1.18 10.80
CA LEU A 31 -0.23 2.03 9.62
C LEU A 31 -1.58 2.73 9.43
N GLN A 32 -1.51 4.00 9.08
CA GLN A 32 -2.72 4.79 8.87
C GLN A 32 -2.76 5.32 7.44
N LEU A 33 -3.85 5.01 6.77
CA LEU A 33 -4.03 5.46 5.40
C LEU A 33 -4.65 6.86 5.39
N GLN A 34 -4.51 7.54 4.26
CA GLN A 34 -5.06 8.88 4.12
C GLN A 34 -5.63 9.06 2.71
N GLY A 35 -6.95 9.18 2.66
CA GLY A 35 -7.64 9.37 1.40
C GLY A 35 -8.78 10.37 1.53
N GLY A 36 -9.74 10.26 0.62
CA GLY A 36 -10.88 11.16 0.64
C GLY A 36 -11.43 11.34 2.06
N ILE A 37 -11.85 12.57 2.34
CA ILE A 37 -12.38 12.89 3.65
C ILE A 37 -13.54 11.95 3.97
N PHE A 38 -14.33 11.66 2.93
CA PHE A 38 -15.47 10.78 3.09
C PHE A 38 -15.06 9.32 2.90
N ALA A 39 -15.83 8.44 3.53
CA ALA A 39 -15.56 7.01 3.43
C ALA A 39 -16.46 6.40 2.35
N THR A 40 -17.68 6.91 2.29
CA THR A 40 -18.64 6.43 1.31
C THR A 40 -18.41 7.10 -0.04
N GLU A 41 -17.42 6.58 -0.77
CA GLU A 41 -17.09 7.12 -2.07
C GLU A 41 -15.83 6.44 -2.62
N THR A 42 -15.97 5.86 -3.80
CA THR A 42 -14.85 5.19 -4.44
C THR A 42 -13.59 6.05 -4.37
N LEU A 43 -12.46 5.39 -4.48
CA LEU A 43 -11.18 6.08 -4.41
C LEU A 43 -10.61 6.21 -5.84
N SER A 44 -10.42 7.45 -6.25
CA SER A 44 -9.89 7.73 -7.57
C SER A 44 -8.36 7.78 -7.52
N SER A 45 -7.85 7.96 -6.32
CA SER A 45 -6.41 8.03 -6.12
C SER A 45 -6.01 7.17 -4.91
N PRO A 46 -4.71 6.75 -4.92
CA PRO A 46 -4.19 5.93 -3.84
C PRO A 46 -3.96 6.76 -2.57
N PRO A 47 -4.36 6.17 -1.43
CA PRO A 47 -4.21 6.84 -0.14
C PRO A 47 -2.75 6.82 0.32
N LEU A 48 -2.36 7.89 1.00
CA LEU A 48 -1.01 8.00 1.50
C LEU A 48 -0.95 7.53 2.95
N VAL A 49 0.26 7.33 3.43
CA VAL A 49 0.46 6.86 4.80
C VAL A 49 0.22 8.03 5.77
N CYS A 50 -1.04 8.19 6.15
CA CYS A 50 -1.41 9.26 7.05
C CYS A 50 -0.42 9.27 8.21
N PHE A 51 -0.39 8.16 8.95
CA PHE A 51 0.50 8.05 10.08
C PHE A 51 1.00 6.60 10.22
N ILE A 52 2.01 6.44 11.07
CA ILE A 52 2.59 5.12 11.31
C ILE A 52 2.84 4.95 12.81
N GLU A 53 2.68 3.71 13.26
CA GLU A 53 2.89 3.39 14.66
C GLU A 53 4.38 3.12 14.93
N PRO A 54 4.87 3.64 16.09
CA PRO A 54 6.25 3.45 16.47
C PRO A 54 6.49 2.02 16.96
N ASP A 55 7.56 1.42 16.45
CA ASP A 55 7.91 0.07 16.83
C ASP A 55 6.94 -0.92 16.15
N SER A 56 6.11 -0.38 15.28
CA SER A 56 5.14 -1.18 14.57
C SER A 56 5.80 -1.83 13.36
N PRO A 57 4.99 -2.66 12.64
CA PRO A 57 5.49 -3.34 11.46
C PRO A 57 5.61 -2.38 10.27
N ALA A 58 4.59 -1.55 10.11
CA ALA A 58 4.57 -0.59 9.03
C ALA A 58 5.80 0.32 9.14
N GLU A 59 6.34 0.39 10.34
CA GLU A 59 7.52 1.21 10.59
C GLU A 59 8.79 0.40 10.32
N ARG A 60 8.77 -0.84 10.79
CA ARG A 60 9.92 -1.72 10.61
C ARG A 60 10.27 -1.82 9.12
N CYS A 61 9.31 -1.45 8.28
CA CYS A 61 9.51 -1.49 6.84
C CYS A 61 10.63 -0.52 6.49
N GLY A 62 10.81 0.47 7.34
CA GLY A 62 11.86 1.47 7.12
C GLY A 62 11.52 2.36 5.92
N LEU A 63 11.41 1.71 4.76
CA LEU A 63 11.11 2.43 3.54
C LEU A 63 9.76 3.13 3.68
N LEU A 64 8.91 2.55 4.53
CA LEU A 64 7.59 3.11 4.78
C LEU A 64 7.73 4.38 5.60
N GLN A 65 6.96 5.39 5.20
CA GLN A 65 6.99 6.67 5.90
C GLN A 65 5.82 7.54 5.44
N VAL A 66 5.37 8.39 6.35
CA VAL A 66 4.26 9.28 6.05
C VAL A 66 4.46 9.88 4.66
N GLY A 67 3.41 9.77 3.85
CA GLY A 67 3.46 10.30 2.50
C GLY A 67 3.53 9.17 1.47
N ASP A 68 3.73 7.96 1.97
CA ASP A 68 3.82 6.80 1.12
C ASP A 68 2.42 6.43 0.62
N ARG A 69 2.31 6.26 -0.69
CA ARG A 69 1.04 5.90 -1.30
C ARG A 69 0.79 4.40 -1.16
N VAL A 70 -0.44 4.02 -1.49
CA VAL A 70 -0.83 2.62 -1.40
C VAL A 70 -1.69 2.27 -2.60
N LEU A 71 -1.02 1.84 -3.68
CA LEU A 71 -1.72 1.47 -4.89
C LEU A 71 -2.78 0.42 -4.56
N SER A 72 -2.31 -0.73 -4.11
CA SER A 72 -3.21 -1.82 -3.76
C SER A 72 -2.90 -2.31 -2.34
N ILE A 73 -3.82 -3.12 -1.82
CA ILE A 73 -3.66 -3.66 -0.48
C ILE A 73 -4.00 -5.15 -0.49
N ASN A 74 -2.95 -5.95 -0.29
CA ASN A 74 -3.12 -7.39 -0.28
C ASN A 74 -3.27 -7.90 -1.71
N GLY A 75 -3.17 -6.97 -2.65
CA GLY A 75 -3.30 -7.30 -4.06
C GLY A 75 -4.54 -6.64 -4.65
N ILE A 76 -5.27 -5.93 -3.81
CA ILE A 76 -6.48 -5.25 -4.25
C ILE A 76 -6.20 -3.75 -4.38
N ALA A 77 -6.51 -3.23 -5.55
CA ALA A 77 -6.30 -1.81 -5.82
C ALA A 77 -7.20 -0.99 -4.90
N THR A 78 -6.59 0.00 -4.24
CA THR A 78 -7.32 0.86 -3.35
C THR A 78 -8.22 1.83 -4.13
N GLU A 79 -7.95 1.90 -5.43
CA GLU A 79 -8.71 2.78 -6.30
C GLU A 79 -9.99 2.07 -6.77
N ASP A 80 -9.97 0.75 -6.66
CA ASP A 80 -11.11 -0.04 -7.07
C ASP A 80 -12.00 -0.31 -5.85
N GLY A 81 -12.20 0.73 -5.06
CA GLY A 81 -13.02 0.63 -3.87
C GLY A 81 -13.15 1.98 -3.17
N THR A 82 -13.72 1.94 -1.97
CA THR A 82 -13.90 3.15 -1.20
C THR A 82 -12.85 3.24 -0.09
N MET A 83 -12.66 4.46 0.40
CA MET A 83 -11.69 4.69 1.46
C MET A 83 -11.76 3.61 2.52
N GLU A 84 -12.91 3.56 3.19
CA GLU A 84 -13.12 2.58 4.24
C GLU A 84 -12.66 1.20 3.78
N GLU A 85 -13.25 0.74 2.68
CA GLU A 85 -12.90 -0.56 2.13
C GLU A 85 -11.39 -0.79 2.24
N ALA A 86 -10.64 0.23 1.86
CA ALA A 86 -9.19 0.16 1.92
C ALA A 86 -8.74 -0.16 3.34
N ASN A 87 -9.29 0.60 4.28
CA ASN A 87 -8.96 0.41 5.68
C ASN A 87 -9.41 -0.97 6.13
N GLN A 88 -10.64 -1.32 5.74
CA GLN A 88 -11.20 -2.60 6.10
C GLN A 88 -10.31 -3.73 5.58
N LEU A 89 -9.92 -3.61 4.32
CA LEU A 89 -9.06 -4.60 3.70
C LEU A 89 -7.88 -4.90 4.62
N LEU A 90 -7.47 -3.88 5.35
CA LEU A 90 -6.35 -4.01 6.26
C LEU A 90 -6.80 -4.80 7.50
N ARG A 91 -8.03 -4.54 7.90
CA ARG A 91 -8.60 -5.22 9.06
C ARG A 91 -8.54 -6.74 8.87
N ASP A 92 -9.19 -7.19 7.80
CA ASP A 92 -9.22 -8.61 7.50
C ASP A 92 -7.78 -9.13 7.34
N ALA A 93 -6.97 -8.32 6.67
CA ALA A 93 -5.58 -8.68 6.45
C ALA A 93 -4.91 -8.94 7.79
N ALA A 94 -5.08 -7.99 8.69
CA ALA A 94 -4.48 -8.10 10.02
C ALA A 94 -4.85 -9.45 10.63
N LEU A 95 -6.09 -9.84 10.41
CA LEU A 95 -6.59 -11.11 10.93
C LEU A 95 -5.78 -12.25 10.31
N ALA A 96 -5.17 -11.95 9.17
CA ALA A 96 -4.37 -12.95 8.47
C ALA A 96 -2.98 -13.02 9.11
N HIS A 97 -2.63 -11.96 9.82
CA HIS A 97 -1.35 -11.89 10.49
C HIS A 97 -0.29 -11.39 9.51
N LYS A 98 -0.70 -11.20 8.27
CA LYS A 98 0.19 -10.74 7.23
C LYS A 98 -0.62 -9.99 6.16
N VAL A 99 0.05 -9.05 5.51
CA VAL A 99 -0.59 -8.27 4.46
C VAL A 99 0.48 -7.71 3.52
N VAL A 100 0.07 -7.51 2.27
CA VAL A 100 0.98 -6.99 1.27
C VAL A 100 0.51 -5.60 0.84
N LEU A 101 1.45 -4.67 0.85
CA LEU A 101 1.16 -3.30 0.47
C LEU A 101 1.98 -2.92 -0.76
N GLU A 102 1.37 -2.13 -1.63
CA GLU A 102 2.03 -1.70 -2.85
C GLU A 102 2.08 -0.17 -2.91
N VAL A 103 3.29 0.36 -2.83
CA VAL A 103 3.48 1.80 -2.88
C VAL A 103 3.95 2.20 -4.27
N GLU A 104 3.80 3.48 -4.56
CA GLU A 104 4.21 4.01 -5.87
C GLU A 104 5.01 5.29 -5.68
N PHE A 105 6.30 5.20 -6.03
CA PHE A 105 7.18 6.34 -5.91
C PHE A 105 8.23 6.34 -7.04
N ASP A 106 8.93 7.46 -7.16
CA ASP A 106 9.95 7.59 -8.18
C ASP A 106 11.32 7.43 -7.54
N SER A 107 11.32 7.01 -6.28
CA SER A 107 12.55 6.80 -5.54
C SER A 107 13.42 8.06 -5.62
N GLY A 108 13.36 8.85 -4.58
CA GLY A 108 14.14 10.08 -4.52
C GLY A 108 15.08 10.08 -3.30
N PRO A 109 15.52 11.32 -2.92
CA PRO A 109 16.41 11.47 -1.78
C PRO A 109 15.65 11.29 -0.47
N SER A 110 15.05 10.13 -0.32
CA SER A 110 14.29 9.82 0.89
C SER A 110 15.24 9.57 2.06
N SER A 111 14.92 10.18 3.19
CA SER A 111 15.73 10.03 4.38
C SER A 111 15.16 10.89 5.52
N GLY A 112 14.88 10.23 6.63
CA GLY A 112 14.34 10.92 7.78
C GLY A 112 12.92 11.43 7.50
N GLY A 1 1.52 -34.03 -20.12
CA GLY A 1 2.59 -33.18 -19.60
C GLY A 1 3.08 -32.20 -20.65
N SER A 2 3.16 -30.94 -20.26
CA SER A 2 3.61 -29.89 -21.17
C SER A 2 3.77 -28.57 -20.41
N SER A 3 5.02 -28.22 -20.16
CA SER A 3 5.32 -26.99 -19.46
C SER A 3 6.70 -26.47 -19.87
N GLY A 4 6.72 -25.19 -20.24
CA GLY A 4 7.96 -24.56 -20.67
C GLY A 4 7.77 -23.06 -20.89
N SER A 5 7.40 -22.71 -22.12
CA SER A 5 7.18 -21.32 -22.47
C SER A 5 6.33 -20.65 -21.39
N SER A 6 6.37 -19.31 -21.40
CA SER A 6 5.61 -18.53 -20.44
C SER A 6 5.30 -17.15 -21.02
N GLY A 7 6.35 -16.43 -21.35
CA GLY A 7 6.21 -15.10 -21.91
C GLY A 7 6.99 -14.07 -21.10
N GLY A 8 6.27 -13.33 -20.28
CA GLY A 8 6.88 -12.31 -19.45
C GLY A 8 6.11 -10.99 -19.55
N GLY A 9 6.86 -9.89 -19.40
CA GLY A 9 6.27 -8.57 -19.47
C GLY A 9 7.32 -7.52 -19.85
N GLN A 10 7.05 -6.83 -20.94
CA GLN A 10 7.96 -5.80 -21.41
C GLN A 10 7.45 -4.41 -21.00
N ILE A 11 8.40 -3.51 -20.77
CA ILE A 11 8.06 -2.16 -20.37
C ILE A 11 7.34 -2.19 -19.03
N VAL A 12 7.66 -1.20 -18.20
CA VAL A 12 7.04 -1.10 -16.88
C VAL A 12 6.67 0.35 -16.60
N HIS A 13 5.50 0.52 -15.99
CA HIS A 13 5.02 1.85 -15.66
C HIS A 13 5.34 2.17 -14.20
N THR A 14 6.27 3.08 -14.00
CA THR A 14 6.67 3.47 -12.67
C THR A 14 7.13 2.26 -11.87
N GLU A 15 7.78 2.53 -10.74
CA GLU A 15 8.28 1.48 -9.88
C GLU A 15 7.32 1.26 -8.71
N THR A 16 7.34 0.04 -8.18
CA THR A 16 6.49 -0.30 -7.05
C THR A 16 7.22 -1.25 -6.10
N THR A 17 6.84 -1.18 -4.83
CA THR A 17 7.44 -2.01 -3.82
C THR A 17 6.38 -2.78 -3.05
N GLU A 18 6.75 -3.96 -2.57
CA GLU A 18 5.83 -4.79 -1.82
C GLU A 18 6.29 -4.91 -0.36
N VAL A 19 5.44 -4.41 0.53
CA VAL A 19 5.75 -4.46 1.95
C VAL A 19 4.91 -5.54 2.62
N VAL A 20 5.58 -6.39 3.38
CA VAL A 20 4.91 -7.47 4.07
C VAL A 20 5.01 -7.25 5.59
N LEU A 21 3.86 -7.15 6.21
CA LEU A 21 3.80 -6.92 7.65
C LEU A 21 3.12 -8.13 8.31
N CYS A 22 3.59 -8.45 9.51
CA CYS A 22 3.04 -9.56 10.26
C CYS A 22 2.67 -9.06 11.66
N GLY A 23 1.38 -9.05 11.93
CA GLY A 23 0.89 -8.60 13.22
C GLY A 23 -0.35 -9.41 13.65
N ASP A 24 -0.92 -8.99 14.76
CA ASP A 24 -2.10 -9.65 15.28
C ASP A 24 -3.36 -8.90 14.83
N PRO A 25 -4.52 -9.59 14.96
CA PRO A 25 -5.79 -8.99 14.54
C PRO A 25 -6.25 -7.95 15.57
N LEU A 26 -5.74 -8.07 16.78
CA LEU A 26 -6.09 -7.15 17.84
C LEU A 26 -5.13 -5.96 17.82
N SER A 27 -3.84 -6.27 17.87
CA SER A 27 -2.82 -5.24 17.85
C SER A 27 -2.68 -4.67 16.44
N GLY A 28 -3.37 -5.31 15.50
CA GLY A 28 -3.32 -4.88 14.12
C GLY A 28 -1.88 -4.83 13.60
N PHE A 29 -1.60 -3.79 12.84
CA PHE A 29 -0.27 -3.61 12.28
C PHE A 29 0.40 -2.35 12.84
N GLY A 30 0.14 -1.23 12.18
CA GLY A 30 0.70 0.04 12.60
C GLY A 30 0.92 0.96 11.40
N LEU A 31 -0.18 1.37 10.79
CA LEU A 31 -0.13 2.26 9.65
C LEU A 31 -1.49 2.93 9.46
N GLN A 32 -1.44 4.23 9.22
CA GLN A 32 -2.66 5.00 9.02
C GLN A 32 -2.72 5.52 7.58
N LEU A 33 -3.89 5.31 6.96
CA LEU A 33 -4.09 5.75 5.60
C LEU A 33 -4.74 7.14 5.60
N GLN A 34 -4.58 7.82 4.48
CA GLN A 34 -5.15 9.16 4.34
C GLN A 34 -5.74 9.34 2.95
N GLY A 35 -7.06 9.52 2.91
CA GLY A 35 -7.76 9.71 1.65
C GLY A 35 -8.97 10.63 1.84
N GLY A 36 -9.93 10.47 0.93
CA GLY A 36 -11.13 11.27 0.98
C GLY A 36 -11.71 11.33 2.40
N ILE A 37 -12.49 12.37 2.65
CA ILE A 37 -13.10 12.56 3.96
C ILE A 37 -14.13 11.44 4.19
N PHE A 38 -15.01 11.28 3.22
CA PHE A 38 -16.04 10.27 3.31
C PHE A 38 -15.51 8.90 2.88
N ALA A 39 -15.87 7.88 3.64
CA ALA A 39 -15.43 6.53 3.34
C ALA A 39 -16.32 5.95 2.24
N THR A 40 -17.62 6.17 2.40
CA THR A 40 -18.58 5.66 1.43
C THR A 40 -18.44 6.40 0.10
N GLU A 41 -17.43 5.99 -0.65
CA GLU A 41 -17.17 6.61 -1.95
C GLU A 41 -15.85 6.08 -2.53
N THR A 42 -15.87 5.84 -3.83
CA THR A 42 -14.69 5.34 -4.51
C THR A 42 -13.51 6.29 -4.30
N LEU A 43 -12.31 5.76 -4.53
CA LEU A 43 -11.10 6.54 -4.37
C LEU A 43 -10.50 6.84 -5.74
N SER A 44 -10.40 8.11 -6.06
CA SER A 44 -9.85 8.54 -7.34
C SER A 44 -8.32 8.49 -7.29
N SER A 45 -7.80 8.61 -6.07
CA SER A 45 -6.35 8.58 -5.89
C SER A 45 -6.01 7.68 -4.70
N PRO A 46 -4.71 7.25 -4.65
CA PRO A 46 -4.24 6.39 -3.58
C PRO A 46 -4.07 7.18 -2.28
N PRO A 47 -4.48 6.52 -1.16
CA PRO A 47 -4.36 7.14 0.15
C PRO A 47 -2.91 7.16 0.63
N LEU A 48 -2.54 8.27 1.23
CA LEU A 48 -1.19 8.43 1.75
C LEU A 48 -1.14 7.96 3.21
N VAL A 49 0.08 7.75 3.69
CA VAL A 49 0.27 7.30 5.05
C VAL A 49 0.04 8.48 6.01
N CYS A 50 -1.18 8.56 6.51
CA CYS A 50 -1.55 9.63 7.43
C CYS A 50 -0.57 9.60 8.60
N PHE A 51 -0.44 8.42 9.21
CA PHE A 51 0.46 8.26 10.34
C PHE A 51 0.94 6.80 10.43
N ILE A 52 1.96 6.62 11.27
CA ILE A 52 2.53 5.29 11.46
C ILE A 52 2.78 5.06 12.95
N GLU A 53 2.63 3.80 13.35
CA GLU A 53 2.84 3.44 14.75
C GLU A 53 4.34 3.32 15.04
N PRO A 54 4.73 3.85 16.23
CA PRO A 54 6.12 3.80 16.65
C PRO A 54 6.52 2.40 17.10
N ASP A 55 7.53 1.86 16.44
CA ASP A 55 8.01 0.52 16.76
C ASP A 55 7.05 -0.51 16.20
N SER A 56 6.22 -0.06 15.26
CA SER A 56 5.25 -0.93 14.63
C SER A 56 5.91 -1.72 13.48
N PRO A 57 5.09 -2.61 12.86
CA PRO A 57 5.58 -3.41 11.75
C PRO A 57 5.72 -2.57 10.48
N ALA A 58 4.71 -1.75 10.24
CA ALA A 58 4.70 -0.90 9.06
C ALA A 58 5.94 0.01 9.09
N GLU A 59 6.35 0.35 10.30
CA GLU A 59 7.50 1.21 10.48
C GLU A 59 8.79 0.39 10.41
N ARG A 60 8.72 -0.80 10.98
CA ARG A 60 9.87 -1.69 10.99
C ARG A 60 10.41 -1.87 9.57
N CYS A 61 9.48 -1.97 8.62
CA CYS A 61 9.86 -2.16 7.23
C CYS A 61 10.64 -0.92 6.77
N GLY A 62 10.33 0.21 7.41
CA GLY A 62 11.00 1.45 7.08
C GLY A 62 10.47 2.03 5.76
N LEU A 63 10.50 1.19 4.73
CA LEU A 63 10.03 1.60 3.42
C LEU A 63 8.80 2.49 3.58
N LEU A 64 7.83 1.97 4.32
CA LEU A 64 6.60 2.71 4.56
C LEU A 64 6.89 3.94 5.41
N GLN A 65 6.19 5.01 5.11
CA GLN A 65 6.37 6.26 5.84
C GLN A 65 5.25 7.25 5.49
N VAL A 66 5.11 8.25 6.33
CA VAL A 66 4.09 9.27 6.12
C VAL A 66 4.37 10.00 4.81
N GLY A 67 3.33 10.10 3.99
CA GLY A 67 3.44 10.77 2.71
C GLY A 67 3.40 9.75 1.56
N ASP A 68 3.88 8.56 1.85
CA ASP A 68 3.90 7.50 0.84
C ASP A 68 2.53 7.42 0.17
N ARG A 69 2.47 6.58 -0.86
CA ARG A 69 1.23 6.40 -1.60
C ARG A 69 0.88 4.91 -1.69
N VAL A 70 -0.30 4.58 -1.20
CA VAL A 70 -0.76 3.21 -1.22
C VAL A 70 -1.56 2.96 -2.51
N LEU A 71 -1.00 2.13 -3.37
CA LEU A 71 -1.64 1.79 -4.63
C LEU A 71 -2.73 0.75 -4.39
N SER A 72 -2.32 -0.34 -3.78
CA SER A 72 -3.25 -1.44 -3.49
C SER A 72 -2.91 -2.05 -2.13
N ILE A 73 -3.84 -2.86 -1.64
CA ILE A 73 -3.66 -3.52 -0.36
C ILE A 73 -3.92 -5.02 -0.52
N ASN A 74 -2.87 -5.80 -0.39
CA ASN A 74 -2.97 -7.24 -0.52
C ASN A 74 -3.30 -7.60 -1.97
N GLY A 75 -3.15 -6.61 -2.83
CA GLY A 75 -3.43 -6.81 -4.25
C GLY A 75 -4.75 -6.14 -4.65
N ILE A 76 -5.34 -5.45 -3.68
CA ILE A 76 -6.60 -4.77 -3.91
C ILE A 76 -6.34 -3.28 -4.15
N ALA A 77 -6.57 -2.87 -5.39
CA ALA A 77 -6.37 -1.48 -5.77
C ALA A 77 -7.35 -0.60 -5.01
N THR A 78 -6.80 0.24 -4.15
CA THR A 78 -7.62 1.15 -3.35
C THR A 78 -8.41 2.10 -4.26
N GLU A 79 -7.97 2.16 -5.51
CA GLU A 79 -8.62 3.02 -6.49
C GLU A 79 -9.85 2.33 -7.08
N ASP A 80 -9.90 1.02 -6.87
CA ASP A 80 -11.01 0.23 -7.37
C ASP A 80 -11.96 -0.10 -6.22
N GLY A 81 -11.92 0.76 -5.20
CA GLY A 81 -12.77 0.57 -4.03
C GLY A 81 -12.97 1.89 -3.29
N THR A 82 -13.40 1.78 -2.04
CA THR A 82 -13.64 2.94 -1.22
C THR A 82 -12.63 3.00 -0.06
N MET A 83 -12.40 4.22 0.41
CA MET A 83 -11.46 4.42 1.51
C MET A 83 -11.58 3.30 2.54
N GLU A 84 -12.76 3.19 3.13
CA GLU A 84 -13.01 2.17 4.13
C GLU A 84 -12.44 0.83 3.67
N GLU A 85 -12.89 0.40 2.49
CA GLU A 85 -12.43 -0.86 1.94
C GLU A 85 -10.93 -1.04 2.20
N ALA A 86 -10.16 -0.06 1.76
CA ALA A 86 -8.72 -0.10 1.93
C ALA A 86 -8.40 -0.42 3.40
N ASN A 87 -9.05 0.31 4.29
CA ASN A 87 -8.85 0.12 5.72
C ASN A 87 -9.31 -1.28 6.11
N GLN A 88 -10.53 -1.60 5.69
CA GLN A 88 -11.10 -2.90 5.98
C GLN A 88 -10.12 -4.02 5.61
N LEU A 89 -9.38 -3.77 4.53
CA LEU A 89 -8.40 -4.74 4.05
C LEU A 89 -7.31 -4.92 5.11
N LEU A 90 -6.81 -3.79 5.59
CA LEU A 90 -5.77 -3.81 6.61
C LEU A 90 -6.25 -4.60 7.83
N ARG A 91 -7.56 -4.60 8.01
CA ARG A 91 -8.16 -5.30 9.12
C ARG A 91 -8.16 -6.81 8.86
N ASP A 92 -8.74 -7.17 7.73
CA ASP A 92 -8.82 -8.58 7.35
C ASP A 92 -7.39 -9.13 7.21
N ALA A 93 -6.51 -8.30 6.69
CA ALA A 93 -5.13 -8.70 6.50
C ALA A 93 -4.52 -9.06 7.86
N ALA A 94 -4.92 -8.30 8.87
CA ALA A 94 -4.41 -8.53 10.21
C ALA A 94 -4.88 -9.91 10.69
N LEU A 95 -6.11 -10.24 10.35
CA LEU A 95 -6.68 -11.53 10.74
C LEU A 95 -5.90 -12.65 10.04
N ALA A 96 -5.10 -12.26 9.07
CA ALA A 96 -4.30 -13.22 8.32
C ALA A 96 -2.88 -13.24 8.88
N HIS A 97 -2.61 -12.27 9.74
CA HIS A 97 -1.29 -12.16 10.36
C HIS A 97 -0.25 -11.80 9.29
N LYS A 98 -0.75 -11.47 8.10
CA LYS A 98 0.12 -11.11 7.00
C LYS A 98 -0.64 -10.17 6.06
N VAL A 99 0.09 -9.17 5.56
CA VAL A 99 -0.50 -8.20 4.64
C VAL A 99 0.54 -7.80 3.60
N VAL A 100 0.05 -7.24 2.50
CA VAL A 100 0.91 -6.81 1.42
C VAL A 100 0.50 -5.41 0.97
N LEU A 101 1.46 -4.50 1.01
CA LEU A 101 1.21 -3.13 0.59
C LEU A 101 2.00 -2.83 -0.68
N GLU A 102 1.48 -1.88 -1.45
CA GLU A 102 2.11 -1.50 -2.69
C GLU A 102 2.31 0.02 -2.74
N VAL A 103 3.57 0.43 -2.70
CA VAL A 103 3.91 1.84 -2.74
C VAL A 103 4.40 2.20 -4.14
N GLU A 104 4.17 3.46 -4.51
CA GLU A 104 4.58 3.94 -5.80
C GLU A 104 5.68 5.00 -5.65
N PHE A 105 6.60 5.00 -6.60
CA PHE A 105 7.70 5.95 -6.58
C PHE A 105 8.58 5.80 -7.82
N ASP A 106 9.33 6.85 -8.12
CA ASP A 106 10.21 6.85 -9.27
C ASP A 106 11.64 6.55 -8.82
N SER A 107 11.75 6.14 -7.57
CA SER A 107 13.04 5.81 -6.99
C SER A 107 13.94 7.05 -6.99
N GLY A 108 13.97 7.71 -5.83
CA GLY A 108 14.78 8.91 -5.68
C GLY A 108 14.33 9.72 -4.46
N PRO A 109 14.46 11.06 -4.59
CA PRO A 109 14.08 11.96 -3.51
C PRO A 109 12.56 12.07 -3.40
N SER A 110 12.09 12.37 -2.20
CA SER A 110 10.66 12.51 -1.96
C SER A 110 10.43 13.27 -0.66
N SER A 111 9.98 14.51 -0.80
CA SER A 111 9.72 15.35 0.36
C SER A 111 8.25 15.76 0.37
N GLY A 112 7.74 16.00 1.58
CA GLY A 112 6.36 16.40 1.75
C GLY A 112 6.12 17.81 1.19
N GLY A 1 31.42 -15.61 -34.95
CA GLY A 1 31.47 -14.31 -34.29
C GLY A 1 30.08 -13.74 -34.08
N SER A 2 29.62 -13.80 -32.84
CA SER A 2 28.31 -13.30 -32.49
C SER A 2 28.19 -11.82 -32.89
N SER A 3 26.96 -11.35 -32.95
CA SER A 3 26.70 -9.97 -33.32
C SER A 3 25.70 -9.35 -32.34
N GLY A 4 24.53 -9.97 -32.26
CA GLY A 4 23.49 -9.49 -31.36
C GLY A 4 23.20 -8.01 -31.60
N SER A 5 22.33 -7.46 -30.77
CA SER A 5 21.96 -6.06 -30.88
C SER A 5 20.97 -5.70 -29.78
N SER A 6 20.95 -4.41 -29.44
CA SER A 6 20.06 -3.92 -28.41
C SER A 6 19.51 -2.54 -28.81
N GLY A 7 20.43 -1.62 -29.06
CA GLY A 7 20.05 -0.28 -29.46
C GLY A 7 20.24 0.69 -28.29
N GLY A 8 19.11 1.16 -27.76
CA GLY A 8 19.13 2.09 -26.65
C GLY A 8 18.15 1.66 -25.55
N GLY A 9 17.79 2.63 -24.72
CA GLY A 9 16.85 2.36 -23.63
C GLY A 9 16.24 3.66 -23.12
N GLN A 10 14.92 3.71 -23.13
CA GLN A 10 14.20 4.87 -22.66
C GLN A 10 13.65 4.64 -21.25
N ILE A 11 13.48 5.73 -20.53
CA ILE A 11 12.97 5.66 -19.17
C ILE A 11 11.45 5.84 -19.19
N VAL A 12 10.78 4.95 -18.49
CA VAL A 12 9.32 5.01 -18.43
C VAL A 12 8.83 4.06 -17.33
N HIS A 13 7.54 4.15 -17.05
CA HIS A 13 6.93 3.31 -16.03
C HIS A 13 7.55 3.63 -14.67
N THR A 14 6.72 3.56 -13.64
CA THR A 14 7.17 3.83 -12.29
C THR A 14 7.58 2.54 -11.58
N GLU A 15 8.18 2.70 -10.41
CA GLU A 15 8.62 1.55 -9.63
C GLU A 15 7.60 1.24 -8.53
N THR A 16 7.56 -0.02 -8.14
CA THR A 16 6.65 -0.47 -7.10
C THR A 16 7.36 -1.38 -6.11
N THR A 17 6.96 -1.27 -4.85
CA THR A 17 7.55 -2.09 -3.80
C THR A 17 6.46 -2.81 -3.02
N GLU A 18 6.73 -4.08 -2.72
CA GLU A 18 5.79 -4.89 -1.98
C GLU A 18 6.25 -5.04 -0.52
N VAL A 19 5.44 -4.51 0.39
CA VAL A 19 5.75 -4.58 1.80
C VAL A 19 4.93 -5.69 2.44
N VAL A 20 5.58 -6.45 3.30
CA VAL A 20 4.92 -7.54 3.99
C VAL A 20 5.01 -7.32 5.51
N LEU A 21 3.87 -7.01 6.09
CA LEU A 21 3.81 -6.76 7.52
C LEU A 21 3.14 -7.96 8.21
N CYS A 22 3.62 -8.24 9.41
CA CYS A 22 3.08 -9.36 10.18
C CYS A 22 2.73 -8.85 11.59
N GLY A 23 1.44 -8.84 11.87
CA GLY A 23 0.97 -8.39 13.16
C GLY A 23 -0.22 -9.24 13.64
N ASP A 24 -0.74 -8.85 14.79
CA ASP A 24 -1.88 -9.56 15.37
C ASP A 24 -3.18 -8.96 14.84
N PRO A 25 -4.29 -9.70 15.07
CA PRO A 25 -5.59 -9.25 14.62
C PRO A 25 -6.13 -8.13 15.50
N LEU A 26 -5.63 -8.11 16.73
CA LEU A 26 -6.04 -7.09 17.69
C LEU A 26 -5.08 -5.90 17.62
N SER A 27 -3.79 -6.23 17.62
CA SER A 27 -2.76 -5.20 17.55
C SER A 27 -2.64 -4.67 16.12
N GLY A 28 -3.42 -5.27 15.23
CA GLY A 28 -3.41 -4.89 13.84
C GLY A 28 -1.99 -4.85 13.29
N PHE A 29 -1.56 -3.66 12.89
CA PHE A 29 -0.23 -3.48 12.34
C PHE A 29 0.43 -2.23 12.91
N GLY A 30 0.18 -1.11 12.25
CA GLY A 30 0.75 0.17 12.67
C GLY A 30 0.96 1.09 11.47
N LEU A 31 -0.14 1.47 10.85
CA LEU A 31 -0.08 2.36 9.69
C LEU A 31 -1.45 2.98 9.46
N GLN A 32 -1.44 4.29 9.26
CA GLN A 32 -2.68 5.02 9.03
C GLN A 32 -2.74 5.52 7.58
N LEU A 33 -3.91 5.37 6.99
CA LEU A 33 -4.12 5.80 5.62
C LEU A 33 -4.79 7.17 5.61
N GLN A 34 -4.52 7.93 4.55
CA GLN A 34 -5.10 9.25 4.40
C GLN A 34 -5.77 9.40 3.04
N GLY A 35 -7.05 9.72 3.08
CA GLY A 35 -7.82 9.89 1.86
C GLY A 35 -9.08 10.71 2.11
N GLY A 36 -10.11 10.44 1.31
CA GLY A 36 -11.37 11.14 1.44
C GLY A 36 -11.93 11.01 2.86
N ILE A 37 -12.86 11.90 3.17
CA ILE A 37 -13.49 11.89 4.48
C ILE A 37 -14.64 10.88 4.50
N PHE A 38 -15.47 10.96 3.47
CA PHE A 38 -16.60 10.07 3.34
C PHE A 38 -16.15 8.67 2.92
N ALA A 39 -15.96 7.82 3.91
CA ALA A 39 -15.52 6.46 3.65
C ALA A 39 -16.30 5.90 2.46
N THR A 40 -17.62 5.91 2.59
CA THR A 40 -18.48 5.41 1.54
C THR A 40 -18.33 6.26 0.28
N GLU A 41 -17.30 5.95 -0.48
CA GLU A 41 -17.03 6.68 -1.72
C GLU A 41 -15.72 6.21 -2.35
N THR A 42 -15.79 5.91 -3.64
CA THR A 42 -14.63 5.44 -4.36
C THR A 42 -13.46 6.41 -4.17
N LEU A 43 -12.26 5.90 -4.40
CA LEU A 43 -11.06 6.70 -4.25
C LEU A 43 -10.45 6.95 -5.64
N SER A 44 -10.48 8.21 -6.04
CA SER A 44 -9.94 8.60 -7.33
C SER A 44 -8.41 8.50 -7.31
N SER A 45 -7.86 8.61 -6.11
CA SER A 45 -6.42 8.53 -5.95
C SER A 45 -6.08 7.63 -4.76
N PRO A 46 -4.79 7.20 -4.72
CA PRO A 46 -4.33 6.34 -3.64
C PRO A 46 -4.15 7.13 -2.35
N PRO A 47 -4.53 6.48 -1.22
CA PRO A 47 -4.41 7.11 0.09
C PRO A 47 -2.96 7.14 0.55
N LEU A 48 -2.57 8.26 1.14
CA LEU A 48 -1.22 8.41 1.64
C LEU A 48 -1.15 7.94 3.09
N VAL A 49 0.08 7.71 3.55
CA VAL A 49 0.29 7.25 4.91
C VAL A 49 0.08 8.43 5.87
N CYS A 50 -1.16 8.55 6.34
CA CYS A 50 -1.50 9.61 7.27
C CYS A 50 -0.49 9.60 8.41
N PHE A 51 -0.46 8.48 9.12
CA PHE A 51 0.45 8.33 10.24
C PHE A 51 0.95 6.89 10.35
N ILE A 52 1.95 6.70 11.20
CA ILE A 52 2.52 5.38 11.41
C ILE A 52 2.80 5.17 12.90
N GLU A 53 2.61 3.94 13.34
CA GLU A 53 2.83 3.60 14.74
C GLU A 53 4.34 3.47 15.02
N PRO A 54 4.75 4.04 16.18
CA PRO A 54 6.15 3.99 16.58
C PRO A 54 6.54 2.60 17.07
N ASP A 55 7.56 2.04 16.45
CA ASP A 55 8.04 0.72 16.82
C ASP A 55 7.08 -0.34 16.26
N SER A 56 6.21 0.12 15.36
CA SER A 56 5.26 -0.77 14.73
C SER A 56 5.93 -1.56 13.60
N PRO A 57 5.13 -2.47 12.97
CA PRO A 57 5.63 -3.28 11.88
C PRO A 57 5.78 -2.46 10.60
N ALA A 58 4.76 -1.65 10.33
CA ALA A 58 4.77 -0.81 9.15
C ALA A 58 6.02 0.07 9.15
N GLU A 59 6.39 0.50 10.34
CA GLU A 59 7.56 1.35 10.50
C GLU A 59 8.83 0.51 10.45
N ARG A 60 8.74 -0.68 11.03
CA ARG A 60 9.87 -1.60 11.06
C ARG A 60 10.40 -1.84 9.65
N CYS A 61 9.47 -1.93 8.71
CA CYS A 61 9.82 -2.16 7.32
C CYS A 61 10.63 -0.95 6.83
N GLY A 62 10.34 0.20 7.43
CA GLY A 62 11.03 1.42 7.07
C GLY A 62 10.49 1.97 5.74
N LEU A 63 10.49 1.11 4.74
CA LEU A 63 10.01 1.49 3.42
C LEU A 63 8.70 2.29 3.57
N LEU A 64 7.92 1.89 4.54
CA LEU A 64 6.65 2.56 4.81
C LEU A 64 6.91 3.84 5.60
N GLN A 65 6.36 4.93 5.09
CA GLN A 65 6.52 6.22 5.74
C GLN A 65 5.40 7.16 5.33
N VAL A 66 5.28 8.25 6.08
CA VAL A 66 4.25 9.24 5.81
C VAL A 66 4.44 9.81 4.40
N GLY A 67 3.34 9.92 3.69
CA GLY A 67 3.39 10.45 2.33
C GLY A 67 3.31 9.31 1.31
N ASP A 68 3.86 8.18 1.68
CA ASP A 68 3.86 7.02 0.80
C ASP A 68 2.47 6.83 0.21
N ARG A 69 2.46 6.50 -1.07
CA ARG A 69 1.20 6.29 -1.77
C ARG A 69 0.86 4.79 -1.84
N VAL A 70 -0.32 4.46 -1.35
CA VAL A 70 -0.76 3.08 -1.35
C VAL A 70 -1.62 2.82 -2.60
N LEU A 71 -1.06 2.02 -3.50
CA LEU A 71 -1.75 1.68 -4.73
C LEU A 71 -2.80 0.61 -4.44
N SER A 72 -2.33 -0.51 -3.91
CA SER A 72 -3.21 -1.61 -3.58
C SER A 72 -2.88 -2.17 -2.19
N ILE A 73 -3.77 -3.00 -1.69
CA ILE A 73 -3.58 -3.61 -0.38
C ILE A 73 -4.01 -5.08 -0.43
N ASN A 74 -3.03 -5.95 -0.26
CA ASN A 74 -3.29 -7.39 -0.29
C ASN A 74 -3.50 -7.83 -1.73
N GLY A 75 -3.35 -6.88 -2.64
CA GLY A 75 -3.52 -7.17 -4.06
C GLY A 75 -4.73 -6.42 -4.63
N ILE A 76 -5.42 -5.71 -3.74
CA ILE A 76 -6.59 -4.95 -4.14
C ILE A 76 -6.21 -3.47 -4.28
N ALA A 77 -6.57 -2.92 -5.43
CA ALA A 77 -6.28 -1.52 -5.70
C ALA A 77 -7.22 -0.63 -4.90
N THR A 78 -6.64 0.34 -4.21
CA THR A 78 -7.41 1.26 -3.41
C THR A 78 -8.25 2.19 -4.30
N GLU A 79 -7.68 2.51 -5.45
CA GLU A 79 -8.36 3.39 -6.40
C GLU A 79 -9.59 2.70 -6.97
N ASP A 80 -9.64 1.39 -6.77
CA ASP A 80 -10.75 0.59 -7.27
C ASP A 80 -11.63 0.17 -6.10
N GLY A 81 -11.79 1.09 -5.16
CA GLY A 81 -12.61 0.83 -3.98
C GLY A 81 -12.86 2.12 -3.19
N THR A 82 -13.40 1.95 -1.99
CA THR A 82 -13.69 3.08 -1.14
C THR A 82 -12.72 3.12 0.04
N MET A 83 -12.49 4.32 0.55
CA MET A 83 -11.59 4.50 1.67
C MET A 83 -11.72 3.36 2.68
N GLU A 84 -12.95 3.20 3.17
CA GLU A 84 -13.22 2.15 4.13
C GLU A 84 -12.61 0.82 3.68
N GLU A 85 -13.08 0.37 2.52
CA GLU A 85 -12.59 -0.88 1.95
C GLU A 85 -11.09 -1.02 2.20
N ALA A 86 -10.37 0.05 1.88
CA ALA A 86 -8.92 0.06 2.06
C ALA A 86 -8.59 -0.27 3.52
N ASN A 87 -9.23 0.46 4.42
CA ASN A 87 -9.02 0.27 5.84
C ASN A 87 -9.45 -1.15 6.23
N GLN A 88 -10.62 -1.52 5.74
CA GLN A 88 -11.17 -2.85 6.02
C GLN A 88 -10.21 -3.93 5.54
N LEU A 89 -9.69 -3.72 4.33
CA LEU A 89 -8.76 -4.67 3.75
C LEU A 89 -7.60 -4.91 4.73
N LEU A 90 -7.24 -3.86 5.44
CA LEU A 90 -6.16 -3.94 6.41
C LEU A 90 -6.63 -4.75 7.62
N ARG A 91 -7.92 -4.66 7.88
CA ARG A 91 -8.50 -5.38 9.01
C ARG A 91 -8.37 -6.89 8.80
N ASP A 92 -8.94 -7.36 7.70
CA ASP A 92 -8.89 -8.78 7.38
C ASP A 92 -7.43 -9.22 7.27
N ALA A 93 -6.66 -8.42 6.55
CA ALA A 93 -5.25 -8.72 6.35
C ALA A 93 -4.62 -9.06 7.71
N ALA A 94 -4.94 -8.25 8.70
CA ALA A 94 -4.42 -8.46 10.04
C ALA A 94 -4.84 -9.84 10.54
N LEU A 95 -6.09 -10.18 10.27
CA LEU A 95 -6.63 -11.47 10.68
C LEU A 95 -5.85 -12.58 10.00
N ALA A 96 -5.09 -12.20 8.97
CA ALA A 96 -4.29 -13.16 8.23
C ALA A 96 -2.86 -13.16 8.78
N HIS A 97 -2.61 -12.21 9.67
CA HIS A 97 -1.28 -12.09 10.28
C HIS A 97 -0.27 -11.69 9.20
N LYS A 98 -0.78 -11.29 8.05
CA LYS A 98 0.07 -10.89 6.95
C LYS A 98 -0.69 -9.90 6.06
N VAL A 99 0.05 -8.93 5.54
CA VAL A 99 -0.54 -7.91 4.68
C VAL A 99 0.48 -7.51 3.61
N VAL A 100 -0.05 -7.15 2.45
CA VAL A 100 0.79 -6.76 1.33
C VAL A 100 0.46 -5.31 0.95
N LEU A 101 1.48 -4.48 0.94
CA LEU A 101 1.31 -3.08 0.59
C LEU A 101 2.15 -2.76 -0.65
N GLU A 102 1.55 -2.01 -1.57
CA GLU A 102 2.22 -1.64 -2.79
C GLU A 102 2.38 -0.12 -2.86
N VAL A 103 3.63 0.33 -2.79
CA VAL A 103 3.93 1.75 -2.86
C VAL A 103 4.46 2.09 -4.24
N GLU A 104 4.21 3.33 -4.65
CA GLU A 104 4.67 3.80 -5.95
C GLU A 104 5.73 4.88 -5.78
N PHE A 105 6.71 4.85 -6.68
CA PHE A 105 7.80 5.82 -6.64
C PHE A 105 8.79 5.56 -7.78
N ASP A 106 9.67 6.53 -7.97
CA ASP A 106 10.68 6.43 -9.02
C ASP A 106 12.05 6.17 -8.37
N SER A 107 12.56 4.97 -8.64
CA SER A 107 13.85 4.58 -8.09
C SER A 107 14.96 5.42 -8.73
N GLY A 108 15.44 6.39 -7.96
CA GLY A 108 16.50 7.27 -8.43
C GLY A 108 16.39 8.65 -7.79
N PRO A 109 17.59 9.28 -7.58
CA PRO A 109 17.63 10.60 -6.98
C PRO A 109 17.20 11.67 -7.97
N SER A 110 16.35 12.58 -7.48
CA SER A 110 15.86 13.66 -8.32
C SER A 110 16.12 15.01 -7.64
N SER A 111 16.21 16.03 -8.46
CA SER A 111 16.46 17.37 -7.95
C SER A 111 15.34 18.32 -8.40
N GLY A 112 15.04 19.29 -7.55
CA GLY A 112 14.00 20.25 -7.84
C GLY A 112 12.61 19.64 -7.64
N GLY A 1 23.81 -5.15 -33.70
CA GLY A 1 25.08 -5.59 -33.18
C GLY A 1 26.15 -5.61 -34.28
N SER A 2 26.11 -6.66 -35.08
CA SER A 2 27.06 -6.81 -36.16
C SER A 2 28.47 -7.03 -35.61
N SER A 3 28.92 -8.27 -35.67
CA SER A 3 30.24 -8.62 -35.18
C SER A 3 30.36 -8.24 -33.70
N GLY A 4 29.79 -9.08 -32.86
CA GLY A 4 29.82 -8.85 -31.42
C GLY A 4 28.58 -9.43 -30.74
N SER A 5 27.47 -8.73 -30.92
CA SER A 5 26.21 -9.16 -30.33
C SER A 5 26.28 -9.04 -28.81
N SER A 6 25.82 -7.90 -28.32
CA SER A 6 25.82 -7.65 -26.88
C SER A 6 24.46 -7.09 -26.45
N GLY A 7 24.05 -7.50 -25.26
CA GLY A 7 22.78 -7.05 -24.71
C GLY A 7 22.94 -5.73 -23.95
N GLY A 8 21.83 -5.27 -23.40
CA GLY A 8 21.83 -4.02 -22.65
C GLY A 8 20.96 -4.14 -21.40
N GLY A 9 19.71 -3.72 -21.55
CA GLY A 9 18.77 -3.78 -20.44
C GLY A 9 17.35 -3.48 -20.92
N GLN A 10 16.47 -3.23 -19.95
CA GLN A 10 15.09 -2.94 -20.26
C GLN A 10 14.64 -1.66 -19.53
N ILE A 11 13.45 -1.20 -19.89
CA ILE A 11 12.90 0.00 -19.29
C ILE A 11 11.59 -0.35 -18.58
N VAL A 12 11.27 0.45 -17.57
CA VAL A 12 10.05 0.24 -16.81
C VAL A 12 9.37 1.59 -16.56
N HIS A 13 8.05 1.59 -16.75
CA HIS A 13 7.28 2.80 -16.55
C HIS A 13 7.52 3.35 -15.14
N THR A 14 6.94 2.66 -14.17
CA THR A 14 7.09 3.06 -12.78
C THR A 14 7.54 1.88 -11.92
N GLU A 15 8.15 2.21 -10.79
CA GLU A 15 8.63 1.18 -9.89
C GLU A 15 7.65 1.00 -8.72
N THR A 16 7.78 -0.14 -8.06
CA THR A 16 6.92 -0.44 -6.92
C THR A 16 7.62 -1.40 -5.96
N THR A 17 7.23 -1.30 -4.70
CA THR A 17 7.83 -2.15 -3.67
C THR A 17 6.73 -2.86 -2.88
N GLU A 18 6.97 -4.13 -2.59
CA GLU A 18 6.02 -4.93 -1.84
C GLU A 18 6.36 -4.92 -0.36
N VAL A 19 5.43 -4.39 0.43
CA VAL A 19 5.63 -4.30 1.87
C VAL A 19 4.81 -5.40 2.55
N VAL A 20 5.52 -6.25 3.27
CA VAL A 20 4.88 -7.35 3.99
C VAL A 20 4.97 -7.11 5.49
N LEU A 21 3.80 -6.93 6.09
CA LEU A 21 3.73 -6.69 7.52
C LEU A 21 3.07 -7.88 8.21
N CYS A 22 3.52 -8.15 9.43
CA CYS A 22 2.99 -9.26 10.20
C CYS A 22 2.60 -8.74 11.59
N GLY A 23 1.30 -8.78 11.86
CA GLY A 23 0.79 -8.33 13.15
C GLY A 23 -0.40 -9.17 13.59
N ASP A 24 -0.93 -8.82 14.75
CA ASP A 24 -2.07 -9.54 15.31
C ASP A 24 -3.36 -8.89 14.82
N PRO A 25 -4.48 -9.62 15.02
CA PRO A 25 -5.79 -9.13 14.59
C PRO A 25 -6.29 -8.04 15.54
N LEU A 26 -5.76 -8.06 16.75
CA LEU A 26 -6.15 -7.08 17.75
C LEU A 26 -5.21 -5.88 17.67
N SER A 27 -3.91 -6.18 17.59
CA SER A 27 -2.91 -5.14 17.51
C SER A 27 -2.77 -4.65 16.06
N GLY A 28 -3.57 -5.26 15.20
CA GLY A 28 -3.55 -4.91 13.79
C GLY A 28 -2.11 -4.84 13.26
N PHE A 29 -1.74 -3.65 12.80
CA PHE A 29 -0.40 -3.45 12.27
C PHE A 29 0.24 -2.19 12.86
N GLY A 30 -0.02 -1.06 12.21
CA GLY A 30 0.51 0.20 12.67
C GLY A 30 0.75 1.15 11.49
N LEU A 31 -0.33 1.46 10.78
CA LEU A 31 -0.25 2.34 9.64
C LEU A 31 -1.59 3.05 9.45
N GLN A 32 -1.52 4.33 9.13
CA GLN A 32 -2.71 5.12 8.92
C GLN A 32 -2.78 5.62 7.48
N LEU A 33 -3.94 5.40 6.86
CA LEU A 33 -4.13 5.81 5.48
C LEU A 33 -4.75 7.21 5.46
N GLN A 34 -4.50 7.91 4.36
CA GLN A 34 -5.01 9.26 4.20
C GLN A 34 -5.76 9.39 2.88
N GLY A 35 -7.07 9.60 2.99
CA GLY A 35 -7.90 9.75 1.81
C GLY A 35 -9.19 10.51 2.15
N GLY A 36 -10.26 10.11 1.46
CA GLY A 36 -11.55 10.75 1.68
C GLY A 36 -11.94 10.72 3.16
N ILE A 37 -12.85 11.62 3.51
CA ILE A 37 -13.31 11.70 4.89
C ILE A 37 -14.41 10.66 5.11
N PHE A 38 -15.36 10.63 4.19
CA PHE A 38 -16.47 9.70 4.28
C PHE A 38 -16.02 8.29 3.87
N ALA A 39 -16.34 7.34 4.73
CA ALA A 39 -16.00 5.95 4.48
C ALA A 39 -16.41 5.58 3.06
N THR A 40 -17.53 6.13 2.63
CA THR A 40 -18.05 5.86 1.31
C THR A 40 -17.27 6.68 0.26
N GLU A 41 -17.83 6.71 -0.95
CA GLU A 41 -17.20 7.45 -2.03
C GLU A 41 -15.91 6.75 -2.47
N THR A 42 -15.92 6.28 -3.71
CA THR A 42 -14.75 5.60 -4.25
C THR A 42 -13.51 6.49 -4.14
N LEU A 43 -12.35 5.84 -4.21
CA LEU A 43 -11.10 6.55 -4.12
C LEU A 43 -10.54 6.78 -5.52
N SER A 44 -10.46 8.06 -5.90
CA SER A 44 -9.95 8.43 -7.21
C SER A 44 -8.42 8.32 -7.22
N SER A 45 -7.84 8.47 -6.03
CA SER A 45 -6.39 8.39 -5.90
C SER A 45 -6.03 7.52 -4.70
N PRO A 46 -4.74 7.09 -4.69
CA PRO A 46 -4.25 6.26 -3.60
C PRO A 46 -4.02 7.08 -2.33
N PRO A 47 -4.42 6.47 -1.18
CA PRO A 47 -4.27 7.14 0.11
C PRO A 47 -2.80 7.13 0.56
N LEU A 48 -2.39 8.25 1.14
CA LEU A 48 -1.02 8.39 1.61
C LEU A 48 -0.96 7.97 3.08
N VAL A 49 0.26 7.69 3.54
CA VAL A 49 0.47 7.29 4.92
C VAL A 49 0.26 8.48 5.84
N CYS A 50 -0.98 8.63 6.31
CA CYS A 50 -1.32 9.72 7.19
C CYS A 50 -0.35 9.69 8.38
N PHE A 51 -0.27 8.53 9.01
CA PHE A 51 0.60 8.36 10.16
C PHE A 51 1.04 6.90 10.30
N ILE A 52 2.04 6.69 11.15
CA ILE A 52 2.55 5.36 11.39
C ILE A 52 2.78 5.16 12.89
N GLU A 53 2.52 3.94 13.34
CA GLU A 53 2.69 3.61 14.74
C GLU A 53 4.17 3.43 15.07
N PRO A 54 4.55 3.88 16.29
CA PRO A 54 5.93 3.77 16.73
C PRO A 54 6.27 2.33 17.13
N ASP A 55 7.41 1.87 16.66
CA ASP A 55 7.86 0.51 16.96
C ASP A 55 6.89 -0.48 16.34
N SER A 56 6.03 0.04 15.46
CA SER A 56 5.05 -0.80 14.78
C SER A 56 5.71 -1.55 13.62
N PRO A 57 4.89 -2.40 12.95
CA PRO A 57 5.38 -3.17 11.82
C PRO A 57 5.56 -2.30 10.58
N ALA A 58 4.57 -1.45 10.35
CA ALA A 58 4.60 -0.56 9.21
C ALA A 58 5.82 0.36 9.31
N GLU A 59 6.25 0.57 10.55
CA GLU A 59 7.40 1.41 10.80
C GLU A 59 8.69 0.61 10.68
N ARG A 60 8.66 -0.59 11.24
CA ARG A 60 9.82 -1.46 11.20
C ARG A 60 10.32 -1.61 9.76
N CYS A 61 9.38 -1.52 8.83
CA CYS A 61 9.71 -1.64 7.43
C CYS A 61 10.65 -0.49 7.04
N GLY A 62 10.49 0.62 7.75
CA GLY A 62 11.31 1.79 7.51
C GLY A 62 10.99 2.39 6.13
N LEU A 63 11.19 1.59 5.10
CA LEU A 63 10.94 2.03 3.74
C LEU A 63 9.64 2.85 3.71
N LEU A 64 8.65 2.35 4.44
CA LEU A 64 7.35 3.01 4.51
C LEU A 64 7.48 4.26 5.39
N GLN A 65 6.73 5.29 5.01
CA GLN A 65 6.75 6.54 5.75
C GLN A 65 5.63 7.45 5.26
N VAL A 66 5.29 8.43 6.10
CA VAL A 66 4.25 9.37 5.75
C VAL A 66 4.56 10.01 4.41
N GLY A 67 3.52 10.12 3.58
CA GLY A 67 3.67 10.70 2.26
C GLY A 67 3.59 9.63 1.18
N ASP A 68 4.07 8.44 1.52
CA ASP A 68 4.05 7.33 0.59
C ASP A 68 2.66 7.23 -0.06
N ARG A 69 2.57 6.35 -1.05
CA ARG A 69 1.31 6.15 -1.74
C ARG A 69 0.97 4.66 -1.79
N VAL A 70 -0.26 4.35 -1.42
CA VAL A 70 -0.73 2.98 -1.42
C VAL A 70 -1.56 2.72 -2.67
N LEU A 71 -0.98 1.97 -3.58
CA LEU A 71 -1.66 1.65 -4.83
C LEU A 71 -2.70 0.55 -4.57
N SER A 72 -2.22 -0.57 -4.06
CA SER A 72 -3.10 -1.69 -3.78
C SER A 72 -2.69 -2.35 -2.45
N ILE A 73 -3.63 -3.05 -1.85
CA ILE A 73 -3.38 -3.73 -0.59
C ILE A 73 -3.81 -5.19 -0.71
N ASN A 74 -2.82 -6.07 -0.58
CA ASN A 74 -3.08 -7.50 -0.67
C ASN A 74 -3.43 -7.85 -2.11
N GLY A 75 -3.19 -6.90 -3.00
CA GLY A 75 -3.49 -7.10 -4.40
C GLY A 75 -4.75 -6.34 -4.82
N ILE A 76 -5.38 -5.72 -3.83
CA ILE A 76 -6.59 -4.97 -4.07
C ILE A 76 -6.24 -3.49 -4.29
N ALA A 77 -6.72 -2.95 -5.40
CA ALA A 77 -6.46 -1.56 -5.74
C ALA A 77 -7.35 -0.66 -4.86
N THR A 78 -6.70 0.29 -4.20
CA THR A 78 -7.42 1.21 -3.34
C THR A 78 -8.32 2.13 -4.17
N GLU A 79 -7.94 2.28 -5.43
CA GLU A 79 -8.71 3.13 -6.34
C GLU A 79 -9.97 2.41 -6.79
N ASP A 80 -10.03 1.11 -6.49
CA ASP A 80 -11.18 0.31 -6.85
C ASP A 80 -12.02 0.03 -5.60
N GLY A 81 -12.10 1.06 -4.75
CA GLY A 81 -12.88 0.94 -3.52
C GLY A 81 -12.85 2.26 -2.74
N THR A 82 -13.70 2.31 -1.72
CA THR A 82 -13.79 3.50 -0.89
C THR A 82 -12.77 3.43 0.24
N MET A 83 -12.61 4.56 0.92
CA MET A 83 -11.67 4.65 2.03
C MET A 83 -11.80 3.44 2.96
N GLU A 84 -13.04 3.13 3.29
CA GLU A 84 -13.32 2.01 4.18
C GLU A 84 -12.68 0.74 3.64
N GLU A 85 -13.02 0.42 2.40
CA GLU A 85 -12.48 -0.77 1.75
C GLU A 85 -11.01 -0.95 2.12
N ALA A 86 -10.25 0.13 1.96
CA ALA A 86 -8.84 0.11 2.26
C ALA A 86 -8.64 -0.35 3.71
N ASN A 87 -9.23 0.41 4.63
CA ASN A 87 -9.13 0.09 6.03
C ASN A 87 -9.58 -1.35 6.27
N GLN A 88 -10.67 -1.71 5.60
CA GLN A 88 -11.22 -3.05 5.72
C GLN A 88 -10.22 -4.08 5.19
N LEU A 89 -9.61 -3.74 4.06
CA LEU A 89 -8.63 -4.63 3.45
C LEU A 89 -7.47 -4.85 4.43
N LEU A 90 -7.17 -3.81 5.19
CA LEU A 90 -6.08 -3.88 6.16
C LEU A 90 -6.53 -4.74 7.34
N ARG A 91 -7.84 -4.79 7.55
CA ARG A 91 -8.39 -5.56 8.63
C ARG A 91 -8.23 -7.06 8.36
N ASP A 92 -9.00 -7.53 7.38
CA ASP A 92 -8.95 -8.94 7.01
C ASP A 92 -7.49 -9.40 6.95
N ALA A 93 -6.65 -8.53 6.38
CA ALA A 93 -5.24 -8.83 6.25
C ALA A 93 -4.66 -9.14 7.63
N ALA A 94 -4.98 -8.27 8.58
CA ALA A 94 -4.51 -8.44 9.94
C ALA A 94 -4.97 -9.80 10.48
N LEU A 95 -6.22 -10.12 10.18
CA LEU A 95 -6.78 -11.38 10.62
C LEU A 95 -6.00 -12.54 9.99
N ALA A 96 -5.21 -12.20 8.99
CA ALA A 96 -4.40 -13.20 8.29
C ALA A 96 -2.99 -13.20 8.88
N HIS A 97 -2.74 -12.23 9.74
CA HIS A 97 -1.43 -12.11 10.37
C HIS A 97 -0.37 -11.78 9.31
N LYS A 98 -0.86 -11.45 8.12
CA LYS A 98 0.03 -11.12 7.02
C LYS A 98 -0.71 -10.19 6.05
N VAL A 99 0.03 -9.23 5.52
CA VAL A 99 -0.53 -8.27 4.59
C VAL A 99 0.53 -7.90 3.55
N VAL A 100 0.06 -7.31 2.46
CA VAL A 100 0.95 -6.91 1.38
C VAL A 100 0.49 -5.56 0.84
N LEU A 101 1.45 -4.65 0.71
CA LEU A 101 1.16 -3.31 0.20
C LEU A 101 2.11 -3.00 -0.97
N GLU A 102 1.62 -2.16 -1.86
CA GLU A 102 2.41 -1.78 -3.03
C GLU A 102 2.53 -0.25 -3.09
N VAL A 103 3.77 0.22 -2.91
CA VAL A 103 4.03 1.65 -2.94
C VAL A 103 4.53 2.02 -4.34
N GLU A 104 4.23 3.26 -4.73
CA GLU A 104 4.65 3.76 -6.03
C GLU A 104 5.71 4.84 -5.86
N PHE A 105 6.67 4.82 -6.79
CA PHE A 105 7.75 5.79 -6.76
C PHE A 105 8.64 5.65 -7.99
N ASP A 106 9.56 6.60 -8.12
CA ASP A 106 10.49 6.59 -9.25
C ASP A 106 11.90 6.33 -8.75
N SER A 107 11.98 5.93 -7.48
CA SER A 107 13.27 5.64 -6.86
C SER A 107 14.17 6.87 -6.94
N GLY A 108 14.02 7.73 -5.95
CA GLY A 108 14.82 8.95 -5.89
C GLY A 108 14.31 9.89 -4.79
N PRO A 109 15.22 10.79 -4.35
CA PRO A 109 14.87 11.75 -3.30
C PRO A 109 14.00 12.87 -3.86
N SER A 110 13.09 13.34 -3.01
CA SER A 110 12.18 14.40 -3.41
C SER A 110 11.58 15.06 -2.16
N SER A 111 10.84 14.25 -1.40
CA SER A 111 10.22 14.75 -0.19
C SER A 111 9.26 15.89 -0.51
N GLY A 112 7.99 15.54 -0.64
CA GLY A 112 6.96 16.52 -0.94
C GLY A 112 5.57 15.98 -0.61
N GLY A 1 -2.58 -2.47 -9.84
CA GLY A 1 -2.34 -1.30 -10.68
C GLY A 1 -2.09 -1.70 -12.13
N SER A 2 -0.90 -1.40 -12.60
CA SER A 2 -0.52 -1.73 -13.96
C SER A 2 0.11 -3.12 -14.01
N SER A 3 -0.58 -4.03 -14.67
CA SER A 3 -0.10 -5.39 -14.81
C SER A 3 0.10 -5.74 -16.29
N GLY A 4 1.33 -5.58 -16.74
CA GLY A 4 1.66 -5.87 -18.12
C GLY A 4 2.17 -7.31 -18.27
N SER A 5 1.51 -8.05 -19.17
CA SER A 5 1.88 -9.42 -19.42
C SER A 5 2.02 -9.67 -20.92
N SER A 6 3.22 -9.38 -21.42
CA SER A 6 3.49 -9.56 -22.83
C SER A 6 5.00 -9.61 -23.06
N GLY A 7 5.67 -8.54 -22.66
CA GLY A 7 7.11 -8.45 -22.81
C GLY A 7 7.60 -7.02 -22.58
N GLY A 8 8.60 -6.92 -21.72
CA GLY A 8 9.17 -5.62 -21.39
C GLY A 8 10.67 -5.58 -21.69
N GLY A 9 11.38 -4.81 -20.88
CA GLY A 9 12.82 -4.68 -21.06
C GLY A 9 13.27 -3.24 -20.82
N GLN A 10 13.50 -2.92 -19.55
CA GLN A 10 13.93 -1.58 -19.17
C GLN A 10 12.80 -0.58 -19.39
N ILE A 11 12.91 0.54 -18.69
CA ILE A 11 11.90 1.59 -18.79
C ILE A 11 10.57 1.05 -18.26
N VAL A 12 9.95 1.84 -17.39
CA VAL A 12 8.68 1.46 -16.80
C VAL A 12 7.99 2.70 -16.23
N HIS A 13 6.68 2.73 -16.36
CA HIS A 13 5.89 3.84 -15.85
C HIS A 13 5.85 3.80 -14.32
N THR A 14 6.92 4.29 -13.71
CA THR A 14 7.02 4.30 -12.27
C THR A 14 7.41 2.93 -11.74
N GLU A 15 7.64 2.87 -10.44
CA GLU A 15 8.03 1.63 -9.80
C GLU A 15 7.01 1.25 -8.72
N THR A 16 7.17 0.04 -8.20
CA THR A 16 6.27 -0.45 -7.17
C THR A 16 7.05 -1.32 -6.17
N THR A 17 6.68 -1.18 -4.90
CA THR A 17 7.33 -1.93 -3.85
C THR A 17 6.29 -2.70 -3.03
N GLU A 18 6.58 -3.99 -2.82
CA GLU A 18 5.68 -4.84 -2.07
C GLU A 18 6.23 -5.06 -0.66
N VAL A 19 5.48 -4.56 0.32
CA VAL A 19 5.88 -4.70 1.71
C VAL A 19 4.99 -5.74 2.39
N VAL A 20 5.62 -6.60 3.17
CA VAL A 20 4.89 -7.65 3.88
C VAL A 20 4.95 -7.36 5.38
N LEU A 21 3.82 -6.89 5.91
CA LEU A 21 3.72 -6.58 7.32
C LEU A 21 3.04 -7.74 8.05
N CYS A 22 3.41 -7.90 9.31
CA CYS A 22 2.85 -8.96 10.13
C CYS A 22 2.41 -8.37 11.46
N GLY A 23 1.37 -8.95 12.02
CA GLY A 23 0.84 -8.49 13.29
C GLY A 23 -0.33 -9.35 13.75
N ASP A 24 -0.95 -8.94 14.86
CA ASP A 24 -2.07 -9.67 15.40
C ASP A 24 -3.37 -9.04 14.89
N PRO A 25 -4.49 -9.78 15.10
CA PRO A 25 -5.80 -9.31 14.66
C PRO A 25 -6.31 -8.21 15.59
N LEU A 26 -5.71 -8.13 16.76
CA LEU A 26 -6.09 -7.13 17.74
C LEU A 26 -5.10 -5.97 17.70
N SER A 27 -3.83 -6.32 17.71
CA SER A 27 -2.77 -5.32 17.68
C SER A 27 -2.71 -4.66 16.30
N GLY A 28 -3.17 -5.40 15.31
CA GLY A 28 -3.19 -4.90 13.95
C GLY A 28 -1.77 -4.87 13.36
N PHE A 29 -1.34 -3.66 13.02
CA PHE A 29 -0.02 -3.48 12.45
C PHE A 29 0.63 -2.19 12.98
N GLY A 30 0.38 -1.10 12.27
CA GLY A 30 0.94 0.19 12.67
C GLY A 30 1.16 1.09 11.45
N LEU A 31 0.05 1.45 10.82
CA LEU A 31 0.11 2.30 9.64
C LEU A 31 -1.26 2.94 9.42
N GLN A 32 -1.24 4.25 9.21
CA GLN A 32 -2.47 4.98 8.99
C GLN A 32 -2.51 5.51 7.55
N LEU A 33 -3.66 5.31 6.91
CA LEU A 33 -3.84 5.76 5.54
C LEU A 33 -4.47 7.15 5.54
N GLN A 34 -4.37 7.81 4.39
CA GLN A 34 -4.92 9.14 4.24
C GLN A 34 -5.57 9.30 2.87
N GLY A 35 -6.89 9.42 2.89
CA GLY A 35 -7.64 9.58 1.66
C GLY A 35 -8.76 10.61 1.83
N GLY A 36 -9.74 10.53 0.93
CA GLY A 36 -10.86 11.45 0.97
C GLY A 36 -11.70 11.23 2.23
N ILE A 37 -12.59 12.17 2.48
CA ILE A 37 -13.46 12.10 3.64
C ILE A 37 -14.50 11.01 3.42
N PHE A 38 -15.66 11.43 2.91
CA PHE A 38 -16.75 10.50 2.65
C PHE A 38 -16.23 9.23 1.98
N ALA A 39 -16.30 8.12 2.72
CA ALA A 39 -15.84 6.85 2.21
C ALA A 39 -16.73 6.44 1.03
N THR A 40 -18.01 6.31 1.31
CA THR A 40 -18.97 5.91 0.27
C THR A 40 -18.82 6.81 -0.95
N GLU A 41 -18.09 6.30 -1.93
CA GLU A 41 -17.87 7.05 -3.16
C GLU A 41 -16.69 6.46 -3.93
N THR A 42 -15.80 5.81 -3.20
CA THR A 42 -14.64 5.20 -3.80
C THR A 42 -13.50 6.23 -3.92
N LEU A 43 -12.29 5.76 -3.64
CA LEU A 43 -11.12 6.61 -3.71
C LEU A 43 -10.68 6.75 -5.17
N SER A 44 -10.56 7.99 -5.61
CA SER A 44 -10.15 8.28 -6.97
C SER A 44 -8.63 8.20 -7.08
N SER A 45 -7.97 8.38 -5.95
CA SER A 45 -6.52 8.34 -5.91
C SER A 45 -6.05 7.49 -4.73
N PRO A 46 -4.75 7.10 -4.77
CA PRO A 46 -4.16 6.30 -3.72
C PRO A 46 -3.91 7.13 -2.46
N PRO A 47 -4.29 6.56 -1.29
CA PRO A 47 -4.11 7.24 -0.03
C PRO A 47 -2.64 7.21 0.41
N LEU A 48 -2.30 8.16 1.27
CA LEU A 48 -0.93 8.25 1.76
C LEU A 48 -0.88 7.77 3.21
N VAL A 49 0.34 7.64 3.71
CA VAL A 49 0.53 7.18 5.07
C VAL A 49 0.34 8.36 6.04
N CYS A 50 -0.90 8.54 6.44
CA CYS A 50 -1.24 9.61 7.36
C CYS A 50 -0.26 9.58 8.53
N PHE A 51 -0.26 8.46 9.23
CA PHE A 51 0.61 8.28 10.37
C PHE A 51 1.11 6.83 10.46
N ILE A 52 2.07 6.62 11.36
CA ILE A 52 2.63 5.30 11.55
C ILE A 52 2.94 5.09 13.04
N GLU A 53 2.76 3.85 13.48
CA GLU A 53 3.01 3.52 14.86
C GLU A 53 4.51 3.37 15.11
N PRO A 54 4.96 3.91 16.27
CA PRO A 54 6.36 3.84 16.65
C PRO A 54 6.74 2.44 17.11
N ASP A 55 7.80 1.91 16.51
CA ASP A 55 8.27 0.58 16.85
C ASP A 55 7.33 -0.46 16.25
N SER A 56 6.40 0.02 15.44
CA SER A 56 5.43 -0.85 14.79
C SER A 56 6.10 -1.62 13.65
N PRO A 57 5.30 -2.49 13.00
CA PRO A 57 5.80 -3.29 11.89
C PRO A 57 5.95 -2.44 10.63
N ALA A 58 4.96 -1.59 10.41
CA ALA A 58 4.97 -0.72 9.25
C ALA A 58 6.18 0.22 9.32
N GLU A 59 6.61 0.47 10.54
CA GLU A 59 7.76 1.33 10.77
C GLU A 59 9.06 0.53 10.70
N ARG A 60 8.97 -0.71 11.16
CA ARG A 60 10.13 -1.59 11.16
C ARG A 60 10.62 -1.81 9.72
N CYS A 61 9.67 -1.85 8.81
CA CYS A 61 9.99 -2.06 7.41
C CYS A 61 10.83 -0.88 6.93
N GLY A 62 10.62 0.26 7.56
CA GLY A 62 11.35 1.46 7.21
C GLY A 62 10.82 2.07 5.91
N LEU A 63 10.79 1.23 4.88
CA LEU A 63 10.32 1.67 3.58
C LEU A 63 9.12 2.59 3.76
N LEU A 64 8.13 2.10 4.49
CA LEU A 64 6.92 2.87 4.76
C LEU A 64 7.29 4.14 5.52
N GLN A 65 6.46 5.16 5.36
CA GLN A 65 6.69 6.43 6.02
C GLN A 65 5.58 7.41 5.67
N VAL A 66 5.49 8.47 6.47
CA VAL A 66 4.49 9.50 6.25
C VAL A 66 4.72 10.16 4.90
N GLY A 67 3.69 10.08 4.06
CA GLY A 67 3.76 10.66 2.73
C GLY A 67 3.69 9.58 1.65
N ASP A 68 4.16 8.39 2.01
CA ASP A 68 4.15 7.27 1.08
C ASP A 68 2.76 7.16 0.44
N ARG A 69 2.66 6.26 -0.52
CA ARG A 69 1.41 6.05 -1.23
C ARG A 69 1.03 4.57 -1.20
N VAL A 70 -0.27 4.33 -1.33
CA VAL A 70 -0.78 2.96 -1.32
C VAL A 70 -1.62 2.73 -2.57
N LEU A 71 -1.06 1.97 -3.49
CA LEU A 71 -1.74 1.66 -4.74
C LEU A 71 -2.83 0.62 -4.48
N SER A 72 -2.40 -0.53 -3.97
CA SER A 72 -3.33 -1.60 -3.66
C SER A 72 -2.96 -2.25 -2.32
N ILE A 73 -3.89 -3.03 -1.80
CA ILE A 73 -3.68 -3.71 -0.54
C ILE A 73 -4.11 -5.17 -0.67
N ASN A 74 -3.16 -6.06 -0.45
CA ASN A 74 -3.43 -7.49 -0.54
C ASN A 74 -3.77 -7.85 -1.99
N GLY A 75 -3.52 -6.90 -2.88
CA GLY A 75 -3.80 -7.10 -4.29
C GLY A 75 -5.08 -6.38 -4.71
N ILE A 76 -5.56 -5.51 -3.82
CA ILE A 76 -6.77 -4.75 -4.08
C ILE A 76 -6.42 -3.27 -4.17
N ALA A 77 -6.71 -2.70 -5.34
CA ALA A 77 -6.44 -1.29 -5.56
C ALA A 77 -7.37 -0.45 -4.68
N THR A 78 -6.75 0.41 -3.88
CA THR A 78 -7.51 1.27 -2.99
C THR A 78 -8.41 2.21 -3.79
N GLU A 79 -7.97 2.48 -5.02
CA GLU A 79 -8.71 3.37 -5.90
C GLU A 79 -9.96 2.65 -6.44
N ASP A 80 -9.83 1.34 -6.62
CA ASP A 80 -10.92 0.54 -7.12
C ASP A 80 -12.02 0.47 -6.06
N GLY A 81 -11.63 0.71 -4.82
CA GLY A 81 -12.57 0.67 -3.71
C GLY A 81 -12.57 2.00 -2.94
N THR A 82 -13.34 2.02 -1.87
CA THR A 82 -13.43 3.21 -1.04
C THR A 82 -12.53 3.08 0.18
N MET A 83 -12.50 4.13 0.98
CA MET A 83 -11.69 4.15 2.18
C MET A 83 -11.98 2.93 3.05
N GLU A 84 -13.21 2.86 3.53
CA GLU A 84 -13.62 1.75 4.38
C GLU A 84 -13.10 0.43 3.80
N GLU A 85 -13.20 0.31 2.49
CA GLU A 85 -12.73 -0.89 1.82
C GLU A 85 -11.25 -1.13 2.09
N ALA A 86 -10.48 -0.06 1.99
CA ALA A 86 -9.06 -0.12 2.23
C ALA A 86 -8.81 -0.56 3.68
N ASN A 87 -9.30 0.25 4.60
CA ASN A 87 -9.13 -0.03 6.01
C ASN A 87 -9.59 -1.47 6.29
N GLN A 88 -10.77 -1.80 5.78
CA GLN A 88 -11.32 -3.13 5.96
C GLN A 88 -10.33 -4.18 5.48
N LEU A 89 -9.77 -3.94 4.30
CA LEU A 89 -8.81 -4.86 3.71
C LEU A 89 -7.66 -5.09 4.70
N LEU A 90 -7.26 -4.01 5.34
CA LEU A 90 -6.17 -4.07 6.31
C LEU A 90 -6.59 -4.98 7.48
N ARG A 91 -7.84 -4.81 7.89
CA ARG A 91 -8.38 -5.61 8.98
C ARG A 91 -8.19 -7.10 8.70
N ASP A 92 -8.83 -7.56 7.63
CA ASP A 92 -8.74 -8.96 7.25
C ASP A 92 -7.27 -9.38 7.22
N ALA A 93 -6.45 -8.54 6.61
CA ALA A 93 -5.03 -8.81 6.50
C ALA A 93 -4.49 -9.19 7.88
N ALA A 94 -4.79 -8.34 8.85
CA ALA A 94 -4.35 -8.57 10.21
C ALA A 94 -4.81 -9.96 10.67
N LEU A 95 -6.06 -10.26 10.35
CA LEU A 95 -6.63 -11.55 10.72
C LEU A 95 -5.85 -12.67 10.04
N ALA A 96 -5.06 -12.28 9.05
CA ALA A 96 -4.25 -13.23 8.31
C ALA A 96 -2.83 -13.23 8.87
N HIS A 97 -2.59 -12.32 9.81
CA HIS A 97 -1.28 -12.21 10.43
C HIS A 97 -0.26 -11.76 9.39
N LYS A 98 -0.77 -11.35 8.24
CA LYS A 98 0.09 -10.90 7.15
C LYS A 98 -0.68 -9.93 6.27
N VAL A 99 0.08 -9.12 5.54
CA VAL A 99 -0.53 -8.14 4.65
C VAL A 99 0.50 -7.71 3.59
N VAL A 100 -0.02 -7.18 2.50
CA VAL A 100 0.83 -6.73 1.41
C VAL A 100 0.45 -5.30 1.02
N LEU A 101 1.46 -4.45 0.96
CA LEU A 101 1.25 -3.06 0.59
C LEU A 101 2.05 -2.74 -0.68
N GLU A 102 1.40 -2.00 -1.57
CA GLU A 102 2.02 -1.62 -2.82
C GLU A 102 2.14 -0.09 -2.91
N VAL A 103 3.39 0.37 -2.84
CA VAL A 103 3.66 1.80 -2.91
C VAL A 103 4.15 2.15 -4.32
N GLU A 104 3.96 3.41 -4.67
CA GLU A 104 4.38 3.89 -5.98
C GLU A 104 5.41 5.01 -5.83
N PHE A 105 6.43 4.95 -6.68
CA PHE A 105 7.47 5.95 -6.65
C PHE A 105 8.49 5.72 -7.77
N ASP A 106 9.22 6.77 -8.09
CA ASP A 106 10.22 6.70 -9.15
C ASP A 106 11.54 6.20 -8.55
N SER A 107 11.92 4.99 -8.94
CA SER A 107 13.16 4.40 -8.46
C SER A 107 14.28 4.63 -9.48
N GLY A 108 14.89 5.80 -9.37
CA GLY A 108 15.98 6.16 -10.26
C GLY A 108 17.16 6.75 -9.48
N PRO A 109 18.17 7.25 -10.24
CA PRO A 109 19.35 7.83 -9.64
C PRO A 109 19.04 9.22 -9.07
N SER A 110 18.42 9.22 -7.91
CA SER A 110 18.07 10.46 -7.24
C SER A 110 19.21 11.47 -7.38
N SER A 111 18.84 12.74 -7.33
CA SER A 111 19.82 13.81 -7.45
C SER A 111 21.03 13.51 -6.56
N GLY A 112 22.15 13.30 -7.22
CA GLY A 112 23.39 13.01 -6.50
C GLY A 112 23.65 11.50 -6.46
N GLY A 1 -7.33 -2.67 -23.34
CA GLY A 1 -7.05 -3.62 -22.28
C GLY A 1 -6.22 -4.80 -22.80
N SER A 2 -6.79 -5.99 -22.66
CA SER A 2 -6.12 -7.20 -23.11
C SER A 2 -4.86 -7.43 -22.28
N SER A 3 -4.72 -8.66 -21.80
CA SER A 3 -3.57 -9.03 -20.99
C SER A 3 -3.34 -10.54 -21.07
N GLY A 4 -2.48 -10.92 -22.01
CA GLY A 4 -2.16 -12.33 -22.19
C GLY A 4 -0.96 -12.74 -21.35
N SER A 5 -0.50 -13.96 -21.57
CA SER A 5 0.64 -14.47 -20.84
C SER A 5 1.76 -13.43 -20.79
N SER A 6 2.69 -13.64 -19.88
CA SER A 6 3.81 -12.73 -19.71
C SER A 6 5.11 -13.51 -19.56
N GLY A 7 5.99 -13.31 -20.53
CA GLY A 7 7.28 -13.99 -20.51
C GLY A 7 8.36 -13.08 -19.90
N GLY A 8 8.94 -12.25 -20.75
CA GLY A 8 9.99 -11.34 -20.31
C GLY A 8 9.44 -9.93 -20.13
N GLY A 9 9.95 -9.26 -19.11
CA GLY A 9 9.52 -7.90 -18.81
C GLY A 9 9.39 -7.08 -20.09
N GLN A 10 8.47 -6.12 -20.06
CA GLN A 10 8.24 -5.27 -21.21
C GLN A 10 7.86 -3.86 -20.74
N ILE A 11 8.87 -3.00 -20.70
CA ILE A 11 8.66 -1.62 -20.29
C ILE A 11 8.19 -1.60 -18.83
N VAL A 12 8.56 -0.53 -18.15
CA VAL A 12 8.19 -0.38 -16.74
C VAL A 12 7.68 1.05 -16.51
N HIS A 13 6.38 1.20 -16.61
CA HIS A 13 5.76 2.51 -16.42
C HIS A 13 6.29 3.14 -15.13
N THR A 14 5.84 2.60 -14.01
CA THR A 14 6.26 3.10 -12.71
C THR A 14 6.77 1.96 -11.83
N GLU A 15 7.57 2.32 -10.84
CA GLU A 15 8.12 1.34 -9.93
C GLU A 15 7.18 1.10 -8.75
N THR A 16 7.26 -0.10 -8.21
CA THR A 16 6.40 -0.47 -7.08
C THR A 16 7.14 -1.44 -6.16
N THR A 17 7.03 -1.20 -4.86
CA THR A 17 7.67 -2.05 -3.88
C THR A 17 6.62 -2.82 -3.08
N GLU A 18 6.87 -4.11 -2.92
CA GLU A 18 5.96 -4.98 -2.19
C GLU A 18 6.55 -5.31 -0.81
N VAL A 19 5.72 -5.13 0.21
CA VAL A 19 6.14 -5.41 1.57
C VAL A 19 5.13 -6.36 2.23
N VAL A 20 5.66 -7.39 2.85
CA VAL A 20 4.82 -8.37 3.52
C VAL A 20 4.87 -8.14 5.03
N LEU A 21 3.86 -7.44 5.53
CA LEU A 21 3.78 -7.16 6.96
C LEU A 21 3.12 -8.32 7.67
N CYS A 22 3.53 -8.52 8.92
CA CYS A 22 2.99 -9.60 9.73
C CYS A 22 2.65 -9.04 11.11
N GLY A 23 1.36 -8.91 11.36
CA GLY A 23 0.89 -8.39 12.64
C GLY A 23 -0.25 -9.24 13.19
N ASP A 24 -0.76 -8.82 14.34
CA ASP A 24 -1.85 -9.53 14.99
C ASP A 24 -3.19 -8.90 14.59
N PRO A 25 -4.28 -9.64 14.89
CA PRO A 25 -5.62 -9.15 14.57
C PRO A 25 -6.05 -8.05 15.54
N LEU A 26 -5.79 -8.29 16.81
CA LEU A 26 -6.15 -7.33 17.84
C LEU A 26 -5.20 -6.13 17.76
N SER A 27 -3.91 -6.43 17.70
CA SER A 27 -2.90 -5.39 17.62
C SER A 27 -2.91 -4.77 16.22
N GLY A 28 -3.24 -5.59 15.24
CA GLY A 28 -3.29 -5.13 13.86
C GLY A 28 -1.88 -4.98 13.29
N PHE A 29 -1.60 -3.76 12.83
CA PHE A 29 -0.29 -3.46 12.25
C PHE A 29 0.29 -2.19 12.87
N GLY A 30 -0.05 -1.06 12.26
CA GLY A 30 0.43 0.22 12.73
C GLY A 30 0.66 1.18 11.57
N LEU A 31 -0.41 1.44 10.83
CA LEU A 31 -0.34 2.33 9.68
C LEU A 31 -1.68 3.02 9.50
N GLN A 32 -1.61 4.27 9.07
CA GLN A 32 -2.82 5.06 8.84
C GLN A 32 -2.86 5.58 7.41
N LEU A 33 -3.98 5.35 6.75
CA LEU A 33 -4.16 5.80 5.38
C LEU A 33 -4.77 7.19 5.38
N GLN A 34 -4.54 7.91 4.29
CA GLN A 34 -5.06 9.26 4.15
C GLN A 34 -5.70 9.43 2.78
N GLY A 35 -7.01 9.65 2.79
CA GLY A 35 -7.76 9.83 1.56
C GLY A 35 -8.94 10.77 1.77
N GLY A 36 -10.05 10.43 1.12
CA GLY A 36 -11.26 11.23 1.23
C GLY A 36 -11.71 11.35 2.68
N ILE A 37 -12.63 12.28 2.91
CA ILE A 37 -13.15 12.50 4.25
C ILE A 37 -14.18 11.42 4.58
N PHE A 38 -15.11 11.23 3.65
CA PHE A 38 -16.15 10.24 3.83
C PHE A 38 -15.62 8.83 3.58
N ALA A 39 -16.40 7.85 4.02
CA ALA A 39 -16.02 6.46 3.84
C ALA A 39 -16.71 5.90 2.60
N THR A 40 -18.01 6.13 2.52
CA THR A 40 -18.80 5.65 1.41
C THR A 40 -18.52 6.51 0.16
N GLU A 41 -17.39 6.23 -0.47
CA GLU A 41 -17.00 6.96 -1.66
C GLU A 41 -15.71 6.37 -2.24
N THR A 42 -15.77 6.06 -3.53
CA THR A 42 -14.62 5.50 -4.22
C THR A 42 -13.42 6.44 -4.12
N LEU A 43 -12.24 5.87 -4.31
CA LEU A 43 -11.01 6.65 -4.25
C LEU A 43 -10.47 6.84 -5.67
N SER A 44 -10.35 8.11 -6.06
CA SER A 44 -9.85 8.43 -7.38
C SER A 44 -8.32 8.37 -7.39
N SER A 45 -7.75 8.52 -6.20
CA SER A 45 -6.30 8.48 -6.05
C SER A 45 -5.92 7.60 -4.86
N PRO A 46 -4.62 7.20 -4.84
CA PRO A 46 -4.12 6.36 -3.77
C PRO A 46 -3.93 7.17 -2.48
N PRO A 47 -4.34 6.55 -1.35
CA PRO A 47 -4.23 7.20 -0.05
C PRO A 47 -2.78 7.19 0.44
N LEU A 48 -2.41 8.26 1.12
CA LEU A 48 -1.06 8.38 1.65
C LEU A 48 -1.05 7.93 3.12
N VAL A 49 0.15 7.71 3.63
CA VAL A 49 0.32 7.29 5.00
C VAL A 49 0.08 8.48 5.93
N CYS A 50 -1.15 8.59 6.40
CA CYS A 50 -1.52 9.67 7.30
C CYS A 50 -0.56 9.66 8.49
N PHE A 51 -0.51 8.51 9.15
CA PHE A 51 0.37 8.35 10.30
C PHE A 51 0.86 6.91 10.42
N ILE A 52 1.81 6.72 11.33
CA ILE A 52 2.38 5.40 11.55
C ILE A 52 2.62 5.20 13.05
N GLU A 53 2.31 3.99 13.50
CA GLU A 53 2.49 3.66 14.91
C GLU A 53 3.97 3.44 15.22
N PRO A 54 4.37 3.89 16.44
CA PRO A 54 5.75 3.75 16.86
C PRO A 54 6.06 2.31 17.26
N ASP A 55 7.27 1.87 16.90
CA ASP A 55 7.69 0.51 17.21
C ASP A 55 6.76 -0.48 16.51
N SER A 56 5.99 0.04 15.57
CA SER A 56 5.06 -0.79 14.83
C SER A 56 5.74 -1.38 13.59
N PRO A 57 4.95 -2.18 12.83
CA PRO A 57 5.47 -2.81 11.62
C PRO A 57 5.60 -1.79 10.48
N ALA A 58 4.54 -1.01 10.30
CA ALA A 58 4.52 -0.01 9.26
C ALA A 58 5.77 0.87 9.38
N GLU A 59 6.29 0.93 10.60
CA GLU A 59 7.47 1.74 10.88
C GLU A 59 8.73 0.88 10.72
N ARG A 60 8.68 -0.30 11.31
CA ARG A 60 9.81 -1.21 11.24
C ARG A 60 10.26 -1.40 9.80
N CYS A 61 9.32 -1.26 8.89
CA CYS A 61 9.60 -1.40 7.47
C CYS A 61 10.59 -0.31 7.07
N GLY A 62 10.52 0.80 7.80
CA GLY A 62 11.40 1.92 7.52
C GLY A 62 11.06 2.59 6.20
N LEU A 63 11.13 1.79 5.14
CA LEU A 63 10.83 2.27 3.80
C LEU A 63 9.47 2.97 3.81
N LEU A 64 8.59 2.45 4.65
CA LEU A 64 7.25 3.01 4.77
C LEU A 64 7.28 4.20 5.73
N GLN A 65 6.69 5.30 5.29
CA GLN A 65 6.65 6.50 6.10
C GLN A 65 5.54 7.44 5.60
N VAL A 66 5.13 8.34 6.47
CA VAL A 66 4.09 9.29 6.13
C VAL A 66 4.39 9.90 4.76
N GLY A 67 3.37 9.91 3.91
CA GLY A 67 3.52 10.45 2.58
C GLY A 67 3.48 9.34 1.52
N ASP A 68 4.06 8.20 1.89
CA ASP A 68 4.10 7.06 0.99
C ASP A 68 2.69 6.81 0.43
N ARG A 69 2.67 6.38 -0.82
CA ARG A 69 1.40 6.09 -1.48
C ARG A 69 1.08 4.60 -1.40
N VAL A 70 -0.20 4.30 -1.34
CA VAL A 70 -0.65 2.92 -1.26
C VAL A 70 -1.57 2.62 -2.45
N LEU A 71 -0.98 1.99 -3.45
CA LEU A 71 -1.72 1.64 -4.66
C LEU A 71 -2.76 0.56 -4.31
N SER A 72 -2.25 -0.57 -3.85
CA SER A 72 -3.12 -1.68 -3.49
C SER A 72 -2.75 -2.18 -2.08
N ILE A 73 -3.62 -3.02 -1.55
CA ILE A 73 -3.40 -3.59 -0.22
C ILE A 73 -3.77 -5.06 -0.24
N ASN A 74 -2.75 -5.89 -0.09
CA ASN A 74 -2.95 -7.34 -0.07
C ASN A 74 -3.15 -7.83 -1.51
N GLY A 75 -3.07 -6.88 -2.44
CA GLY A 75 -3.24 -7.20 -3.85
C GLY A 75 -4.51 -6.55 -4.40
N ILE A 76 -5.17 -5.79 -3.55
CA ILE A 76 -6.40 -5.12 -3.93
C ILE A 76 -6.11 -3.62 -4.10
N ALA A 77 -6.41 -3.12 -5.29
CA ALA A 77 -6.19 -1.72 -5.58
C ALA A 77 -7.13 -0.86 -4.73
N THR A 78 -6.60 0.26 -4.25
CA THR A 78 -7.38 1.15 -3.42
C THR A 78 -8.21 2.09 -4.29
N GLU A 79 -7.64 2.44 -5.44
CA GLU A 79 -8.33 3.33 -6.37
C GLU A 79 -9.58 2.64 -6.94
N ASP A 80 -9.66 1.35 -6.69
CA ASP A 80 -10.79 0.57 -7.17
C ASP A 80 -11.68 0.19 -5.99
N GLY A 81 -11.73 1.08 -5.01
CA GLY A 81 -12.53 0.85 -3.82
C GLY A 81 -12.76 2.16 -3.06
N THR A 82 -13.29 2.01 -1.86
CA THR A 82 -13.57 3.17 -1.01
C THR A 82 -12.58 3.22 0.16
N MET A 83 -12.52 4.38 0.79
CA MET A 83 -11.63 4.58 1.92
C MET A 83 -11.73 3.41 2.90
N GLU A 84 -12.92 3.26 3.48
CA GLU A 84 -13.17 2.20 4.43
C GLU A 84 -12.58 0.87 3.92
N GLU A 85 -13.02 0.50 2.73
CA GLU A 85 -12.55 -0.74 2.12
C GLU A 85 -11.05 -0.91 2.35
N ALA A 86 -10.32 0.18 2.15
CA ALA A 86 -8.88 0.16 2.33
C ALA A 86 -8.57 -0.22 3.79
N ASN A 87 -9.16 0.54 4.70
CA ASN A 87 -8.95 0.30 6.12
C ASN A 87 -9.40 -1.12 6.47
N GLN A 88 -10.51 -1.52 5.86
CA GLN A 88 -11.07 -2.84 6.08
C GLN A 88 -10.12 -3.91 5.51
N LEU A 89 -9.64 -3.65 4.31
CA LEU A 89 -8.74 -4.58 3.65
C LEU A 89 -7.56 -4.88 4.58
N LEU A 90 -7.12 -3.85 5.28
CA LEU A 90 -6.01 -4.00 6.20
C LEU A 90 -6.42 -4.90 7.36
N ARG A 91 -7.69 -4.79 7.73
CA ARG A 91 -8.23 -5.60 8.82
C ARG A 91 -8.12 -7.08 8.49
N ASP A 92 -8.90 -7.50 7.51
CA ASP A 92 -8.91 -8.89 7.10
C ASP A 92 -7.46 -9.39 7.01
N ALA A 93 -6.60 -8.53 6.49
CA ALA A 93 -5.19 -8.87 6.36
C ALA A 93 -4.61 -9.20 7.73
N ALA A 94 -4.91 -8.33 8.69
CA ALA A 94 -4.42 -8.52 10.04
C ALA A 94 -4.88 -9.88 10.57
N LEU A 95 -6.14 -10.18 10.30
CA LEU A 95 -6.72 -11.44 10.73
C LEU A 95 -5.98 -12.59 10.05
N ALA A 96 -5.23 -12.24 9.01
CA ALA A 96 -4.47 -13.24 8.26
C ALA A 96 -3.02 -13.23 8.74
N HIS A 97 -2.72 -12.25 9.58
CA HIS A 97 -1.38 -12.13 10.13
C HIS A 97 -0.39 -11.84 8.99
N LYS A 98 -0.94 -11.39 7.88
CA LYS A 98 -0.12 -11.08 6.72
C LYS A 98 -0.82 -10.01 5.87
N VAL A 99 -0.02 -9.22 5.18
CA VAL A 99 -0.55 -8.16 4.34
C VAL A 99 0.53 -7.72 3.34
N VAL A 100 0.07 -7.34 2.16
CA VAL A 100 0.99 -6.90 1.12
C VAL A 100 0.71 -5.42 0.79
N LEU A 101 1.75 -4.61 0.92
CA LEU A 101 1.62 -3.19 0.64
C LEU A 101 2.41 -2.85 -0.63
N GLU A 102 1.74 -2.15 -1.53
CA GLU A 102 2.36 -1.76 -2.78
C GLU A 102 2.44 -0.24 -2.88
N VAL A 103 3.65 0.27 -2.81
CA VAL A 103 3.88 1.71 -2.89
C VAL A 103 4.25 2.08 -4.32
N GLU A 104 3.99 3.33 -4.66
CA GLU A 104 4.29 3.83 -6.00
C GLU A 104 5.38 4.90 -5.93
N PHE A 105 6.28 4.84 -6.91
CA PHE A 105 7.38 5.79 -6.96
C PHE A 105 8.28 5.52 -8.17
N ASP A 106 9.27 6.37 -8.35
CA ASP A 106 10.20 6.23 -9.45
C ASP A 106 11.61 6.03 -8.90
N SER A 107 12.02 4.77 -8.87
CA SER A 107 13.35 4.43 -8.37
C SER A 107 14.42 4.95 -9.33
N GLY A 108 14.71 6.25 -9.21
CA GLY A 108 15.70 6.87 -10.05
C GLY A 108 16.28 8.12 -9.38
N PRO A 109 16.58 9.14 -10.24
CA PRO A 109 17.14 10.39 -9.74
C PRO A 109 16.06 11.24 -9.05
N SER A 110 16.51 12.17 -8.24
CA SER A 110 15.61 13.05 -7.52
C SER A 110 16.16 14.48 -7.52
N SER A 111 15.33 15.40 -7.02
CA SER A 111 15.72 16.79 -6.95
C SER A 111 14.89 17.51 -5.89
N GLY A 112 13.58 17.44 -6.05
CA GLY A 112 12.67 18.08 -5.11
C GLY A 112 11.31 18.33 -5.76
N GLY A 1 -12.89 -5.27 -24.17
CA GLY A 1 -13.57 -6.35 -24.87
C GLY A 1 -13.90 -5.95 -26.31
N SER A 2 -14.80 -6.72 -26.91
CA SER A 2 -15.20 -6.47 -28.28
C SER A 2 -14.02 -6.69 -29.23
N SER A 3 -14.35 -6.78 -30.51
CA SER A 3 -13.33 -6.99 -31.53
C SER A 3 -12.59 -5.68 -31.81
N GLY A 4 -11.29 -5.70 -31.52
CA GLY A 4 -10.46 -4.52 -31.75
C GLY A 4 -9.00 -4.82 -31.42
N SER A 5 -8.12 -4.14 -32.14
CA SER A 5 -6.69 -4.31 -31.94
C SER A 5 -6.27 -3.71 -30.60
N SER A 6 -6.18 -4.58 -29.61
CA SER A 6 -5.79 -4.14 -28.28
C SER A 6 -4.86 -5.17 -27.64
N GLY A 7 -3.92 -4.68 -26.84
CA GLY A 7 -2.97 -5.53 -26.17
C GLY A 7 -2.62 -5.00 -24.79
N GLY A 8 -3.45 -5.34 -23.82
CA GLY A 8 -3.25 -4.90 -22.45
C GLY A 8 -2.75 -6.05 -21.58
N GLY A 9 -1.44 -6.11 -21.42
CA GLY A 9 -0.83 -7.15 -20.60
C GLY A 9 0.07 -6.54 -19.51
N GLN A 10 1.34 -6.41 -19.83
CA GLN A 10 2.29 -5.86 -18.90
C GLN A 10 2.65 -4.42 -19.29
N ILE A 11 2.07 -3.48 -18.58
CA ILE A 11 2.33 -2.07 -18.84
C ILE A 11 3.37 -1.54 -17.85
N VAL A 12 4.35 -0.84 -18.40
CA VAL A 12 5.41 -0.28 -17.59
C VAL A 12 5.09 1.18 -17.25
N HIS A 13 4.85 1.41 -15.97
CA HIS A 13 4.52 2.74 -15.49
C HIS A 13 4.97 2.91 -14.04
N THR A 14 5.97 3.75 -13.87
CA THR A 14 6.52 4.00 -12.53
C THR A 14 6.94 2.69 -11.88
N GLU A 15 7.64 2.83 -10.76
CA GLU A 15 8.12 1.67 -10.03
C GLU A 15 7.09 1.25 -8.97
N THR A 16 7.34 0.10 -8.38
CA THR A 16 6.45 -0.42 -7.35
C THR A 16 7.21 -1.35 -6.40
N THR A 17 6.88 -1.25 -5.13
CA THR A 17 7.52 -2.08 -4.12
C THR A 17 6.47 -2.82 -3.29
N GLU A 18 6.75 -4.09 -3.04
CA GLU A 18 5.83 -4.91 -2.26
C GLU A 18 6.27 -4.94 -0.79
N VAL A 19 5.38 -4.46 0.06
CA VAL A 19 5.66 -4.42 1.49
C VAL A 19 4.75 -5.42 2.20
N VAL A 20 5.38 -6.40 2.84
CA VAL A 20 4.64 -7.43 3.56
C VAL A 20 4.73 -7.15 5.06
N LEU A 21 3.64 -6.65 5.60
CA LEU A 21 3.58 -6.33 7.03
C LEU A 21 2.90 -7.49 7.76
N CYS A 22 3.42 -7.76 8.95
CA CYS A 22 2.87 -8.83 9.77
C CYS A 22 2.65 -8.28 11.18
N GLY A 23 1.37 -8.22 11.56
CA GLY A 23 1.01 -7.73 12.89
C GLY A 23 -0.20 -8.49 13.43
N ASP A 24 -0.56 -8.15 14.66
CA ASP A 24 -1.69 -8.78 15.32
C ASP A 24 -2.98 -8.11 14.86
N PRO A 25 -4.11 -8.83 15.06
CA PRO A 25 -5.42 -8.31 14.68
C PRO A 25 -5.89 -7.23 15.65
N LEU A 26 -5.29 -7.22 16.83
CA LEU A 26 -5.63 -6.26 17.85
C LEU A 26 -4.86 -4.95 17.58
N SER A 27 -3.56 -5.10 17.42
CA SER A 27 -2.71 -3.95 17.16
C SER A 27 -2.76 -3.58 15.68
N GLY A 28 -3.23 -4.53 14.88
CA GLY A 28 -3.33 -4.32 13.44
C GLY A 28 -1.96 -4.40 12.78
N PHE A 29 -1.59 -3.32 12.11
CA PHE A 29 -0.31 -3.26 11.43
C PHE A 29 0.43 -1.98 11.78
N GLY A 30 -0.15 -1.22 12.70
CA GLY A 30 0.45 0.03 13.13
C GLY A 30 0.70 0.96 11.94
N LEU A 31 -0.39 1.25 11.22
CA LEU A 31 -0.30 2.13 10.07
C LEU A 31 -1.61 2.89 9.92
N GLN A 32 -1.50 4.08 9.34
CA GLN A 32 -2.67 4.92 9.14
C GLN A 32 -2.70 5.45 7.70
N LEU A 33 -3.85 5.26 7.06
CA LEU A 33 -4.02 5.72 5.69
C LEU A 33 -4.68 7.10 5.69
N GLN A 34 -4.47 7.81 4.60
CA GLN A 34 -5.03 9.15 4.46
C GLN A 34 -5.67 9.31 3.08
N GLY A 35 -6.98 9.46 3.09
CA GLY A 35 -7.73 9.62 1.85
C GLY A 35 -8.97 10.49 2.07
N GLY A 36 -9.94 10.32 1.17
CA GLY A 36 -11.18 11.08 1.25
C GLY A 36 -11.77 11.02 2.66
N ILE A 37 -12.69 11.93 2.93
CA ILE A 37 -13.35 11.99 4.22
C ILE A 37 -14.48 10.96 4.27
N PHE A 38 -15.30 10.98 3.23
CA PHE A 38 -16.42 10.07 3.14
C PHE A 38 -15.93 8.64 2.84
N ALA A 39 -15.80 7.86 3.92
CA ALA A 39 -15.35 6.50 3.78
C ALA A 39 -16.18 5.79 2.70
N THR A 40 -17.47 6.12 2.68
CA THR A 40 -18.37 5.53 1.71
C THR A 40 -18.30 6.29 0.38
N GLU A 41 -17.22 6.06 -0.35
CA GLU A 41 -17.03 6.72 -1.63
C GLU A 41 -15.73 6.25 -2.27
N THR A 42 -15.85 5.83 -3.53
CA THR A 42 -14.69 5.36 -4.27
C THR A 42 -13.49 6.28 -4.06
N LEU A 43 -12.31 5.74 -4.32
CA LEU A 43 -11.09 6.51 -4.16
C LEU A 43 -10.51 6.84 -5.55
N SER A 44 -10.48 8.12 -5.85
CA SER A 44 -9.96 8.58 -7.12
C SER A 44 -8.43 8.53 -7.12
N SER A 45 -7.87 8.58 -5.92
CA SER A 45 -6.42 8.53 -5.76
C SER A 45 -6.06 7.57 -4.64
N PRO A 46 -4.76 7.16 -4.63
CA PRO A 46 -4.26 6.24 -3.63
C PRO A 46 -4.08 6.95 -2.28
N PRO A 47 -4.45 6.22 -1.20
CA PRO A 47 -4.34 6.76 0.15
C PRO A 47 -2.88 6.77 0.61
N LEU A 48 -2.52 7.85 1.30
CA LEU A 48 -1.16 8.00 1.81
C LEU A 48 -1.11 7.54 3.26
N VAL A 49 0.10 7.44 3.77
CA VAL A 49 0.32 7.01 5.15
C VAL A 49 0.12 8.21 6.08
N CYS A 50 -1.10 8.35 6.58
CA CYS A 50 -1.43 9.43 7.48
C CYS A 50 -0.41 9.43 8.63
N PHE A 51 -0.31 8.27 9.27
CA PHE A 51 0.61 8.13 10.38
C PHE A 51 1.08 6.68 10.52
N ILE A 52 2.07 6.48 11.37
CA ILE A 52 2.62 5.15 11.60
C ILE A 52 2.89 4.96 13.09
N GLU A 53 2.60 3.76 13.57
CA GLU A 53 2.81 3.43 14.97
C GLU A 53 4.29 3.18 15.24
N PRO A 54 4.75 3.71 16.40
CA PRO A 54 6.15 3.55 16.79
C PRO A 54 6.43 2.13 17.29
N ASP A 55 7.49 1.55 16.76
CA ASP A 55 7.87 0.21 17.14
C ASP A 55 6.88 -0.79 16.53
N SER A 56 6.03 -0.27 15.66
CA SER A 56 5.03 -1.10 15.01
C SER A 56 5.67 -1.85 13.84
N PRO A 57 4.81 -2.68 13.16
CA PRO A 57 5.28 -3.46 12.02
C PRO A 57 5.46 -2.57 10.79
N ALA A 58 4.49 -1.71 10.57
CA ALA A 58 4.53 -0.80 9.43
C ALA A 58 5.77 0.10 9.54
N GLU A 59 6.24 0.26 10.78
CA GLU A 59 7.40 1.08 11.04
C GLU A 59 8.67 0.24 10.97
N ARG A 60 8.55 -0.99 11.42
CA ARG A 60 9.68 -1.92 11.41
C ARG A 60 10.28 -2.01 10.01
N CYS A 61 9.41 -1.88 9.02
CA CYS A 61 9.83 -1.94 7.63
C CYS A 61 10.77 -0.77 7.36
N GLY A 62 10.56 0.31 8.11
CA GLY A 62 11.38 1.50 7.95
C GLY A 62 11.10 2.19 6.61
N LEU A 63 11.32 1.43 5.55
CA LEU A 63 11.11 1.95 4.21
C LEU A 63 9.74 2.65 4.15
N LEU A 64 8.83 2.17 4.97
CA LEU A 64 7.49 2.74 5.03
C LEU A 64 7.51 3.97 5.94
N GLN A 65 6.98 5.07 5.40
CA GLN A 65 6.93 6.31 6.14
C GLN A 65 5.77 7.18 5.64
N VAL A 66 5.26 8.02 6.53
CA VAL A 66 4.16 8.90 6.20
C VAL A 66 4.43 9.55 4.84
N GLY A 67 3.40 9.57 4.02
CA GLY A 67 3.51 10.14 2.69
C GLY A 67 3.40 9.07 1.61
N ASP A 68 4.02 7.93 1.88
CA ASP A 68 4.01 6.82 0.94
C ASP A 68 2.61 6.68 0.35
N ARG A 69 2.58 6.40 -0.95
CA ARG A 69 1.31 6.23 -1.64
C ARG A 69 0.96 4.75 -1.76
N VAL A 70 -0.27 4.44 -1.36
CA VAL A 70 -0.76 3.08 -1.40
C VAL A 70 -1.56 2.86 -2.69
N LEU A 71 -1.03 2.01 -3.55
CA LEU A 71 -1.69 1.71 -4.81
C LEU A 71 -2.78 0.66 -4.58
N SER A 72 -2.35 -0.47 -4.03
CA SER A 72 -3.27 -1.56 -3.75
C SER A 72 -2.96 -2.17 -2.38
N ILE A 73 -3.85 -3.06 -1.94
CA ILE A 73 -3.68 -3.71 -0.66
C ILE A 73 -3.94 -5.21 -0.81
N ASN A 74 -2.88 -5.99 -0.63
CA ASN A 74 -2.98 -7.43 -0.76
C ASN A 74 -3.23 -7.80 -2.22
N GLY A 75 -3.10 -6.80 -3.07
CA GLY A 75 -3.31 -7.00 -4.50
C GLY A 75 -4.61 -6.34 -4.96
N ILE A 76 -5.26 -5.68 -4.02
CA ILE A 76 -6.52 -5.01 -4.33
C ILE A 76 -6.25 -3.51 -4.52
N ALA A 77 -6.73 -3.00 -5.64
CA ALA A 77 -6.56 -1.59 -5.96
C ALA A 77 -7.49 -0.76 -5.08
N THR A 78 -6.90 0.20 -4.38
CA THR A 78 -7.65 1.07 -3.51
C THR A 78 -8.47 2.08 -4.33
N GLU A 79 -8.04 2.25 -5.57
CA GLU A 79 -8.72 3.17 -6.47
C GLU A 79 -9.99 2.53 -7.03
N ASP A 80 -10.05 1.21 -6.93
CA ASP A 80 -11.18 0.46 -7.43
C ASP A 80 -12.11 0.12 -6.26
N GLY A 81 -12.03 0.94 -5.22
CA GLY A 81 -12.85 0.75 -4.04
C GLY A 81 -12.98 2.04 -3.24
N THR A 82 -13.51 1.90 -2.03
CA THR A 82 -13.70 3.05 -1.16
C THR A 82 -12.66 3.04 -0.04
N MET A 83 -12.46 4.22 0.54
CA MET A 83 -11.50 4.36 1.63
C MET A 83 -11.64 3.22 2.63
N GLU A 84 -12.82 3.11 3.22
CA GLU A 84 -13.09 2.07 4.19
C GLU A 84 -12.56 0.72 3.69
N GLU A 85 -13.05 0.33 2.52
CA GLU A 85 -12.63 -0.93 1.93
C GLU A 85 -11.13 -1.15 2.15
N ALA A 86 -10.36 -0.17 1.69
CA ALA A 86 -8.91 -0.24 1.83
C ALA A 86 -8.55 -0.60 3.27
N ASN A 87 -9.13 0.15 4.19
CA ASN A 87 -8.88 -0.08 5.61
C ASN A 87 -9.38 -1.48 5.98
N GLN A 88 -10.61 -1.77 5.57
CA GLN A 88 -11.22 -3.06 5.86
C GLN A 88 -10.29 -4.19 5.43
N LEU A 89 -9.59 -3.95 4.32
CA LEU A 89 -8.65 -4.94 3.80
C LEU A 89 -7.54 -5.17 4.82
N LEU A 90 -7.00 -4.07 5.32
CA LEU A 90 -5.93 -4.15 6.29
C LEU A 90 -6.40 -4.95 7.51
N ARG A 91 -7.68 -4.82 7.80
CA ARG A 91 -8.27 -5.52 8.93
C ARG A 91 -8.24 -7.03 8.68
N ASP A 92 -9.03 -7.46 7.70
CA ASP A 92 -9.10 -8.86 7.35
C ASP A 92 -7.69 -9.40 7.12
N ALA A 93 -6.81 -8.52 6.66
CA ALA A 93 -5.43 -8.89 6.40
C ALA A 93 -4.69 -9.02 7.73
N ALA A 94 -5.10 -8.22 8.70
CA ALA A 94 -4.48 -8.24 10.01
C ALA A 94 -4.84 -9.56 10.71
N LEU A 95 -6.06 -10.01 10.47
CA LEU A 95 -6.53 -11.25 11.06
C LEU A 95 -5.73 -12.43 10.50
N ALA A 96 -5.01 -12.14 9.43
CA ALA A 96 -4.20 -13.16 8.78
C ALA A 96 -2.76 -13.08 9.32
N HIS A 97 -2.44 -11.93 9.88
CA HIS A 97 -1.12 -11.72 10.43
C HIS A 97 -0.13 -11.40 9.31
N LYS A 98 -0.70 -11.12 8.14
CA LYS A 98 0.11 -10.80 6.98
C LYS A 98 -0.70 -9.91 6.03
N VAL A 99 -0.01 -8.94 5.44
CA VAL A 99 -0.65 -8.02 4.52
C VAL A 99 0.39 -7.50 3.52
N VAL A 100 -0.03 -7.43 2.26
CA VAL A 100 0.86 -6.95 1.21
C VAL A 100 0.37 -5.59 0.73
N LEU A 101 1.33 -4.72 0.42
CA LEU A 101 1.02 -3.38 -0.05
C LEU A 101 1.94 -3.04 -1.22
N GLU A 102 1.43 -2.19 -2.09
CA GLU A 102 2.19 -1.76 -3.26
C GLU A 102 2.33 -0.24 -3.28
N VAL A 103 3.55 0.22 -3.07
CA VAL A 103 3.82 1.65 -3.06
C VAL A 103 4.25 2.08 -4.47
N GLU A 104 4.11 3.38 -4.72
CA GLU A 104 4.49 3.94 -6.01
C GLU A 104 5.51 5.05 -5.83
N PHE A 105 6.53 5.02 -6.67
CA PHE A 105 7.59 6.01 -6.62
C PHE A 105 8.58 5.84 -7.76
N ASP A 106 9.60 6.69 -7.76
CA ASP A 106 10.61 6.63 -8.80
C ASP A 106 11.95 6.22 -8.17
N SER A 107 12.36 5.00 -8.48
CA SER A 107 13.62 4.48 -7.95
C SER A 107 14.79 5.14 -8.66
N GLY A 108 15.27 6.22 -8.07
CA GLY A 108 16.40 6.95 -8.63
C GLY A 108 17.47 7.23 -7.57
N PRO A 109 18.47 8.06 -7.95
CA PRO A 109 19.54 8.42 -7.05
C PRO A 109 19.07 9.42 -6.00
N SER A 110 18.41 10.46 -6.47
CA SER A 110 17.89 11.50 -5.59
C SER A 110 19.03 12.09 -4.77
N SER A 111 19.44 13.30 -5.15
CA SER A 111 20.52 13.98 -4.46
C SER A 111 20.39 13.76 -2.95
N GLY A 112 21.45 13.19 -2.39
CA GLY A 112 21.48 12.92 -0.95
C GLY A 112 20.91 11.52 -0.65
N GLY A 1 -3.25 -25.48 -9.75
CA GLY A 1 -2.10 -26.32 -9.45
C GLY A 1 -1.00 -26.14 -10.49
N SER A 2 -0.07 -25.26 -10.18
CA SER A 2 1.04 -24.99 -11.07
C SER A 2 0.52 -24.42 -12.40
N SER A 3 1.36 -23.60 -13.02
CA SER A 3 1.00 -23.00 -14.29
C SER A 3 2.24 -22.41 -14.97
N GLY A 4 2.13 -22.21 -16.27
CA GLY A 4 3.23 -21.66 -17.04
C GLY A 4 2.73 -20.65 -18.07
N SER A 5 3.16 -19.41 -17.89
CA SER A 5 2.77 -18.34 -18.80
C SER A 5 3.68 -17.13 -18.61
N SER A 6 3.86 -16.39 -19.68
CA SER A 6 4.70 -15.20 -19.64
C SER A 6 4.65 -14.48 -21.00
N GLY A 7 4.65 -13.16 -20.93
CA GLY A 7 4.61 -12.35 -22.14
C GLY A 7 4.17 -10.92 -21.82
N GLY A 8 4.01 -10.14 -22.88
CA GLY A 8 3.60 -8.75 -22.72
C GLY A 8 4.81 -7.83 -22.63
N GLY A 9 4.81 -7.02 -21.58
CA GLY A 9 5.91 -6.08 -21.37
C GLY A 9 5.38 -4.69 -21.03
N GLN A 10 6.21 -3.69 -21.30
CA GLN A 10 5.84 -2.31 -21.04
C GLN A 10 5.41 -2.14 -19.58
N ILE A 11 6.33 -1.60 -18.79
CA ILE A 11 6.06 -1.38 -17.38
C ILE A 11 5.76 0.10 -17.15
N VAL A 12 5.38 0.40 -15.92
CA VAL A 12 5.06 1.78 -15.55
C VAL A 12 6.36 2.54 -15.27
N HIS A 13 6.36 3.81 -15.67
CA HIS A 13 7.52 4.65 -15.48
C HIS A 13 8.00 4.53 -14.03
N THR A 14 7.10 4.86 -13.11
CA THR A 14 7.42 4.79 -11.69
C THR A 14 7.72 3.35 -11.28
N GLU A 15 8.17 3.20 -10.05
CA GLU A 15 8.50 1.89 -9.52
C GLU A 15 7.44 1.43 -8.53
N THR A 16 7.63 0.23 -8.01
CA THR A 16 6.69 -0.34 -7.06
C THR A 16 7.42 -1.23 -6.05
N THR A 17 7.02 -1.11 -4.79
CA THR A 17 7.62 -1.90 -3.73
C THR A 17 6.56 -2.68 -2.97
N GLU A 18 6.86 -3.95 -2.72
CA GLU A 18 5.94 -4.81 -2.00
C GLU A 18 6.42 -5.03 -0.57
N VAL A 19 5.59 -4.63 0.38
CA VAL A 19 5.92 -4.77 1.78
C VAL A 19 5.03 -5.85 2.40
N VAL A 20 5.64 -6.64 3.27
CA VAL A 20 4.92 -7.72 3.93
C VAL A 20 4.98 -7.51 5.44
N LEU A 21 3.89 -6.99 5.98
CA LEU A 21 3.81 -6.74 7.42
C LEU A 21 3.19 -7.94 8.11
N CYS A 22 3.67 -8.21 9.31
CA CYS A 22 3.17 -9.34 10.09
C CYS A 22 2.81 -8.83 11.49
N GLY A 23 1.52 -8.86 11.78
CA GLY A 23 1.03 -8.41 13.07
C GLY A 23 -0.11 -9.29 13.56
N ASP A 24 -0.68 -8.91 14.69
CA ASP A 24 -1.77 -9.65 15.28
C ASP A 24 -3.10 -9.01 14.87
N PRO A 25 -4.19 -9.79 15.05
CA PRO A 25 -5.52 -9.31 14.71
C PRO A 25 -6.02 -8.30 15.75
N LEU A 26 -5.36 -8.29 16.89
CA LEU A 26 -5.72 -7.40 17.97
C LEU A 26 -4.85 -6.14 17.91
N SER A 27 -3.54 -6.37 17.81
CA SER A 27 -2.59 -5.27 17.73
C SER A 27 -2.46 -4.79 16.29
N GLY A 28 -3.30 -5.35 15.43
CA GLY A 28 -3.28 -4.99 14.03
C GLY A 28 -1.85 -4.92 13.49
N PHE A 29 -1.52 -3.78 12.90
CA PHE A 29 -0.19 -3.57 12.35
C PHE A 29 0.44 -2.30 12.91
N GLY A 30 0.14 -1.19 12.26
CA GLY A 30 0.66 0.10 12.68
C GLY A 30 0.88 1.02 11.48
N LEU A 31 -0.24 1.46 10.90
CA LEU A 31 -0.19 2.34 9.75
C LEU A 31 -1.57 2.97 9.55
N GLN A 32 -1.56 4.24 9.17
CA GLN A 32 -2.80 4.96 8.94
C GLN A 32 -2.87 5.42 7.48
N LEU A 33 -4.01 5.15 6.86
CA LEU A 33 -4.22 5.53 5.47
C LEU A 33 -4.92 6.89 5.43
N GLN A 34 -4.69 7.60 4.33
CA GLN A 34 -5.29 8.91 4.14
C GLN A 34 -5.77 9.08 2.70
N GLY A 35 -7.08 9.14 2.54
CA GLY A 35 -7.67 9.30 1.23
C GLY A 35 -9.07 9.90 1.33
N GLY A 36 -9.37 10.81 0.40
CA GLY A 36 -10.66 11.47 0.38
C GLY A 36 -11.14 11.79 1.79
N ILE A 37 -12.44 12.02 1.91
CA ILE A 37 -13.03 12.34 3.19
C ILE A 37 -14.17 11.35 3.48
N PHE A 38 -15.30 11.59 2.84
CA PHE A 38 -16.46 10.74 3.02
C PHE A 38 -16.09 9.26 2.82
N ALA A 39 -16.45 8.46 3.80
CA ALA A 39 -16.17 7.04 3.75
C ALA A 39 -16.77 6.45 2.48
N THR A 40 -17.99 6.89 2.17
CA THR A 40 -18.68 6.42 0.99
C THR A 40 -17.97 6.92 -0.28
N GLU A 41 -18.65 6.75 -1.40
CA GLU A 41 -18.10 7.17 -2.68
C GLU A 41 -17.07 6.16 -3.17
N THR A 42 -16.04 6.69 -3.83
CA THR A 42 -14.97 5.85 -4.36
C THR A 42 -13.63 6.58 -4.28
N LEU A 43 -12.57 5.79 -4.25
CA LEU A 43 -11.23 6.34 -4.17
C LEU A 43 -10.66 6.47 -5.59
N SER A 44 -10.44 7.72 -6.00
CA SER A 44 -9.91 7.99 -7.31
C SER A 44 -8.39 7.85 -7.30
N SER A 45 -7.81 8.02 -6.11
CA SER A 45 -6.38 7.92 -5.95
C SER A 45 -6.05 7.08 -4.71
N PRO A 46 -4.77 6.62 -4.64
CA PRO A 46 -4.32 5.81 -3.52
C PRO A 46 -4.12 6.67 -2.27
N PRO A 47 -4.56 6.11 -1.11
CA PRO A 47 -4.43 6.82 0.15
C PRO A 47 -2.99 6.79 0.65
N LEU A 48 -2.56 7.93 1.17
CA LEU A 48 -1.20 8.05 1.69
C LEU A 48 -1.17 7.60 3.15
N VAL A 49 0.04 7.37 3.64
CA VAL A 49 0.21 6.94 5.02
C VAL A 49 0.04 8.15 5.95
N CYS A 50 -1.20 8.40 6.33
CA CYS A 50 -1.51 9.51 7.21
C CYS A 50 -0.50 9.50 8.36
N PHE A 51 -0.53 8.42 9.12
CA PHE A 51 0.37 8.27 10.26
C PHE A 51 0.91 6.85 10.34
N ILE A 52 1.89 6.67 11.22
CA ILE A 52 2.50 5.37 11.41
C ILE A 52 2.77 5.14 12.90
N GLU A 53 2.60 3.90 13.33
CA GLU A 53 2.83 3.55 14.72
C GLU A 53 4.33 3.43 15.01
N PRO A 54 4.72 3.86 16.23
CA PRO A 54 6.12 3.80 16.63
C PRO A 54 6.54 2.37 16.96
N ASP A 55 7.68 1.98 16.41
CA ASP A 55 8.20 0.65 16.63
C ASP A 55 7.23 -0.38 16.05
N SER A 56 6.31 0.11 15.24
CA SER A 56 5.31 -0.74 14.62
C SER A 56 5.95 -1.53 13.47
N PRO A 57 5.13 -2.43 12.88
CA PRO A 57 5.60 -3.25 11.77
C PRO A 57 5.69 -2.44 10.48
N ALA A 58 4.69 -1.59 10.29
CA ALA A 58 4.64 -0.75 9.10
C ALA A 58 5.87 0.16 9.08
N GLU A 59 6.35 0.48 10.26
CA GLU A 59 7.52 1.34 10.39
C GLU A 59 8.80 0.49 10.38
N ARG A 60 8.73 -0.64 11.07
CA ARG A 60 9.86 -1.54 11.14
C ARG A 60 10.41 -1.82 9.75
N CYS A 61 9.50 -2.00 8.81
CA CYS A 61 9.87 -2.28 7.44
C CYS A 61 10.63 -1.07 6.89
N GLY A 62 10.27 0.09 7.42
CA GLY A 62 10.91 1.33 7.00
C GLY A 62 10.33 1.81 5.67
N LEU A 63 10.24 0.88 4.72
CA LEU A 63 9.71 1.20 3.41
C LEU A 63 8.55 2.19 3.55
N LEU A 64 7.54 1.76 4.30
CA LEU A 64 6.38 2.61 4.53
C LEU A 64 6.80 3.88 5.26
N GLN A 65 6.02 4.93 5.06
CA GLN A 65 6.30 6.20 5.69
C GLN A 65 5.22 7.23 5.33
N VAL A 66 5.16 8.29 6.12
CA VAL A 66 4.19 9.33 5.89
C VAL A 66 4.45 9.99 4.54
N GLY A 67 3.40 10.01 3.71
CA GLY A 67 3.51 10.59 2.39
C GLY A 67 3.73 9.52 1.32
N ASP A 68 3.40 8.30 1.70
CA ASP A 68 3.56 7.17 0.79
C ASP A 68 2.19 6.70 0.32
N ARG A 69 1.99 6.75 -0.99
CA ARG A 69 0.73 6.35 -1.59
C ARG A 69 0.63 4.82 -1.62
N VAL A 70 -0.58 4.34 -1.36
CA VAL A 70 -0.82 2.90 -1.36
C VAL A 70 -1.66 2.53 -2.57
N LEU A 71 -0.98 2.03 -3.60
CA LEU A 71 -1.64 1.63 -4.82
C LEU A 71 -2.71 0.58 -4.49
N SER A 72 -2.26 -0.54 -3.96
CA SER A 72 -3.15 -1.63 -3.61
C SER A 72 -2.80 -2.16 -2.21
N ILE A 73 -3.72 -2.94 -1.67
CA ILE A 73 -3.53 -3.52 -0.34
C ILE A 73 -3.93 -4.99 -0.37
N ASN A 74 -2.94 -5.85 -0.21
CA ASN A 74 -3.17 -7.29 -0.21
C ASN A 74 -3.38 -7.76 -1.65
N GLY A 75 -3.27 -6.81 -2.57
CA GLY A 75 -3.43 -7.12 -3.98
C GLY A 75 -4.67 -6.43 -4.55
N ILE A 76 -5.35 -5.70 -3.68
CA ILE A 76 -6.55 -4.98 -4.09
C ILE A 76 -6.23 -3.50 -4.23
N ALA A 77 -6.57 -2.95 -5.39
CA ALA A 77 -6.32 -1.55 -5.67
C ALA A 77 -7.28 -0.69 -4.84
N THR A 78 -6.71 0.26 -4.13
CA THR A 78 -7.50 1.15 -3.29
C THR A 78 -8.35 2.07 -4.16
N GLU A 79 -7.91 2.25 -5.39
CA GLU A 79 -8.63 3.10 -6.33
C GLU A 79 -9.92 2.43 -6.77
N ASP A 80 -10.02 1.14 -6.48
CA ASP A 80 -11.20 0.37 -6.84
C ASP A 80 -11.98 0.03 -5.57
N GLY A 81 -12.20 1.07 -4.75
CA GLY A 81 -12.92 0.89 -3.51
C GLY A 81 -13.12 2.23 -2.80
N THR A 82 -13.38 2.15 -1.51
CA THR A 82 -13.60 3.34 -0.70
C THR A 82 -12.48 3.49 0.33
N MET A 83 -12.54 4.60 1.06
CA MET A 83 -11.54 4.88 2.08
C MET A 83 -11.60 3.84 3.19
N GLU A 84 -12.81 3.54 3.62
CA GLU A 84 -13.01 2.56 4.68
C GLU A 84 -12.51 1.18 4.24
N GLU A 85 -13.01 0.75 3.09
CA GLU A 85 -12.61 -0.54 2.55
C GLU A 85 -11.09 -0.72 2.66
N ALA A 86 -10.38 0.27 2.16
CA ALA A 86 -8.91 0.23 2.20
C ALA A 86 -8.45 -0.10 3.62
N ASN A 87 -9.09 0.56 4.58
CA ASN A 87 -8.75 0.33 5.98
C ASN A 87 -9.21 -1.07 6.40
N GLN A 88 -10.39 -1.44 5.90
CA GLN A 88 -10.95 -2.74 6.22
C GLN A 88 -10.06 -3.86 5.64
N LEU A 89 -9.58 -3.61 4.43
CA LEU A 89 -8.73 -4.58 3.76
C LEU A 89 -7.51 -4.89 4.65
N LEU A 90 -7.06 -3.86 5.35
CA LEU A 90 -5.92 -4.00 6.23
C LEU A 90 -6.32 -4.86 7.44
N ARG A 91 -7.57 -4.71 7.84
CA ARG A 91 -8.09 -5.46 8.97
C ARG A 91 -8.03 -6.96 8.69
N ASP A 92 -8.84 -7.38 7.73
CA ASP A 92 -8.90 -8.79 7.35
C ASP A 92 -7.47 -9.34 7.23
N ALA A 93 -6.61 -8.51 6.63
CA ALA A 93 -5.22 -8.90 6.44
C ALA A 93 -4.59 -9.20 7.80
N ALA A 94 -4.92 -8.35 8.77
CA ALA A 94 -4.39 -8.52 10.11
C ALA A 94 -4.79 -9.89 10.65
N LEU A 95 -5.99 -10.32 10.26
CA LEU A 95 -6.50 -11.60 10.69
C LEU A 95 -5.71 -12.72 10.00
N ALA A 96 -4.97 -12.33 8.97
CA ALA A 96 -4.16 -13.28 8.23
C ALA A 96 -2.76 -13.33 8.82
N HIS A 97 -2.42 -12.27 9.54
CA HIS A 97 -1.11 -12.19 10.16
C HIS A 97 -0.08 -11.75 9.12
N LYS A 98 -0.58 -11.43 7.93
CA LYS A 98 0.29 -11.00 6.85
C LYS A 98 -0.50 -10.09 5.90
N VAL A 99 0.14 -9.02 5.47
CA VAL A 99 -0.48 -8.08 4.56
C VAL A 99 0.54 -7.60 3.53
N VAL A 100 0.07 -7.40 2.32
CA VAL A 100 0.93 -6.95 1.24
C VAL A 100 0.53 -5.54 0.83
N LEU A 101 1.53 -4.66 0.81
CA LEU A 101 1.30 -3.27 0.45
C LEU A 101 2.13 -2.93 -0.79
N GLU A 102 1.57 -2.06 -1.62
CA GLU A 102 2.25 -1.65 -2.84
C GLU A 102 2.37 -0.12 -2.89
N VAL A 103 3.60 0.34 -2.86
CA VAL A 103 3.86 1.78 -2.89
C VAL A 103 4.33 2.17 -4.29
N GLU A 104 4.15 3.44 -4.61
CA GLU A 104 4.56 3.96 -5.92
C GLU A 104 5.55 5.10 -5.75
N PHE A 105 6.75 4.89 -6.27
CA PHE A 105 7.79 5.90 -6.18
C PHE A 105 8.87 5.69 -7.25
N ASP A 106 9.70 6.70 -7.41
CA ASP A 106 10.77 6.63 -8.40
C ASP A 106 12.08 6.28 -7.69
N SER A 107 12.63 5.13 -8.06
CA SER A 107 13.88 4.68 -7.47
C SER A 107 15.07 5.33 -8.18
N GLY A 108 15.16 6.65 -8.02
CA GLY A 108 16.24 7.40 -8.64
C GLY A 108 16.72 8.51 -7.72
N PRO A 109 17.58 9.40 -8.29
CA PRO A 109 18.13 10.52 -7.53
C PRO A 109 17.08 11.61 -7.34
N SER A 110 17.21 12.32 -6.23
CA SER A 110 16.29 13.39 -5.90
C SER A 110 14.87 12.83 -5.74
N SER A 111 14.46 12.73 -4.49
CA SER A 111 13.13 12.21 -4.19
C SER A 111 12.45 13.11 -3.16
N GLY A 112 11.26 13.58 -3.52
CA GLY A 112 10.50 14.45 -2.63
C GLY A 112 10.38 15.86 -3.21
N GLY A 1 5.37 -33.44 -26.68
CA GLY A 1 5.55 -32.04 -27.01
C GLY A 1 6.79 -31.46 -26.31
N SER A 2 7.39 -30.47 -26.96
CA SER A 2 8.58 -29.84 -26.42
C SER A 2 9.00 -28.66 -27.30
N SER A 3 8.43 -27.50 -27.00
CA SER A 3 8.73 -26.30 -27.76
C SER A 3 7.97 -25.10 -27.17
N GLY A 4 8.71 -24.27 -26.46
CA GLY A 4 8.12 -23.09 -25.84
C GLY A 4 9.11 -22.43 -24.87
N SER A 5 9.69 -21.33 -25.33
CA SER A 5 10.65 -20.60 -24.51
C SER A 5 10.39 -19.10 -24.64
N SER A 6 9.52 -18.60 -23.78
CA SER A 6 9.18 -17.19 -23.77
C SER A 6 9.98 -16.46 -22.69
N GLY A 7 10.29 -15.21 -22.97
CA GLY A 7 11.05 -14.39 -22.04
C GLY A 7 10.13 -13.77 -21.00
N GLY A 8 10.26 -12.45 -20.85
CA GLY A 8 9.45 -11.72 -19.88
C GLY A 8 9.11 -10.33 -20.41
N GLY A 9 8.49 -9.53 -19.54
CA GLY A 9 8.11 -8.18 -19.89
C GLY A 9 9.24 -7.20 -19.62
N GLN A 10 9.40 -6.25 -20.53
CA GLN A 10 10.44 -5.25 -20.40
C GLN A 10 9.82 -3.86 -20.27
N ILE A 11 10.58 -2.95 -19.68
CA ILE A 11 10.13 -1.59 -19.48
C ILE A 11 8.92 -1.59 -18.55
N VAL A 12 8.76 -0.49 -17.83
CA VAL A 12 7.65 -0.35 -16.91
C VAL A 12 7.52 1.12 -16.48
N HIS A 13 6.30 1.50 -16.15
CA HIS A 13 6.03 2.86 -15.73
C HIS A 13 6.13 2.95 -14.21
N THR A 14 7.12 3.70 -13.75
CA THR A 14 7.33 3.88 -12.32
C THR A 14 7.74 2.55 -11.67
N GLU A 15 8.15 2.64 -10.42
CA GLU A 15 8.56 1.46 -9.67
C GLU A 15 7.60 1.19 -8.52
N THR A 16 7.43 -0.08 -8.21
CA THR A 16 6.54 -0.48 -7.12
C THR A 16 7.24 -1.50 -6.23
N THR A 17 7.07 -1.31 -4.93
CA THR A 17 7.66 -2.20 -3.95
C THR A 17 6.58 -2.94 -3.16
N GLU A 18 6.83 -4.20 -2.89
CA GLU A 18 5.89 -5.03 -2.15
C GLU A 18 6.38 -5.23 -0.71
N VAL A 19 5.55 -4.79 0.23
CA VAL A 19 5.89 -4.91 1.64
C VAL A 19 5.02 -6.01 2.26
N VAL A 20 5.52 -6.56 3.36
CA VAL A 20 4.80 -7.61 4.05
C VAL A 20 4.71 -7.26 5.55
N LEU A 21 3.58 -6.69 5.92
CA LEU A 21 3.36 -6.30 7.30
C LEU A 21 2.82 -7.50 8.08
N CYS A 22 3.38 -7.69 9.26
CA CYS A 22 2.97 -8.79 10.12
C CYS A 22 2.44 -8.21 11.44
N GLY A 23 1.42 -8.88 11.97
CA GLY A 23 0.83 -8.44 13.23
C GLY A 23 -0.28 -9.38 13.66
N ASP A 24 -0.94 -9.02 14.75
CA ASP A 24 -2.02 -9.83 15.28
C ASP A 24 -3.36 -9.18 14.93
N PRO A 25 -4.46 -9.96 15.12
CA PRO A 25 -5.79 -9.47 14.83
C PRO A 25 -6.26 -8.50 15.91
N LEU A 26 -5.53 -8.49 17.01
CA LEU A 26 -5.87 -7.60 18.12
C LEU A 26 -4.88 -6.43 18.14
N SER A 27 -3.61 -6.76 17.98
CA SER A 27 -2.56 -5.75 17.99
C SER A 27 -2.48 -5.08 16.61
N GLY A 28 -3.23 -5.64 15.68
CA GLY A 28 -3.25 -5.10 14.32
C GLY A 28 -1.84 -4.91 13.78
N PHE A 29 -1.69 -3.89 12.93
CA PHE A 29 -0.41 -3.59 12.34
C PHE A 29 0.18 -2.31 12.93
N GLY A 30 -0.14 -1.20 12.27
CA GLY A 30 0.35 0.09 12.72
C GLY A 30 0.65 1.00 11.53
N LEU A 31 -0.42 1.54 10.94
CA LEU A 31 -0.28 2.42 9.80
C LEU A 31 -1.61 3.15 9.56
N GLN A 32 -1.51 4.43 9.27
CA GLN A 32 -2.69 5.24 9.01
C GLN A 32 -2.70 5.71 7.55
N LEU A 33 -3.88 5.65 6.96
CA LEU A 33 -4.04 6.07 5.57
C LEU A 33 -4.80 7.40 5.54
N GLN A 34 -4.51 8.18 4.51
CA GLN A 34 -5.16 9.47 4.34
C GLN A 34 -5.77 9.58 2.94
N GLY A 35 -7.09 9.65 2.90
CA GLY A 35 -7.80 9.75 1.64
C GLY A 35 -9.02 10.67 1.78
N GLY A 36 -9.99 10.45 0.90
CA GLY A 36 -11.20 11.24 0.91
C GLY A 36 -11.84 11.25 2.30
N ILE A 37 -12.98 11.92 2.39
CA ILE A 37 -13.70 12.01 3.65
C ILE A 37 -14.76 10.91 3.71
N PHE A 38 -15.88 11.18 3.06
CA PHE A 38 -16.98 10.23 3.03
C PHE A 38 -16.45 8.80 2.92
N ALA A 39 -16.41 8.13 4.07
CA ALA A 39 -15.93 6.76 4.12
C ALA A 39 -16.52 5.99 2.93
N THR A 40 -17.80 6.19 2.70
CA THR A 40 -18.49 5.51 1.62
C THR A 40 -18.35 6.32 0.32
N GLU A 41 -17.24 6.09 -0.37
CA GLU A 41 -16.97 6.79 -1.62
C GLU A 41 -15.68 6.25 -2.25
N THR A 42 -15.78 5.91 -3.53
CA THR A 42 -14.64 5.39 -4.26
C THR A 42 -13.44 6.33 -4.10
N LEU A 43 -12.26 5.76 -4.27
CA LEU A 43 -11.03 6.52 -4.15
C LEU A 43 -10.48 6.80 -5.55
N SER A 44 -10.53 8.07 -5.94
CA SER A 44 -10.03 8.48 -7.24
C SER A 44 -8.50 8.46 -7.25
N SER A 45 -7.94 8.57 -6.06
CA SER A 45 -6.49 8.56 -5.92
C SER A 45 -6.08 7.64 -4.76
N PRO A 46 -4.77 7.27 -4.75
CA PRO A 46 -4.24 6.40 -3.72
C PRO A 46 -4.08 7.15 -2.40
N PRO A 47 -4.44 6.44 -1.29
CA PRO A 47 -4.33 7.04 0.04
C PRO A 47 -2.87 7.10 0.50
N LEU A 48 -2.56 8.16 1.22
CA LEU A 48 -1.22 8.36 1.72
C LEU A 48 -1.14 7.85 3.17
N VAL A 49 0.08 7.63 3.62
CA VAL A 49 0.30 7.15 4.98
C VAL A 49 0.18 8.32 5.95
N CYS A 50 -1.06 8.63 6.30
CA CYS A 50 -1.34 9.72 7.22
C CYS A 50 -0.30 9.66 8.35
N PHE A 51 -0.33 8.55 9.08
CA PHE A 51 0.59 8.36 10.19
C PHE A 51 0.98 6.88 10.33
N ILE A 52 2.01 6.65 11.12
CA ILE A 52 2.48 5.30 11.35
C ILE A 52 2.71 5.09 12.85
N GLU A 53 2.40 3.88 13.30
CA GLU A 53 2.56 3.54 14.70
C GLU A 53 4.03 3.26 15.01
N PRO A 54 4.48 3.77 16.19
CA PRO A 54 5.86 3.57 16.61
C PRO A 54 6.09 2.15 17.11
N ASP A 55 7.21 1.58 16.69
CA ASP A 55 7.55 0.22 17.09
C ASP A 55 6.61 -0.75 16.39
N SER A 56 5.81 -0.22 15.48
CA SER A 56 4.85 -1.04 14.75
C SER A 56 5.56 -1.72 13.57
N PRO A 57 4.76 -2.54 12.83
CA PRO A 57 5.29 -3.25 11.68
C PRO A 57 5.50 -2.31 10.49
N ALA A 58 4.50 -1.46 10.27
CA ALA A 58 4.58 -0.50 9.17
C ALA A 58 5.82 0.37 9.34
N GLU A 59 6.22 0.54 10.60
CA GLU A 59 7.39 1.35 10.90
C GLU A 59 8.66 0.53 10.74
N ARG A 60 8.59 -0.72 11.20
CA ARG A 60 9.73 -1.61 11.11
C ARG A 60 10.16 -1.78 9.65
N CYS A 61 9.21 -1.56 8.75
CA CYS A 61 9.48 -1.68 7.33
C CYS A 61 10.52 -0.62 6.95
N GLY A 62 10.53 0.46 7.72
CA GLY A 62 11.47 1.54 7.47
C GLY A 62 11.11 2.28 6.18
N LEU A 63 11.09 1.53 5.09
CA LEU A 63 10.78 2.10 3.79
C LEU A 63 9.43 2.80 3.86
N LEU A 64 8.51 2.18 4.58
CA LEU A 64 7.17 2.73 4.74
C LEU A 64 7.25 4.06 5.49
N GLN A 65 6.56 5.05 4.97
CA GLN A 65 6.54 6.37 5.60
C GLN A 65 5.32 7.16 5.14
N VAL A 66 5.18 8.35 5.70
CA VAL A 66 4.06 9.21 5.36
C VAL A 66 4.22 9.71 3.92
N GLY A 67 3.12 9.69 3.20
CA GLY A 67 3.13 10.14 1.81
C GLY A 67 3.83 9.13 0.91
N ASP A 68 3.54 7.86 1.16
CA ASP A 68 4.13 6.79 0.38
C ASP A 68 3.19 6.40 -0.75
N ARG A 69 1.96 6.90 -0.66
CA ARG A 69 0.96 6.61 -1.67
C ARG A 69 0.72 5.11 -1.78
N VAL A 70 -0.48 4.70 -1.39
CA VAL A 70 -0.84 3.30 -1.44
C VAL A 70 -1.62 3.01 -2.73
N LEU A 71 -1.03 2.18 -3.57
CA LEU A 71 -1.65 1.83 -4.83
C LEU A 71 -2.69 0.74 -4.60
N SER A 72 -2.24 -0.35 -4.00
CA SER A 72 -3.12 -1.47 -3.71
C SER A 72 -2.70 -2.15 -2.40
N ILE A 73 -3.58 -3.01 -1.90
CA ILE A 73 -3.31 -3.73 -0.67
C ILE A 73 -3.72 -5.19 -0.84
N ASN A 74 -2.72 -6.06 -0.82
CA ASN A 74 -2.96 -7.49 -0.97
C ASN A 74 -3.42 -7.77 -2.40
N GLY A 75 -3.19 -6.79 -3.27
CA GLY A 75 -3.58 -6.93 -4.67
C GLY A 75 -4.89 -6.18 -4.95
N ILE A 76 -5.36 -5.48 -3.93
CA ILE A 76 -6.60 -4.73 -4.06
C ILE A 76 -6.27 -3.25 -4.28
N ALA A 77 -6.61 -2.77 -5.47
CA ALA A 77 -6.34 -1.38 -5.82
C ALA A 77 -7.28 -0.48 -5.01
N THR A 78 -6.68 0.30 -4.13
CA THR A 78 -7.44 1.21 -3.29
C THR A 78 -8.23 2.20 -4.15
N GLU A 79 -7.68 2.48 -5.32
CA GLU A 79 -8.31 3.40 -6.25
C GLU A 79 -9.58 2.78 -6.83
N ASP A 80 -9.73 1.48 -6.59
CA ASP A 80 -10.89 0.76 -7.09
C ASP A 80 -11.77 0.35 -5.90
N GLY A 81 -11.68 1.15 -4.85
CA GLY A 81 -12.46 0.88 -3.64
C GLY A 81 -12.71 2.17 -2.86
N THR A 82 -13.27 2.00 -1.66
CA THR A 82 -13.57 3.13 -0.81
C THR A 82 -12.59 3.19 0.36
N MET A 83 -12.42 4.38 0.90
CA MET A 83 -11.52 4.58 2.03
C MET A 83 -11.64 3.44 3.03
N GLU A 84 -12.86 3.23 3.51
CA GLU A 84 -13.12 2.18 4.47
C GLU A 84 -12.52 0.86 3.98
N GLU A 85 -12.96 0.45 2.81
CA GLU A 85 -12.48 -0.80 2.22
C GLU A 85 -10.97 -0.92 2.42
N ALA A 86 -10.27 0.16 2.11
CA ALA A 86 -8.83 0.18 2.26
C ALA A 86 -8.44 -0.19 3.69
N ASN A 87 -9.08 0.50 4.63
CA ASN A 87 -8.82 0.24 6.04
C ASN A 87 -9.26 -1.18 6.39
N GLN A 88 -10.45 -1.52 5.93
CA GLN A 88 -11.00 -2.84 6.18
C GLN A 88 -10.07 -3.92 5.62
N LEU A 89 -9.49 -3.61 4.47
CA LEU A 89 -8.59 -4.54 3.81
C LEU A 89 -7.40 -4.81 4.73
N LEU A 90 -6.95 -3.77 5.41
CA LEU A 90 -5.83 -3.90 6.32
C LEU A 90 -6.24 -4.74 7.52
N ARG A 91 -7.48 -4.56 7.95
CA ARG A 91 -8.01 -5.30 9.08
C ARG A 91 -7.97 -6.81 8.80
N ASP A 92 -8.75 -7.21 7.81
CA ASP A 92 -8.81 -8.62 7.43
C ASP A 92 -7.39 -9.18 7.35
N ALA A 93 -6.55 -8.48 6.60
CA ALA A 93 -5.16 -8.91 6.44
C ALA A 93 -4.57 -9.22 7.81
N ALA A 94 -4.84 -8.33 8.75
CA ALA A 94 -4.33 -8.50 10.11
C ALA A 94 -4.76 -9.87 10.64
N LEU A 95 -6.00 -10.23 10.34
CA LEU A 95 -6.55 -11.50 10.77
C LEU A 95 -5.75 -12.63 10.13
N ALA A 96 -5.00 -12.27 9.10
CA ALA A 96 -4.19 -13.26 8.39
C ALA A 96 -2.77 -13.23 8.95
N HIS A 97 -2.52 -12.27 9.84
CA HIS A 97 -1.21 -12.12 10.44
C HIS A 97 -0.20 -11.69 9.38
N LYS A 98 -0.72 -11.36 8.21
CA LYS A 98 0.13 -10.93 7.12
C LYS A 98 -0.66 -10.02 6.18
N VAL A 99 0.05 -9.13 5.51
CA VAL A 99 -0.57 -8.21 4.59
C VAL A 99 0.47 -7.72 3.57
N VAL A 100 0.00 -7.55 2.34
CA VAL A 100 0.87 -7.09 1.27
C VAL A 100 0.46 -5.69 0.84
N LEU A 101 1.44 -4.82 0.74
CA LEU A 101 1.19 -3.44 0.34
C LEU A 101 1.92 -3.15 -0.97
N GLU A 102 1.49 -2.09 -1.63
CA GLU A 102 2.10 -1.70 -2.89
C GLU A 102 2.29 -0.18 -2.94
N VAL A 103 3.56 0.23 -2.92
CA VAL A 103 3.88 1.65 -2.95
C VAL A 103 4.36 2.01 -4.36
N GLU A 104 4.25 3.29 -4.68
CA GLU A 104 4.65 3.78 -5.98
C GLU A 104 5.75 4.84 -5.82
N PHE A 105 6.69 4.81 -6.75
CA PHE A 105 7.79 5.77 -6.73
C PHE A 105 8.72 5.56 -7.94
N ASP A 106 9.58 6.54 -8.15
CA ASP A 106 10.52 6.49 -9.26
C ASP A 106 11.91 6.17 -8.71
N SER A 107 12.35 4.94 -8.97
CA SER A 107 13.66 4.50 -8.52
C SER A 107 14.75 5.12 -9.39
N GLY A 108 15.05 6.38 -9.09
CA GLY A 108 16.07 7.09 -9.84
C GLY A 108 15.77 8.60 -9.86
N PRO A 109 16.18 9.25 -10.99
CA PRO A 109 15.96 10.67 -11.16
C PRO A 109 14.49 10.97 -11.48
N SER A 110 13.96 11.99 -10.82
CA SER A 110 12.58 12.38 -11.03
C SER A 110 12.25 13.60 -10.16
N SER A 111 12.40 14.77 -10.76
CA SER A 111 12.12 16.01 -10.06
C SER A 111 10.69 16.46 -10.35
N GLY A 112 10.30 16.33 -11.60
CA GLY A 112 8.97 16.72 -12.03
C GLY A 112 8.72 16.34 -13.48
N GLY A 1 19.14 -28.53 -25.08
CA GLY A 1 17.77 -28.37 -24.61
C GLY A 1 17.05 -27.26 -25.39
N SER A 2 17.49 -26.04 -25.15
CA SER A 2 16.90 -24.89 -25.81
C SER A 2 17.73 -23.63 -25.53
N SER A 3 17.65 -22.69 -26.45
CA SER A 3 18.39 -21.44 -26.32
C SER A 3 17.92 -20.70 -25.06
N GLY A 4 18.81 -19.88 -24.53
CA GLY A 4 18.51 -19.10 -23.34
C GLY A 4 18.56 -17.60 -23.64
N SER A 5 17.73 -16.86 -22.91
CA SER A 5 17.67 -15.42 -23.08
C SER A 5 16.82 -14.79 -21.98
N SER A 6 17.14 -13.55 -21.66
CA SER A 6 16.41 -12.83 -20.63
C SER A 6 16.82 -11.36 -20.63
N GLY A 7 15.81 -10.50 -20.76
CA GLY A 7 16.04 -9.07 -20.78
C GLY A 7 15.25 -8.36 -19.67
N GLY A 8 14.05 -7.96 -20.02
CA GLY A 8 13.18 -7.27 -19.07
C GLY A 8 12.06 -6.52 -19.78
N GLY A 9 11.31 -5.75 -19.00
CA GLY A 9 10.22 -4.99 -19.55
C GLY A 9 10.72 -3.92 -20.53
N GLN A 10 9.94 -2.86 -20.65
CA GLN A 10 10.29 -1.77 -21.54
C GLN A 10 10.00 -0.42 -20.87
N ILE A 11 10.94 0.02 -20.05
CA ILE A 11 10.80 1.28 -19.34
C ILE A 11 9.61 1.19 -18.39
N VAL A 12 9.79 1.76 -17.22
CA VAL A 12 8.75 1.76 -16.20
C VAL A 12 8.47 3.20 -15.75
N HIS A 13 7.19 3.51 -15.64
CA HIS A 13 6.77 4.84 -15.23
C HIS A 13 7.21 5.08 -13.79
N THR A 14 6.65 4.27 -12.89
CA THR A 14 6.98 4.40 -11.47
C THR A 14 7.41 3.03 -10.91
N GLU A 15 8.15 3.10 -9.82
CA GLU A 15 8.64 1.90 -9.18
C GLU A 15 7.62 1.39 -8.14
N THR A 16 7.61 0.09 -7.96
CA THR A 16 6.69 -0.53 -7.02
C THR A 16 7.44 -1.52 -6.11
N THR A 17 7.14 -1.43 -4.83
CA THR A 17 7.77 -2.30 -3.85
C THR A 17 6.72 -3.05 -3.04
N GLU A 18 7.03 -4.29 -2.71
CA GLU A 18 6.12 -5.11 -1.93
C GLU A 18 6.52 -5.11 -0.46
N VAL A 19 5.64 -4.59 0.37
CA VAL A 19 5.89 -4.52 1.79
C VAL A 19 5.01 -5.55 2.51
N VAL A 20 5.66 -6.60 3.01
CA VAL A 20 4.96 -7.65 3.71
C VAL A 20 4.95 -7.35 5.21
N LEU A 21 3.80 -6.87 5.68
CA LEU A 21 3.66 -6.54 7.08
C LEU A 21 3.05 -7.73 7.83
N CYS A 22 3.44 -7.85 9.09
CA CYS A 22 2.95 -8.93 9.92
C CYS A 22 2.50 -8.35 11.26
N GLY A 23 1.19 -8.37 11.48
CA GLY A 23 0.63 -7.85 12.72
C GLY A 23 -0.37 -8.82 13.32
N ASP A 24 -0.94 -8.42 14.44
CA ASP A 24 -1.93 -9.26 15.12
C ASP A 24 -3.33 -8.87 14.65
N PRO A 25 -4.31 -9.75 14.99
CA PRO A 25 -5.70 -9.52 14.60
C PRO A 25 -6.32 -8.42 15.46
N LEU A 26 -5.71 -8.20 16.62
CA LEU A 26 -6.20 -7.19 17.54
C LEU A 26 -5.31 -5.95 17.46
N SER A 27 -4.02 -6.18 17.65
CA SER A 27 -3.05 -5.10 17.61
C SER A 27 -2.90 -4.58 16.18
N GLY A 28 -3.47 -5.34 15.25
CA GLY A 28 -3.41 -4.98 13.84
C GLY A 28 -1.96 -4.83 13.38
N PHE A 29 -1.76 -3.88 12.48
CA PHE A 29 -0.43 -3.63 11.95
C PHE A 29 0.21 -2.40 12.59
N GLY A 30 -0.09 -1.24 12.02
CA GLY A 30 0.44 0.01 12.53
C GLY A 30 0.76 0.98 11.39
N LEU A 31 -0.31 1.47 10.77
CA LEU A 31 -0.17 2.41 9.67
C LEU A 31 -1.52 3.04 9.38
N GLN A 32 -1.49 4.35 9.12
CA GLN A 32 -2.71 5.09 8.82
C GLN A 32 -2.77 5.40 7.32
N LEU A 33 -4.00 5.63 6.85
CA LEU A 33 -4.21 5.95 5.45
C LEU A 33 -4.90 7.31 5.35
N GLN A 34 -4.50 8.06 4.33
CA GLN A 34 -5.06 9.38 4.10
C GLN A 34 -5.73 9.43 2.73
N GLY A 35 -7.03 9.71 2.75
CA GLY A 35 -7.79 9.79 1.51
C GLY A 35 -9.02 10.69 1.70
N GLY A 36 -10.06 10.39 0.93
CA GLY A 36 -11.29 11.15 0.98
C GLY A 36 -11.76 11.30 2.43
N ILE A 37 -12.70 12.22 2.63
CA ILE A 37 -13.25 12.47 3.95
C ILE A 37 -14.30 11.41 4.27
N PHE A 38 -15.22 11.23 3.33
CA PHE A 38 -16.28 10.25 3.50
C PHE A 38 -15.73 8.83 3.51
N ALA A 39 -16.45 7.95 4.18
CA ALA A 39 -16.04 6.56 4.27
C ALA A 39 -16.69 5.76 3.14
N THR A 40 -17.89 6.17 2.78
CA THR A 40 -18.62 5.52 1.71
C THR A 40 -18.46 6.28 0.40
N GLU A 41 -17.24 6.28 -0.10
CA GLU A 41 -16.93 6.96 -1.35
C GLU A 41 -15.68 6.36 -2.00
N THR A 42 -15.84 5.99 -3.27
CA THR A 42 -14.74 5.40 -4.01
C THR A 42 -13.47 6.23 -3.84
N LEU A 43 -12.36 5.64 -4.22
CA LEU A 43 -11.08 6.32 -4.12
C LEU A 43 -10.51 6.54 -5.53
N SER A 44 -10.52 7.80 -5.94
CA SER A 44 -10.01 8.16 -7.24
C SER A 44 -8.48 8.12 -7.26
N SER A 45 -7.92 8.25 -6.06
CA SER A 45 -6.48 8.23 -5.91
C SER A 45 -6.08 7.32 -4.75
N PRO A 46 -4.78 6.95 -4.73
CA PRO A 46 -4.26 6.09 -3.67
C PRO A 46 -4.10 6.86 -2.36
N PRO A 47 -4.44 6.18 -1.24
CA PRO A 47 -4.32 6.79 0.08
C PRO A 47 -2.86 6.87 0.52
N LEU A 48 -2.54 7.96 1.20
CA LEU A 48 -1.19 8.16 1.68
C LEU A 48 -1.09 7.69 3.14
N VAL A 49 0.13 7.50 3.60
CA VAL A 49 0.37 7.06 4.96
C VAL A 49 0.23 8.24 5.91
N CYS A 50 -1.02 8.59 6.19
CA CYS A 50 -1.30 9.70 7.09
C CYS A 50 -0.31 9.64 8.26
N PHE A 51 -0.37 8.53 8.99
CA PHE A 51 0.52 8.34 10.12
C PHE A 51 1.00 6.90 10.20
N ILE A 52 2.03 6.69 11.02
CA ILE A 52 2.59 5.36 11.20
C ILE A 52 2.78 5.09 12.69
N GLU A 53 2.47 3.87 13.09
CA GLU A 53 2.60 3.46 14.47
C GLU A 53 4.06 3.20 14.81
N PRO A 54 4.48 3.70 16.00
CA PRO A 54 5.85 3.52 16.45
C PRO A 54 6.10 2.10 16.93
N ASP A 55 7.26 1.57 16.56
CA ASP A 55 7.62 0.21 16.94
C ASP A 55 6.67 -0.78 16.26
N SER A 56 5.90 -0.25 15.31
CA SER A 56 4.95 -1.08 14.59
C SER A 56 5.66 -1.78 13.42
N PRO A 57 4.86 -2.60 12.68
CA PRO A 57 5.40 -3.33 11.54
C PRO A 57 5.61 -2.41 10.34
N ALA A 58 4.61 -1.57 10.09
CA ALA A 58 4.68 -0.63 8.99
C ALA A 58 5.94 0.22 9.13
N GLU A 59 6.29 0.51 10.38
CA GLU A 59 7.45 1.32 10.66
C GLU A 59 8.73 0.49 10.49
N ARG A 60 8.68 -0.73 11.01
CA ARG A 60 9.81 -1.63 10.92
C ARG A 60 10.31 -1.72 9.48
N CYS A 61 9.39 -1.49 8.55
CA CYS A 61 9.72 -1.54 7.14
C CYS A 61 10.74 -0.44 6.84
N GLY A 62 10.66 0.63 7.63
CA GLY A 62 11.57 1.75 7.47
C GLY A 62 11.32 2.47 6.15
N LEU A 63 11.49 1.73 5.07
CA LEU A 63 11.29 2.29 3.73
C LEU A 63 9.89 2.92 3.66
N LEU A 64 9.03 2.48 4.57
CA LEU A 64 7.67 2.99 4.61
C LEU A 64 7.64 4.29 5.43
N GLN A 65 6.83 5.23 4.95
CA GLN A 65 6.70 6.51 5.62
C GLN A 65 5.45 7.24 5.14
N VAL A 66 5.23 8.41 5.70
CA VAL A 66 4.08 9.22 5.33
C VAL A 66 4.23 9.69 3.89
N GLY A 67 3.14 9.54 3.13
CA GLY A 67 3.14 9.94 1.74
C GLY A 67 3.85 8.90 0.87
N ASP A 68 3.52 7.64 1.12
CA ASP A 68 4.11 6.55 0.37
C ASP A 68 3.17 6.14 -0.76
N ARG A 69 1.94 6.63 -0.66
CA ARG A 69 0.94 6.32 -1.67
C ARG A 69 0.70 4.81 -1.74
N VAL A 70 -0.50 4.42 -1.32
CA VAL A 70 -0.86 3.01 -1.33
C VAL A 70 -1.63 2.70 -2.62
N LEU A 71 -1.05 1.83 -3.42
CA LEU A 71 -1.66 1.43 -4.68
C LEU A 71 -2.69 0.33 -4.42
N SER A 72 -2.21 -0.74 -3.81
CA SER A 72 -3.08 -1.87 -3.49
C SER A 72 -2.71 -2.44 -2.12
N ILE A 73 -3.68 -3.10 -1.51
CA ILE A 73 -3.47 -3.71 -0.21
C ILE A 73 -3.83 -5.19 -0.28
N ASN A 74 -2.80 -6.02 -0.16
CA ASN A 74 -2.99 -7.46 -0.20
C ASN A 74 -3.25 -7.89 -1.64
N GLY A 75 -3.13 -6.93 -2.55
CA GLY A 75 -3.34 -7.19 -3.96
C GLY A 75 -4.60 -6.49 -4.47
N ILE A 76 -5.31 -5.87 -3.54
CA ILE A 76 -6.53 -5.16 -3.87
C ILE A 76 -6.21 -3.68 -4.08
N ALA A 77 -6.53 -3.20 -5.27
CA ALA A 77 -6.27 -1.80 -5.61
C ALA A 77 -7.27 -0.92 -4.84
N THR A 78 -6.71 0.01 -4.09
CA THR A 78 -7.53 0.93 -3.30
C THR A 78 -8.31 1.86 -4.22
N GLU A 79 -7.67 2.23 -5.32
CA GLU A 79 -8.29 3.11 -6.29
C GLU A 79 -9.65 2.56 -6.72
N ASP A 80 -9.83 1.26 -6.50
CA ASP A 80 -11.06 0.60 -6.86
C ASP A 80 -11.82 0.21 -5.59
N GLY A 81 -11.91 1.16 -4.67
CA GLY A 81 -12.59 0.93 -3.41
C GLY A 81 -12.79 2.23 -2.65
N THR A 82 -13.54 2.15 -1.56
CA THR A 82 -13.82 3.31 -0.74
C THR A 82 -12.82 3.40 0.41
N MET A 83 -12.63 4.61 0.91
CA MET A 83 -11.71 4.84 2.01
C MET A 83 -11.85 3.74 3.06
N GLU A 84 -13.06 3.27 3.23
CA GLU A 84 -13.33 2.22 4.20
C GLU A 84 -12.76 0.88 3.72
N GLU A 85 -12.99 0.61 2.45
CA GLU A 85 -12.51 -0.63 1.84
C GLU A 85 -11.05 -0.85 2.21
N ALA A 86 -10.26 0.20 2.07
CA ALA A 86 -8.85 0.13 2.37
C ALA A 86 -8.67 -0.26 3.84
N ASN A 87 -9.27 0.53 4.71
CA ASN A 87 -9.19 0.27 6.14
C ASN A 87 -9.68 -1.14 6.43
N GLN A 88 -10.80 -1.49 5.81
CA GLN A 88 -11.38 -2.81 5.99
C GLN A 88 -10.39 -3.90 5.55
N LEU A 89 -9.88 -3.73 4.34
CA LEU A 89 -8.93 -4.68 3.79
C LEU A 89 -7.83 -4.95 4.82
N LEU A 90 -7.29 -3.86 5.36
CA LEU A 90 -6.23 -3.96 6.34
C LEU A 90 -6.74 -4.77 7.55
N ARG A 91 -7.99 -4.53 7.88
CA ARG A 91 -8.62 -5.23 9.00
C ARG A 91 -8.46 -6.74 8.83
N ASP A 92 -9.12 -7.27 7.81
CA ASP A 92 -9.07 -8.69 7.54
C ASP A 92 -7.61 -9.10 7.29
N ALA A 93 -6.89 -8.24 6.59
CA ALA A 93 -5.50 -8.50 6.28
C ALA A 93 -4.74 -8.81 7.57
N ALA A 94 -5.07 -8.05 8.61
CA ALA A 94 -4.44 -8.24 9.90
C ALA A 94 -4.79 -9.63 10.44
N LEU A 95 -6.04 -10.00 10.24
CA LEU A 95 -6.52 -11.30 10.71
C LEU A 95 -5.69 -12.41 10.06
N ALA A 96 -4.99 -12.03 9.00
CA ALA A 96 -4.15 -12.97 8.28
C ALA A 96 -2.73 -12.93 8.85
N HIS A 97 -2.46 -11.87 9.59
CA HIS A 97 -1.16 -11.68 10.20
C HIS A 97 -0.12 -11.40 9.11
N LYS A 98 -0.62 -11.22 7.90
CA LYS A 98 0.25 -10.94 6.77
C LYS A 98 -0.53 -10.15 5.71
N VAL A 99 0.15 -9.18 5.11
CA VAL A 99 -0.46 -8.35 4.09
C VAL A 99 0.62 -7.83 3.15
N VAL A 100 0.24 -7.69 1.89
CA VAL A 100 1.16 -7.20 0.88
C VAL A 100 0.79 -5.76 0.51
N LEU A 101 1.72 -4.85 0.80
CA LEU A 101 1.50 -3.45 0.49
C LEU A 101 2.31 -3.07 -0.74
N GLU A 102 1.64 -2.40 -1.66
CA GLU A 102 2.29 -1.96 -2.89
C GLU A 102 2.42 -0.44 -2.92
N VAL A 103 3.66 0.02 -2.82
CA VAL A 103 3.94 1.44 -2.82
C VAL A 103 4.33 1.87 -4.24
N GLU A 104 4.22 3.17 -4.48
CA GLU A 104 4.56 3.72 -5.78
C GLU A 104 5.44 4.96 -5.62
N PHE A 105 6.67 4.84 -6.09
CA PHE A 105 7.61 5.96 -6.01
C PHE A 105 8.68 5.84 -7.08
N ASP A 106 9.53 6.86 -7.15
CA ASP A 106 10.60 6.89 -8.13
C ASP A 106 11.94 6.61 -7.42
N SER A 107 12.29 5.34 -7.38
CA SER A 107 13.53 4.93 -6.74
C SER A 107 14.67 5.86 -7.17
N GLY A 108 14.93 6.86 -6.33
CA GLY A 108 15.97 7.82 -6.61
C GLY A 108 15.72 9.14 -5.88
N PRO A 109 16.72 10.04 -5.98
CA PRO A 109 16.62 11.34 -5.34
C PRO A 109 15.66 12.26 -6.11
N SER A 110 15.28 13.35 -5.46
CA SER A 110 14.37 14.31 -6.07
C SER A 110 14.30 15.57 -5.21
N SER A 111 14.46 16.71 -5.87
CA SER A 111 14.40 17.98 -5.18
C SER A 111 15.34 17.97 -3.98
N GLY A 112 16.60 18.28 -4.23
CA GLY A 112 17.59 18.31 -3.18
C GLY A 112 17.69 19.70 -2.55
N GLY A 1 0.54 -2.04 -53.52
CA GLY A 1 1.36 -2.59 -52.46
C GLY A 1 1.46 -1.63 -51.27
N SER A 2 2.04 -2.13 -50.19
CA SER A 2 2.21 -1.32 -48.99
C SER A 2 3.03 -2.09 -47.95
N SER A 3 3.88 -1.36 -47.26
CA SER A 3 4.73 -1.95 -46.24
C SER A 3 5.42 -0.85 -45.43
N GLY A 4 5.66 -1.15 -44.16
CA GLY A 4 6.32 -0.20 -43.27
C GLY A 4 6.77 -0.89 -41.98
N SER A 5 7.50 -0.13 -41.18
CA SER A 5 8.00 -0.65 -39.92
C SER A 5 8.47 0.51 -39.03
N SER A 6 8.08 0.44 -37.76
CA SER A 6 8.46 1.46 -36.80
C SER A 6 8.22 0.95 -35.38
N GLY A 7 9.24 1.11 -34.55
CA GLY A 7 9.15 0.68 -33.17
C GLY A 7 9.20 1.87 -32.22
N GLY A 8 9.90 1.68 -31.12
CA GLY A 8 10.03 2.74 -30.12
C GLY A 8 10.15 2.16 -28.71
N GLY A 9 10.93 2.83 -27.88
CA GLY A 9 11.14 2.39 -26.51
C GLY A 9 10.00 2.87 -25.61
N GLN A 10 10.39 3.29 -24.41
CA GLN A 10 9.41 3.77 -23.44
C GLN A 10 10.11 4.55 -22.33
N ILE A 11 9.57 5.72 -22.04
CA ILE A 11 10.13 6.58 -21.01
C ILE A 11 9.91 5.93 -19.64
N VAL A 12 10.82 6.23 -18.73
CA VAL A 12 10.73 5.69 -17.39
C VAL A 12 9.32 5.90 -16.84
N HIS A 13 9.05 5.26 -15.72
CA HIS A 13 7.75 5.36 -15.09
C HIS A 13 7.86 4.97 -13.61
N THR A 14 6.90 5.45 -12.83
CA THR A 14 6.87 5.15 -11.41
C THR A 14 7.17 3.68 -11.15
N GLU A 15 7.70 3.41 -9.98
CA GLU A 15 8.04 2.04 -9.60
C GLU A 15 7.01 1.49 -8.63
N THR A 16 7.30 0.31 -8.11
CA THR A 16 6.41 -0.35 -7.17
C THR A 16 7.21 -1.20 -6.18
N THR A 17 6.74 -1.20 -4.94
CA THR A 17 7.40 -1.96 -3.90
C THR A 17 6.37 -2.75 -3.08
N GLU A 18 6.64 -4.04 -2.92
CA GLU A 18 5.75 -4.91 -2.17
C GLU A 18 6.22 -5.03 -0.72
N VAL A 19 5.39 -4.53 0.18
CA VAL A 19 5.70 -4.57 1.59
C VAL A 19 4.83 -5.62 2.28
N VAL A 20 5.48 -6.44 3.10
CA VAL A 20 4.78 -7.49 3.82
C VAL A 20 4.78 -7.17 5.31
N LEU A 21 3.68 -6.58 5.76
CA LEU A 21 3.54 -6.22 7.16
C LEU A 21 3.01 -7.42 7.94
N CYS A 22 3.54 -7.59 9.14
CA CYS A 22 3.13 -8.70 9.99
C CYS A 22 2.79 -8.13 11.38
N GLY A 23 1.58 -8.43 11.82
CA GLY A 23 1.12 -7.96 13.11
C GLY A 23 -0.15 -8.69 13.54
N ASP A 24 -0.51 -8.52 14.81
CA ASP A 24 -1.69 -9.15 15.36
C ASP A 24 -2.92 -8.35 14.94
N PRO A 25 -4.11 -9.02 15.04
CA PRO A 25 -5.36 -8.38 14.67
C PRO A 25 -5.80 -7.39 15.74
N LEU A 26 -5.19 -7.51 16.91
CA LEU A 26 -5.51 -6.63 18.02
C LEU A 26 -4.84 -5.28 17.80
N SER A 27 -3.53 -5.32 17.62
CA SER A 27 -2.75 -4.11 17.40
C SER A 27 -2.91 -3.66 15.94
N GLY A 28 -3.10 -4.63 15.07
CA GLY A 28 -3.26 -4.35 13.65
C GLY A 28 -1.93 -4.47 12.92
N PHE A 29 -1.53 -3.36 12.31
CA PHE A 29 -0.28 -3.32 11.57
C PHE A 29 0.47 -2.01 11.82
N GLY A 30 0.03 -1.30 12.85
CA GLY A 30 0.65 -0.03 13.21
C GLY A 30 0.84 0.85 11.98
N LEU A 31 -0.26 1.12 11.30
CA LEU A 31 -0.23 1.94 10.10
C LEU A 31 -1.55 2.70 9.98
N GLN A 32 -1.46 3.92 9.46
CA GLN A 32 -2.63 4.75 9.28
C GLN A 32 -2.74 5.22 7.83
N LEU A 33 -3.88 4.95 7.23
CA LEU A 33 -4.12 5.34 5.85
C LEU A 33 -4.75 6.73 5.82
N GLN A 34 -4.57 7.41 4.70
CA GLN A 34 -5.12 8.75 4.53
C GLN A 34 -5.60 8.94 3.09
N GLY A 35 -6.91 9.05 2.95
CA GLY A 35 -7.51 9.24 1.64
C GLY A 35 -8.46 10.44 1.64
N GLY A 36 -9.43 10.38 0.75
CA GLY A 36 -10.42 11.44 0.64
C GLY A 36 -11.10 11.70 1.98
N ILE A 37 -12.12 12.54 1.94
CA ILE A 37 -12.87 12.88 3.13
C ILE A 37 -14.07 11.94 3.27
N PHE A 38 -14.59 11.53 2.12
CA PHE A 38 -15.74 10.63 2.10
C PHE A 38 -15.30 9.21 1.74
N ALA A 39 -15.71 8.28 2.59
CA ALA A 39 -15.37 6.88 2.37
C ALA A 39 -16.41 6.25 1.45
N THR A 40 -17.67 6.36 1.86
CA THR A 40 -18.77 5.81 1.07
C THR A 40 -18.49 6.00 -0.42
N GLU A 41 -17.79 7.08 -0.73
CA GLU A 41 -17.46 7.39 -2.12
C GLU A 41 -16.16 6.71 -2.51
N THR A 42 -16.13 6.23 -3.75
CA THR A 42 -14.95 5.55 -4.26
C THR A 42 -13.69 6.40 -3.99
N LEU A 43 -12.55 5.79 -4.25
CA LEU A 43 -11.28 6.48 -4.03
C LEU A 43 -10.65 6.81 -5.39
N SER A 44 -10.64 8.09 -5.70
CA SER A 44 -10.07 8.55 -6.96
C SER A 44 -8.54 8.48 -6.91
N SER A 45 -8.02 8.54 -5.69
CA SER A 45 -6.58 8.49 -5.48
C SER A 45 -6.25 7.52 -4.35
N PRO A 46 -4.99 7.03 -4.36
CA PRO A 46 -4.53 6.10 -3.34
C PRO A 46 -4.28 6.81 -2.01
N PRO A 47 -4.61 6.11 -0.90
CA PRO A 47 -4.42 6.67 0.43
C PRO A 47 -2.95 6.66 0.83
N LEU A 48 -2.53 7.74 1.48
CA LEU A 48 -1.15 7.87 1.92
C LEU A 48 -1.05 7.42 3.38
N VAL A 49 0.19 7.23 3.81
CA VAL A 49 0.45 6.80 5.17
C VAL A 49 0.28 8.00 6.11
N CYS A 50 -0.96 8.19 6.55
CA CYS A 50 -1.27 9.28 7.46
C CYS A 50 -0.24 9.28 8.60
N PHE A 51 -0.13 8.13 9.24
CA PHE A 51 0.81 7.97 10.35
C PHE A 51 1.26 6.52 10.48
N ILE A 52 2.26 6.33 11.32
CA ILE A 52 2.80 4.99 11.55
C ILE A 52 3.11 4.83 13.04
N GLU A 53 2.81 3.64 13.55
CA GLU A 53 3.05 3.34 14.95
C GLU A 53 4.53 3.02 15.17
N PRO A 54 5.04 3.49 16.34
CA PRO A 54 6.44 3.26 16.70
C PRO A 54 6.67 1.81 17.13
N ASP A 55 7.78 1.27 16.66
CA ASP A 55 8.13 -0.11 16.99
C ASP A 55 7.12 -1.06 16.34
N SER A 56 6.30 -0.49 15.47
CA SER A 56 5.29 -1.27 14.77
C SER A 56 5.89 -1.88 13.50
N PRO A 57 5.03 -2.64 12.77
CA PRO A 57 5.46 -3.28 11.54
C PRO A 57 5.58 -2.27 10.40
N ALA A 58 4.63 -1.35 10.37
CA ALA A 58 4.61 -0.32 9.35
C ALA A 58 5.89 0.51 9.44
N GLU A 59 6.47 0.51 10.64
CA GLU A 59 7.69 1.26 10.88
C GLU A 59 8.91 0.37 10.64
N ARG A 60 8.80 -0.87 11.09
CA ARG A 60 9.88 -1.83 10.93
C ARG A 60 10.35 -1.86 9.48
N CYS A 61 9.43 -1.51 8.58
CA CYS A 61 9.74 -1.49 7.16
C CYS A 61 10.84 -0.46 6.92
N GLY A 62 10.87 0.54 7.79
CA GLY A 62 11.87 1.59 7.68
C GLY A 62 11.62 2.45 6.44
N LEU A 63 11.67 1.80 5.29
CA LEU A 63 11.46 2.50 4.03
C LEU A 63 10.06 3.13 4.04
N LEU A 64 9.16 2.49 4.77
CA LEU A 64 7.79 2.97 4.86
C LEU A 64 7.77 4.25 5.70
N GLN A 65 7.11 5.26 5.15
CA GLN A 65 7.00 6.54 5.83
C GLN A 65 5.75 7.29 5.37
N VAL A 66 5.39 8.30 6.14
CA VAL A 66 4.21 9.10 5.81
C VAL A 66 4.37 9.70 4.42
N GLY A 67 3.30 9.59 3.64
CA GLY A 67 3.31 10.10 2.28
C GLY A 67 3.25 8.97 1.26
N ASP A 68 3.72 7.81 1.70
CA ASP A 68 3.73 6.63 0.84
C ASP A 68 2.31 6.37 0.32
N ARG A 69 2.19 6.34 -1.00
CA ARG A 69 0.91 6.10 -1.63
C ARG A 69 0.59 4.60 -1.63
N VAL A 70 -0.68 4.29 -1.38
CA VAL A 70 -1.12 2.91 -1.35
C VAL A 70 -1.95 2.62 -2.61
N LEU A 71 -1.30 1.94 -3.55
CA LEU A 71 -1.96 1.60 -4.80
C LEU A 71 -3.02 0.54 -4.53
N SER A 72 -2.58 -0.60 -4.02
CA SER A 72 -3.48 -1.69 -3.71
C SER A 72 -3.16 -2.27 -2.34
N ILE A 73 -4.03 -3.15 -1.88
CA ILE A 73 -3.85 -3.78 -0.58
C ILE A 73 -4.10 -5.29 -0.72
N ASN A 74 -3.02 -6.05 -0.55
CA ASN A 74 -3.09 -7.49 -0.65
C ASN A 74 -3.33 -7.89 -2.11
N GLY A 75 -3.28 -6.89 -2.98
CA GLY A 75 -3.48 -7.12 -4.40
C GLY A 75 -4.77 -6.46 -4.88
N ILE A 76 -5.47 -5.84 -3.94
CA ILE A 76 -6.71 -5.17 -4.26
C ILE A 76 -6.46 -3.67 -4.43
N ALA A 77 -6.89 -3.15 -5.57
CA ALA A 77 -6.72 -1.74 -5.87
C ALA A 77 -7.59 -0.91 -4.93
N THR A 78 -6.98 0.11 -4.35
CA THR A 78 -7.69 0.99 -3.44
C THR A 78 -8.52 2.02 -4.22
N GLU A 79 -8.01 2.38 -5.39
CA GLU A 79 -8.70 3.35 -6.24
C GLU A 79 -9.94 2.72 -6.86
N ASP A 80 -10.01 1.39 -6.78
CA ASP A 80 -11.14 0.67 -7.33
C ASP A 80 -12.09 0.27 -6.20
N GLY A 81 -12.25 1.21 -5.27
CA GLY A 81 -13.13 0.97 -4.13
C GLY A 81 -13.24 2.22 -3.25
N THR A 82 -13.76 2.02 -2.05
CA THR A 82 -13.92 3.12 -1.11
C THR A 82 -12.79 3.10 -0.08
N MET A 83 -12.72 4.19 0.68
CA MET A 83 -11.70 4.31 1.71
C MET A 83 -11.77 3.14 2.69
N GLU A 84 -12.92 3.03 3.36
CA GLU A 84 -13.11 1.96 4.32
C GLU A 84 -12.71 0.61 3.72
N GLU A 85 -13.11 0.42 2.47
CA GLU A 85 -12.79 -0.81 1.77
C GLU A 85 -11.32 -1.16 1.95
N ALA A 86 -10.48 -0.16 1.79
CA ALA A 86 -9.04 -0.35 1.93
C ALA A 86 -8.73 -0.75 3.37
N ASN A 87 -9.36 -0.05 4.30
CA ASN A 87 -9.15 -0.31 5.71
C ASN A 87 -9.65 -1.73 6.04
N GLN A 88 -10.91 -1.97 5.67
CA GLN A 88 -11.51 -3.27 5.92
C GLN A 88 -10.57 -4.38 5.46
N LEU A 89 -9.86 -4.12 4.39
CA LEU A 89 -8.93 -5.09 3.85
C LEU A 89 -7.81 -5.36 4.87
N LEU A 90 -7.22 -4.26 5.35
CA LEU A 90 -6.15 -4.36 6.33
C LEU A 90 -6.63 -5.20 7.52
N ARG A 91 -7.91 -5.03 7.84
CA ARG A 91 -8.50 -5.76 8.94
C ARG A 91 -8.34 -7.27 8.75
N ASP A 92 -9.09 -7.78 7.79
CA ASP A 92 -9.04 -9.20 7.49
C ASP A 92 -7.58 -9.65 7.40
N ALA A 93 -6.77 -8.79 6.80
CA ALA A 93 -5.35 -9.08 6.64
C ALA A 93 -4.72 -9.22 8.02
N ALA A 94 -5.09 -8.33 8.92
CA ALA A 94 -4.57 -8.36 10.28
C ALA A 94 -4.89 -9.71 10.92
N LEU A 95 -6.05 -10.24 10.56
CA LEU A 95 -6.48 -11.52 11.10
C LEU A 95 -5.67 -12.64 10.44
N ALA A 96 -4.86 -12.25 9.47
CA ALA A 96 -4.03 -13.21 8.77
C ALA A 96 -2.58 -13.10 9.28
N HIS A 97 -2.32 -12.02 9.98
CA HIS A 97 -1.00 -11.80 10.54
C HIS A 97 -0.02 -11.44 9.42
N LYS A 98 -0.60 -11.16 8.25
CA LYS A 98 0.20 -10.82 7.09
C LYS A 98 -0.63 -9.95 6.14
N VAL A 99 0.07 -9.08 5.43
CA VAL A 99 -0.60 -8.20 4.48
C VAL A 99 0.43 -7.67 3.46
N VAL A 100 -0.04 -7.49 2.24
CA VAL A 100 0.82 -7.00 1.18
C VAL A 100 0.35 -5.61 0.75
N LEU A 101 1.30 -4.69 0.67
CA LEU A 101 0.99 -3.34 0.27
C LEU A 101 1.87 -2.95 -0.93
N GLU A 102 1.29 -2.14 -1.81
CA GLU A 102 2.00 -1.69 -2.99
C GLU A 102 2.14 -0.18 -2.98
N VAL A 103 3.39 0.27 -2.90
CA VAL A 103 3.68 1.69 -2.88
C VAL A 103 4.28 2.11 -4.23
N GLU A 104 3.88 3.29 -4.67
CA GLU A 104 4.38 3.81 -5.95
C GLU A 104 5.31 4.99 -5.70
N PHE A 105 6.53 4.86 -6.20
CA PHE A 105 7.52 5.91 -6.05
C PHE A 105 8.64 5.75 -7.08
N ASP A 106 9.36 6.85 -7.30
CA ASP A 106 10.45 6.85 -8.25
C ASP A 106 11.77 6.68 -7.50
N SER A 107 12.37 5.51 -7.65
CA SER A 107 13.63 5.23 -6.99
C SER A 107 14.74 6.10 -7.58
N GLY A 108 14.79 7.34 -7.08
CA GLY A 108 15.80 8.28 -7.54
C GLY A 108 17.20 7.81 -7.17
N PRO A 109 18.21 8.41 -7.86
CA PRO A 109 19.60 8.06 -7.61
C PRO A 109 20.09 8.66 -6.30
N SER A 110 21.14 8.05 -5.76
CA SER A 110 21.71 8.51 -4.50
C SER A 110 20.60 8.83 -3.50
N SER A 111 20.02 7.76 -2.96
CA SER A 111 18.95 7.91 -1.99
C SER A 111 19.50 8.46 -0.67
N GLY A 112 18.65 9.20 0.02
CA GLY A 112 19.05 9.78 1.30
C GLY A 112 17.95 9.59 2.34
N GLY A 1 26.40 -23.23 -39.25
CA GLY A 1 25.22 -22.65 -38.62
C GLY A 1 25.51 -21.22 -38.17
N SER A 2 24.58 -20.70 -37.37
CA SER A 2 24.72 -19.34 -36.86
C SER A 2 23.75 -19.13 -35.70
N SER A 3 24.14 -18.22 -34.81
CA SER A 3 23.31 -17.91 -33.64
C SER A 3 23.90 -16.71 -32.90
N GLY A 4 23.24 -15.58 -33.04
CA GLY A 4 23.68 -14.36 -32.38
C GLY A 4 22.79 -14.03 -31.19
N SER A 5 23.41 -13.47 -30.16
CA SER A 5 22.69 -13.10 -28.96
C SER A 5 21.88 -11.81 -29.20
N SER A 6 20.65 -11.82 -28.72
CA SER A 6 19.78 -10.67 -28.88
C SER A 6 19.25 -10.22 -27.52
N GLY A 7 18.88 -8.95 -27.45
CA GLY A 7 18.35 -8.39 -26.22
C GLY A 7 16.84 -8.17 -26.31
N GLY A 8 16.20 -8.17 -25.15
CA GLY A 8 14.76 -7.97 -25.10
C GLY A 8 14.41 -6.49 -25.02
N GLY A 9 13.67 -6.14 -23.97
CA GLY A 9 13.27 -4.77 -23.76
C GLY A 9 11.75 -4.65 -23.67
N GLN A 10 11.31 -3.69 -22.86
CA GLN A 10 9.88 -3.47 -22.67
C GLN A 10 9.63 -2.06 -22.13
N ILE A 11 8.38 -1.64 -22.22
CA ILE A 11 8.01 -0.32 -21.74
C ILE A 11 7.94 -0.34 -20.21
N VAL A 12 8.40 0.76 -19.61
CA VAL A 12 8.40 0.88 -18.17
C VAL A 12 7.85 2.25 -17.77
N HIS A 13 7.12 2.26 -16.67
CA HIS A 13 6.52 3.49 -16.18
C HIS A 13 6.43 3.44 -14.65
N THR A 14 7.24 4.27 -14.00
CA THR A 14 7.25 4.33 -12.56
C THR A 14 7.69 2.98 -11.98
N GLU A 15 7.93 2.99 -10.67
CA GLU A 15 8.35 1.78 -9.98
C GLU A 15 7.34 1.40 -8.90
N THR A 16 7.38 0.14 -8.51
CA THR A 16 6.48 -0.36 -7.49
C THR A 16 7.26 -1.15 -6.43
N THR A 17 6.83 -0.97 -5.19
CA THR A 17 7.47 -1.65 -4.07
C THR A 17 6.43 -2.42 -3.26
N GLU A 18 6.81 -3.64 -2.88
CA GLU A 18 5.94 -4.49 -2.10
C GLU A 18 6.34 -4.47 -0.63
N VAL A 19 5.41 -4.06 0.20
CA VAL A 19 5.64 -3.98 1.63
C VAL A 19 4.79 -5.02 2.35
N VAL A 20 5.46 -5.87 3.11
CA VAL A 20 4.78 -6.92 3.85
C VAL A 20 4.81 -6.59 5.35
N LEU A 21 3.62 -6.54 5.93
CA LEU A 21 3.50 -6.22 7.35
C LEU A 21 2.94 -7.44 8.08
N CYS A 22 3.23 -7.51 9.37
CA CYS A 22 2.76 -8.61 10.19
C CYS A 22 2.24 -8.04 11.51
N GLY A 23 1.28 -8.75 12.08
CA GLY A 23 0.69 -8.33 13.35
C GLY A 23 -0.48 -9.24 13.73
N ASP A 24 -1.09 -8.92 14.86
CA ASP A 24 -2.21 -9.69 15.36
C ASP A 24 -3.52 -9.06 14.86
N PRO A 25 -4.63 -9.84 14.99
CA PRO A 25 -5.93 -9.38 14.56
C PRO A 25 -6.50 -8.34 15.53
N LEU A 26 -5.87 -8.28 16.71
CA LEU A 26 -6.30 -7.34 17.73
C LEU A 26 -5.45 -6.07 17.65
N SER A 27 -4.15 -6.28 17.72
CA SER A 27 -3.21 -5.16 17.65
C SER A 27 -3.14 -4.62 16.22
N GLY A 28 -3.58 -5.45 15.29
CA GLY A 28 -3.57 -5.07 13.88
C GLY A 28 -2.14 -4.95 13.36
N PHE A 29 -1.79 -3.73 12.97
CA PHE A 29 -0.46 -3.48 12.45
C PHE A 29 0.13 -2.20 13.06
N GLY A 30 -0.15 -1.09 12.40
CA GLY A 30 0.35 0.20 12.87
C GLY A 30 0.64 1.13 11.69
N LEU A 31 -0.42 1.51 10.99
CA LEU A 31 -0.29 2.40 9.85
C LEU A 31 -1.59 3.21 9.69
N GLN A 32 -1.43 4.43 9.21
CA GLN A 32 -2.56 5.30 9.00
C GLN A 32 -2.61 5.79 7.55
N LEU A 33 -3.72 5.47 6.89
CA LEU A 33 -3.89 5.85 5.50
C LEU A 33 -4.44 7.28 5.44
N GLN A 34 -4.44 7.83 4.23
CA GLN A 34 -4.92 9.18 4.02
C GLN A 34 -5.62 9.29 2.66
N GLY A 35 -6.88 9.68 2.71
CA GLY A 35 -7.66 9.83 1.49
C GLY A 35 -8.90 10.68 1.73
N GLY A 36 -9.88 10.51 0.85
CA GLY A 36 -11.12 11.26 0.95
C GLY A 36 -11.53 11.42 2.42
N ILE A 37 -12.25 12.51 2.68
CA ILE A 37 -12.71 12.80 4.02
C ILE A 37 -13.68 11.70 4.48
N PHE A 38 -14.74 11.55 3.70
CA PHE A 38 -15.75 10.54 4.01
C PHE A 38 -15.20 9.13 3.76
N ALA A 39 -15.76 8.18 4.51
CA ALA A 39 -15.35 6.80 4.40
C ALA A 39 -16.03 6.17 3.18
N THR A 40 -17.34 6.31 3.14
CA THR A 40 -18.13 5.75 2.05
C THR A 40 -17.98 6.62 0.79
N GLU A 41 -16.98 6.26 -0.01
CA GLU A 41 -16.72 7.00 -1.23
C GLU A 41 -15.52 6.39 -1.96
N THR A 42 -15.79 5.87 -3.16
CA THR A 42 -14.75 5.27 -3.97
C THR A 42 -13.52 6.17 -4.03
N LEU A 43 -12.37 5.53 -4.16
CA LEU A 43 -11.12 6.27 -4.22
C LEU A 43 -10.64 6.34 -5.68
N SER A 44 -10.60 7.55 -6.20
CA SER A 44 -10.17 7.77 -7.57
C SER A 44 -8.65 7.70 -7.66
N SER A 45 -8.01 7.87 -6.52
CA SER A 45 -6.56 7.83 -6.46
C SER A 45 -6.11 6.97 -5.28
N PRO A 46 -4.81 6.58 -5.31
CA PRO A 46 -4.25 5.76 -4.24
C PRO A 46 -4.00 6.60 -2.98
N PRO A 47 -4.41 6.02 -1.82
CA PRO A 47 -4.24 6.69 -0.54
C PRO A 47 -2.77 6.66 -0.10
N LEU A 48 -2.44 7.58 0.79
CA LEU A 48 -1.08 7.66 1.31
C LEU A 48 -1.11 7.46 2.83
N VAL A 49 0.08 7.35 3.39
CA VAL A 49 0.21 7.16 4.83
C VAL A 49 0.20 8.52 5.52
N CYS A 50 -0.55 8.58 6.62
CA CYS A 50 -0.66 9.82 7.39
C CYS A 50 0.26 9.70 8.60
N PHE A 51 0.38 8.48 9.10
CA PHE A 51 1.21 8.23 10.26
C PHE A 51 1.54 6.73 10.38
N ILE A 52 2.61 6.45 11.11
CA ILE A 52 3.04 5.08 11.32
C ILE A 52 3.33 4.85 12.80
N GLU A 53 2.63 3.86 13.35
CA GLU A 53 2.79 3.53 14.75
C GLU A 53 4.24 3.16 15.05
N PRO A 54 4.73 3.61 16.24
CA PRO A 54 6.09 3.34 16.65
C PRO A 54 6.24 1.88 17.10
N ASP A 55 7.38 1.30 16.75
CA ASP A 55 7.66 -0.08 17.12
C ASP A 55 6.62 -1.00 16.46
N SER A 56 5.90 -0.43 15.51
CA SER A 56 4.88 -1.18 14.80
C SER A 56 5.49 -1.92 13.61
N PRO A 57 4.63 -2.66 12.88
CA PRO A 57 5.08 -3.42 11.72
C PRO A 57 5.33 -2.50 10.53
N ALA A 58 4.45 -1.51 10.39
CA ALA A 58 4.56 -0.55 9.30
C ALA A 58 5.83 0.27 9.49
N GLU A 59 6.21 0.44 10.75
CA GLU A 59 7.41 1.20 11.07
C GLU A 59 8.66 0.35 10.86
N ARG A 60 8.55 -0.91 11.29
CA ARG A 60 9.67 -1.83 11.16
C ARG A 60 10.18 -1.85 9.73
N CYS A 61 9.29 -1.54 8.80
CA CYS A 61 9.64 -1.51 7.40
C CYS A 61 10.68 -0.41 7.18
N GLY A 62 10.61 0.60 8.04
CA GLY A 62 11.55 1.71 7.95
C GLY A 62 11.24 2.58 6.74
N LEU A 63 11.24 1.95 5.57
CA LEU A 63 10.96 2.65 4.34
C LEU A 63 9.55 3.23 4.39
N LEU A 64 8.66 2.48 5.04
CA LEU A 64 7.28 2.91 5.16
C LEU A 64 7.20 4.15 6.05
N GLN A 65 6.42 5.12 5.58
CA GLN A 65 6.25 6.35 6.32
C GLN A 65 5.26 7.28 5.59
N VAL A 66 4.52 8.03 6.38
CA VAL A 66 3.53 8.95 5.83
C VAL A 66 4.07 9.55 4.53
N GLY A 67 3.15 9.81 3.62
CA GLY A 67 3.52 10.38 2.33
C GLY A 67 3.84 9.29 1.31
N ASP A 68 3.45 8.07 1.67
CA ASP A 68 3.69 6.93 0.80
C ASP A 68 2.34 6.40 0.29
N ARG A 69 2.21 6.39 -1.03
CA ARG A 69 0.98 5.91 -1.65
C ARG A 69 0.84 4.40 -1.43
N VAL A 70 -0.38 3.92 -1.66
CA VAL A 70 -0.67 2.50 -1.50
C VAL A 70 -1.56 2.03 -2.65
N LEU A 71 -0.94 1.80 -3.80
CA LEU A 71 -1.67 1.36 -4.97
C LEU A 71 -2.74 0.34 -4.54
N SER A 72 -2.27 -0.81 -4.09
CA SER A 72 -3.17 -1.86 -3.64
C SER A 72 -2.79 -2.33 -2.24
N ILE A 73 -3.66 -3.13 -1.66
CA ILE A 73 -3.42 -3.66 -0.32
C ILE A 73 -3.78 -5.14 -0.29
N ASN A 74 -2.75 -5.96 -0.16
CA ASN A 74 -2.94 -7.40 -0.12
C ASN A 74 -3.23 -7.92 -1.53
N GLY A 75 -3.17 -7.00 -2.49
CA GLY A 75 -3.41 -7.35 -3.87
C GLY A 75 -4.69 -6.67 -4.38
N ILE A 76 -5.33 -5.94 -3.48
CA ILE A 76 -6.56 -5.24 -3.83
C ILE A 76 -6.23 -3.77 -4.11
N ALA A 77 -6.71 -3.30 -5.26
CA ALA A 77 -6.48 -1.91 -5.65
C ALA A 77 -7.39 -1.00 -4.83
N THR A 78 -6.77 -0.04 -4.16
CA THR A 78 -7.50 0.91 -3.35
C THR A 78 -8.23 1.92 -4.23
N GLU A 79 -7.77 2.03 -5.47
CA GLU A 79 -8.38 2.95 -6.42
C GLU A 79 -9.69 2.37 -6.95
N ASP A 80 -9.87 1.08 -6.74
CA ASP A 80 -11.07 0.39 -7.19
C ASP A 80 -11.94 0.07 -5.99
N GLY A 81 -11.85 0.92 -4.98
CA GLY A 81 -12.63 0.74 -3.77
C GLY A 81 -12.83 2.06 -3.02
N THR A 82 -13.45 1.96 -1.86
CA THR A 82 -13.69 3.14 -1.05
C THR A 82 -12.67 3.24 0.08
N MET A 83 -12.56 4.43 0.65
CA MET A 83 -11.62 4.67 1.73
C MET A 83 -11.71 3.56 2.77
N GLU A 84 -12.88 3.41 3.35
CA GLU A 84 -13.10 2.39 4.36
C GLU A 84 -12.53 1.04 3.89
N GLU A 85 -12.99 0.61 2.72
CA GLU A 85 -12.53 -0.64 2.16
C GLU A 85 -11.04 -0.82 2.40
N ALA A 86 -10.27 0.17 1.95
CA ALA A 86 -8.83 0.13 2.12
C ALA A 86 -8.49 -0.21 3.56
N ASN A 87 -9.13 0.51 4.47
CA ASN A 87 -8.91 0.30 5.89
C ASN A 87 -9.37 -1.12 6.27
N GLN A 88 -10.48 -1.52 5.69
CA GLN A 88 -11.04 -2.83 5.95
C GLN A 88 -10.08 -3.91 5.45
N LEU A 89 -9.57 -3.70 4.25
CA LEU A 89 -8.64 -4.65 3.65
C LEU A 89 -7.49 -4.92 4.63
N LEU A 90 -7.06 -3.87 5.29
CA LEU A 90 -5.97 -3.98 6.25
C LEU A 90 -6.44 -4.84 7.43
N ARG A 91 -7.74 -4.81 7.68
CA ARG A 91 -8.31 -5.58 8.77
C ARG A 91 -8.26 -7.07 8.45
N ASP A 92 -8.92 -7.44 7.36
CA ASP A 92 -8.96 -8.82 6.94
C ASP A 92 -7.53 -9.35 6.82
N ALA A 93 -6.62 -8.45 6.47
CA ALA A 93 -5.22 -8.82 6.32
C ALA A 93 -4.65 -9.19 7.69
N ALA A 94 -5.01 -8.39 8.68
CA ALA A 94 -4.54 -8.63 10.04
C ALA A 94 -4.93 -10.04 10.47
N LEU A 95 -6.16 -10.42 10.12
CA LEU A 95 -6.66 -11.73 10.46
C LEU A 95 -5.76 -12.80 9.84
N ALA A 96 -4.97 -12.36 8.88
CA ALA A 96 -4.05 -13.27 8.20
C ALA A 96 -2.68 -13.20 8.86
N HIS A 97 -2.55 -12.26 9.79
CA HIS A 97 -1.30 -12.07 10.50
C HIS A 97 -0.23 -11.55 9.54
N LYS A 98 -0.68 -11.23 8.33
CA LYS A 98 0.23 -10.72 7.31
C LYS A 98 -0.56 -9.86 6.32
N VAL A 99 0.18 -9.05 5.57
CA VAL A 99 -0.44 -8.17 4.59
C VAL A 99 0.62 -7.73 3.58
N VAL A 100 0.13 -7.14 2.49
CA VAL A 100 1.02 -6.66 1.45
C VAL A 100 0.54 -5.29 0.95
N LEU A 101 1.51 -4.43 0.68
CA LEU A 101 1.21 -3.09 0.20
C LEU A 101 2.04 -2.79 -1.04
N GLU A 102 1.46 -1.97 -1.91
CA GLU A 102 2.14 -1.60 -3.15
C GLU A 102 2.22 -0.07 -3.26
N VAL A 103 3.45 0.43 -3.22
CA VAL A 103 3.67 1.86 -3.33
C VAL A 103 4.19 2.18 -4.73
N GLU A 104 3.83 3.37 -5.19
CA GLU A 104 4.25 3.82 -6.51
C GLU A 104 5.08 5.10 -6.40
N PHE A 105 6.28 5.03 -6.97
CA PHE A 105 7.19 6.17 -6.93
C PHE A 105 8.17 6.13 -8.12
N ASP A 106 9.07 7.08 -8.13
CA ASP A 106 10.06 7.17 -9.19
C ASP A 106 11.46 7.06 -8.59
N SER A 107 11.49 6.66 -7.32
CA SER A 107 12.76 6.51 -6.61
C SER A 107 13.51 7.84 -6.60
N GLY A 108 13.18 8.67 -5.62
CA GLY A 108 13.81 9.96 -5.48
C GLY A 108 13.33 10.67 -4.21
N PRO A 109 14.13 11.70 -3.80
CA PRO A 109 13.79 12.46 -2.60
C PRO A 109 12.64 13.43 -2.88
N SER A 110 11.68 13.44 -1.97
CA SER A 110 10.52 14.30 -2.10
C SER A 110 10.24 15.01 -0.77
N SER A 111 9.38 16.01 -0.84
CA SER A 111 9.01 16.77 0.35
C SER A 111 7.58 17.27 0.22
N GLY A 112 6.99 17.58 1.37
CA GLY A 112 5.63 18.07 1.41
C GLY A 112 5.55 19.52 0.95
N GLY A 1 13.71 -5.11 -43.93
CA GLY A 1 13.60 -4.71 -42.54
C GLY A 1 12.82 -5.75 -41.73
N SER A 2 13.07 -5.74 -40.43
CA SER A 2 12.40 -6.67 -39.53
C SER A 2 12.77 -8.11 -39.89
N SER A 3 13.27 -8.82 -38.90
CA SER A 3 13.67 -10.20 -39.10
C SER A 3 13.21 -11.06 -37.91
N GLY A 4 13.12 -12.36 -38.16
CA GLY A 4 12.70 -13.29 -37.13
C GLY A 4 13.61 -13.20 -35.91
N SER A 5 13.11 -12.52 -34.88
CA SER A 5 13.86 -12.36 -33.65
C SER A 5 12.91 -12.11 -32.49
N SER A 6 13.42 -12.31 -31.28
CA SER A 6 12.63 -12.11 -30.08
C SER A 6 12.87 -10.71 -29.53
N GLY A 7 11.96 -10.28 -28.65
CA GLY A 7 12.07 -8.97 -28.04
C GLY A 7 11.95 -9.06 -26.52
N GLY A 8 10.72 -8.94 -26.04
CA GLY A 8 10.46 -9.01 -24.62
C GLY A 8 9.04 -8.52 -24.30
N GLY A 9 8.75 -8.47 -23.00
CA GLY A 9 7.44 -8.03 -22.55
C GLY A 9 7.43 -6.51 -22.31
N GLN A 10 6.98 -6.13 -21.14
CA GLN A 10 6.92 -4.73 -20.77
C GLN A 10 6.76 -4.58 -19.26
N ILE A 11 7.16 -3.42 -18.76
CA ILE A 11 7.08 -3.14 -17.34
C ILE A 11 6.23 -1.87 -17.13
N VAL A 12 5.68 -1.76 -15.93
CA VAL A 12 4.86 -0.62 -15.58
C VAL A 12 5.71 0.65 -15.64
N HIS A 13 5.13 1.69 -16.21
CA HIS A 13 5.82 2.97 -16.34
C HIS A 13 6.49 3.31 -15.01
N THR A 14 5.68 3.37 -13.96
CA THR A 14 6.18 3.69 -12.64
C THR A 14 6.70 2.43 -11.95
N GLU A 15 7.32 2.64 -10.80
CA GLU A 15 7.88 1.54 -10.03
C GLU A 15 6.93 1.16 -8.89
N THR A 16 7.02 -0.10 -8.48
CA THR A 16 6.19 -0.59 -7.41
C THR A 16 7.01 -1.45 -6.44
N THR A 17 6.71 -1.30 -5.16
CA THR A 17 7.41 -2.07 -4.14
C THR A 17 6.41 -2.89 -3.32
N GLU A 18 6.70 -4.18 -3.22
CA GLU A 18 5.85 -5.08 -2.48
C GLU A 18 6.49 -5.43 -1.13
N VAL A 19 5.75 -5.13 -0.06
CA VAL A 19 6.23 -5.40 1.29
C VAL A 19 5.25 -6.33 2.00
N VAL A 20 5.80 -7.34 2.65
CA VAL A 20 4.98 -8.29 3.37
C VAL A 20 5.02 -7.97 4.86
N LEU A 21 3.99 -7.26 5.31
CA LEU A 21 3.90 -6.87 6.71
C LEU A 21 3.17 -7.98 7.49
N CYS A 22 3.55 -8.12 8.75
CA CYS A 22 2.95 -9.12 9.61
C CYS A 22 2.61 -8.46 10.95
N GLY A 23 1.31 -8.27 11.16
CA GLY A 23 0.85 -7.65 12.40
C GLY A 23 -0.27 -8.48 13.03
N ASP A 24 -0.77 -7.99 14.16
CA ASP A 24 -1.83 -8.67 14.87
C ASP A 24 -3.18 -8.08 14.45
N PRO A 25 -4.25 -8.88 14.66
CA PRO A 25 -5.60 -8.45 14.31
C PRO A 25 -6.12 -7.42 15.31
N LEU A 26 -5.43 -7.34 16.44
CA LEU A 26 -5.83 -6.41 17.49
C LEU A 26 -5.09 -5.08 17.28
N SER A 27 -3.77 -5.18 17.16
CA SER A 27 -2.94 -4.00 16.95
C SER A 27 -3.05 -3.53 15.51
N GLY A 28 -3.27 -4.50 14.62
CA GLY A 28 -3.39 -4.20 13.20
C GLY A 28 -2.02 -4.21 12.52
N PHE A 29 -1.69 -3.08 11.90
CA PHE A 29 -0.42 -2.96 11.21
C PHE A 29 0.31 -1.67 11.63
N GLY A 30 -0.21 -1.05 12.68
CA GLY A 30 0.37 0.18 13.18
C GLY A 30 0.66 1.16 12.04
N LEU A 31 -0.40 1.52 11.33
CA LEU A 31 -0.28 2.45 10.21
C LEU A 31 -1.63 3.09 9.94
N GLN A 32 -1.59 4.38 9.62
CA GLN A 32 -2.80 5.12 9.34
C GLN A 32 -2.82 5.56 7.87
N LEU A 33 -3.92 5.24 7.21
CA LEU A 33 -4.08 5.59 5.81
C LEU A 33 -4.98 6.82 5.70
N GLN A 34 -4.52 7.79 4.92
CA GLN A 34 -5.27 9.02 4.72
C GLN A 34 -5.91 9.02 3.33
N GLY A 35 -7.23 9.18 3.31
CA GLY A 35 -7.96 9.21 2.06
C GLY A 35 -9.13 10.19 2.14
N GLY A 36 -9.99 10.13 1.13
CA GLY A 36 -11.14 11.00 1.07
C GLY A 36 -11.76 11.18 2.46
N ILE A 37 -12.32 12.37 2.67
CA ILE A 37 -12.94 12.69 3.94
C ILE A 37 -14.09 11.71 4.21
N PHE A 38 -14.89 11.49 3.18
CA PHE A 38 -16.01 10.57 3.28
C PHE A 38 -15.58 9.13 3.02
N ALA A 39 -15.61 8.33 4.08
CA ALA A 39 -15.22 6.94 3.98
C ALA A 39 -15.78 6.35 2.68
N THR A 40 -17.01 6.73 2.38
CA THR A 40 -17.67 6.25 1.17
C THR A 40 -17.02 6.87 -0.06
N GLU A 41 -17.71 6.72 -1.19
CA GLU A 41 -17.20 7.25 -2.44
C GLU A 41 -15.91 6.55 -2.84
N THR A 42 -15.91 6.04 -4.07
CA THR A 42 -14.73 5.35 -4.58
C THR A 42 -13.48 6.19 -4.39
N LEU A 43 -12.35 5.51 -4.34
CA LEU A 43 -11.07 6.19 -4.16
C LEU A 43 -10.47 6.50 -5.53
N SER A 44 -10.51 7.78 -5.88
CA SER A 44 -9.98 8.22 -7.16
C SER A 44 -8.45 8.15 -7.14
N SER A 45 -7.90 8.25 -5.94
CA SER A 45 -6.46 8.19 -5.76
C SER A 45 -6.10 7.26 -4.60
N PRO A 46 -4.80 6.86 -4.56
CA PRO A 46 -4.32 5.98 -3.52
C PRO A 46 -4.17 6.73 -2.19
N PRO A 47 -4.46 6.00 -1.08
CA PRO A 47 -4.35 6.59 0.24
C PRO A 47 -2.90 6.72 0.67
N LEU A 48 -2.61 7.80 1.37
CA LEU A 48 -1.25 8.05 1.84
C LEU A 48 -1.20 7.81 3.35
N VAL A 49 0.01 7.60 3.84
CA VAL A 49 0.22 7.35 5.25
C VAL A 49 0.01 8.65 6.03
N CYS A 50 -0.67 8.53 7.17
CA CYS A 50 -0.94 9.69 8.00
C CYS A 50 -0.09 9.57 9.27
N PHE A 51 -0.14 8.40 9.87
CA PHE A 51 0.62 8.14 11.08
C PHE A 51 1.14 6.70 11.12
N ILE A 52 2.19 6.51 11.89
CA ILE A 52 2.78 5.19 12.03
C ILE A 52 3.06 4.89 13.50
N GLU A 53 2.54 3.77 13.96
CA GLU A 53 2.72 3.36 15.35
C GLU A 53 4.20 3.08 15.64
N PRO A 54 4.62 3.41 16.89
CA PRO A 54 6.00 3.20 17.30
C PRO A 54 6.27 1.72 17.55
N ASP A 55 7.42 1.27 17.07
CA ASP A 55 7.82 -0.11 17.24
C ASP A 55 6.83 -1.02 16.48
N SER A 56 6.02 -0.38 15.65
CA SER A 56 5.03 -1.11 14.87
C SER A 56 5.68 -1.69 13.62
N PRO A 57 4.85 -2.39 12.81
CA PRO A 57 5.33 -3.01 11.58
C PRO A 57 5.55 -1.94 10.49
N ALA A 58 4.55 -1.08 10.36
CA ALA A 58 4.63 -0.02 9.36
C ALA A 58 5.89 0.81 9.59
N GLU A 59 6.38 0.76 10.83
CA GLU A 59 7.58 1.49 11.18
C GLU A 59 8.82 0.61 11.00
N ARG A 60 8.69 -0.63 11.44
CA ARG A 60 9.79 -1.58 11.33
C ARG A 60 10.32 -1.61 9.88
N CYS A 61 9.39 -1.46 8.95
CA CYS A 61 9.76 -1.47 7.54
C CYS A 61 10.68 -0.27 7.27
N GLY A 62 10.49 0.77 8.07
CA GLY A 62 11.29 1.97 7.93
C GLY A 62 10.97 2.70 6.62
N LEU A 63 11.18 1.99 5.52
CA LEU A 63 10.91 2.56 4.20
C LEU A 63 9.54 3.25 4.22
N LEU A 64 8.59 2.59 4.86
CA LEU A 64 7.24 3.12 4.94
C LEU A 64 7.25 4.36 5.85
N GLN A 65 6.64 5.42 5.35
CA GLN A 65 6.57 6.67 6.10
C GLN A 65 5.35 7.48 5.66
N VAL A 66 5.06 8.52 6.42
CA VAL A 66 3.93 9.39 6.13
C VAL A 66 4.15 10.05 4.77
N GLY A 67 3.13 9.98 3.94
CA GLY A 67 3.19 10.57 2.61
C GLY A 67 3.21 9.48 1.53
N ASP A 68 3.75 8.33 1.90
CA ASP A 68 3.83 7.22 0.98
C ASP A 68 2.47 7.01 0.31
N ARG A 69 2.45 6.08 -0.64
CA ARG A 69 1.22 5.78 -1.35
C ARG A 69 0.88 4.29 -1.22
N VAL A 70 -0.38 3.98 -1.49
CA VAL A 70 -0.84 2.61 -1.39
C VAL A 70 -1.71 2.29 -2.62
N LEU A 71 -1.08 1.70 -3.62
CA LEU A 71 -1.77 1.34 -4.84
C LEU A 71 -2.78 0.23 -4.53
N SER A 72 -2.26 -0.88 -4.06
CA SER A 72 -3.09 -2.03 -3.73
C SER A 72 -2.75 -2.54 -2.33
N ILE A 73 -3.67 -3.30 -1.77
CA ILE A 73 -3.48 -3.87 -0.44
C ILE A 73 -3.86 -5.34 -0.46
N ASN A 74 -2.85 -6.19 -0.26
CA ASN A 74 -3.07 -7.62 -0.24
C ASN A 74 -3.34 -8.10 -1.67
N GLY A 75 -3.17 -7.19 -2.60
CA GLY A 75 -3.40 -7.51 -4.00
C GLY A 75 -4.69 -6.85 -4.51
N ILE A 76 -5.28 -6.04 -3.65
CA ILE A 76 -6.51 -5.34 -4.00
C ILE A 76 -6.21 -3.86 -4.22
N ALA A 77 -6.52 -3.40 -5.42
CA ALA A 77 -6.28 -2.00 -5.76
C ALA A 77 -7.19 -1.11 -4.92
N THR A 78 -6.58 -0.16 -4.24
CA THR A 78 -7.32 0.76 -3.39
C THR A 78 -8.23 1.65 -4.24
N GLU A 79 -7.79 1.87 -5.47
CA GLU A 79 -8.56 2.69 -6.39
C GLU A 79 -9.86 2.00 -6.78
N ASP A 80 -9.93 0.72 -6.44
CA ASP A 80 -11.11 -0.07 -6.75
C ASP A 80 -11.92 -0.29 -5.47
N GLY A 81 -11.93 0.73 -4.63
CA GLY A 81 -12.66 0.66 -3.37
C GLY A 81 -12.65 2.01 -2.65
N THR A 82 -13.52 2.12 -1.66
CA THR A 82 -13.62 3.35 -0.89
C THR A 82 -12.63 3.33 0.27
N MET A 83 -12.34 4.52 0.78
CA MET A 83 -11.41 4.66 1.88
C MET A 83 -11.59 3.51 2.89
N GLU A 84 -12.80 3.43 3.44
CA GLU A 84 -13.11 2.39 4.41
C GLU A 84 -12.63 1.03 3.90
N GLU A 85 -13.06 0.70 2.69
CA GLU A 85 -12.69 -0.56 2.07
C GLU A 85 -11.19 -0.81 2.24
N ALA A 86 -10.43 0.25 2.08
CA ALA A 86 -8.98 0.16 2.21
C ALA A 86 -8.63 -0.23 3.65
N ASN A 87 -9.21 0.50 4.59
CA ASN A 87 -8.97 0.25 6.00
C ASN A 87 -9.44 -1.16 6.34
N GLN A 88 -10.53 -1.56 5.69
CA GLN A 88 -11.10 -2.88 5.92
C GLN A 88 -10.19 -3.95 5.32
N LEU A 89 -9.75 -3.70 4.11
CA LEU A 89 -8.89 -4.64 3.42
C LEU A 89 -7.66 -4.94 4.28
N LEU A 90 -7.31 -3.96 5.10
CA LEU A 90 -6.17 -4.10 5.99
C LEU A 90 -6.57 -4.97 7.19
N ARG A 91 -7.82 -4.83 7.60
CA ARG A 91 -8.34 -5.60 8.71
C ARG A 91 -8.23 -7.09 8.44
N ASP A 92 -8.93 -7.53 7.40
CA ASP A 92 -8.92 -8.93 7.01
C ASP A 92 -7.47 -9.41 6.89
N ALA A 93 -6.65 -8.56 6.30
CA ALA A 93 -5.24 -8.88 6.11
C ALA A 93 -4.57 -9.00 7.48
N ALA A 94 -5.10 -8.25 8.44
CA ALA A 94 -4.56 -8.26 9.78
C ALA A 94 -4.94 -9.57 10.47
N LEU A 95 -6.08 -10.10 10.07
CA LEU A 95 -6.58 -11.34 10.64
C LEU A 95 -5.78 -12.52 10.05
N ALA A 96 -4.95 -12.19 9.07
CA ALA A 96 -4.13 -13.20 8.42
C ALA A 96 -2.71 -13.14 8.98
N HIS A 97 -2.41 -12.02 9.62
CA HIS A 97 -1.09 -11.82 10.20
C HIS A 97 -0.08 -11.54 9.10
N LYS A 98 -0.60 -11.37 7.89
CA LYS A 98 0.25 -11.10 6.74
C LYS A 98 -0.55 -10.31 5.70
N VAL A 99 0.11 -9.32 5.12
CA VAL A 99 -0.52 -8.49 4.10
C VAL A 99 0.54 -7.99 3.13
N VAL A 100 0.08 -7.67 1.93
CA VAL A 100 0.98 -7.18 0.90
C VAL A 100 0.65 -5.71 0.59
N LEU A 101 1.68 -4.88 0.64
CA LEU A 101 1.53 -3.46 0.39
C LEU A 101 2.29 -3.09 -0.89
N GLU A 102 1.64 -2.32 -1.73
CA GLU A 102 2.24 -1.89 -2.98
C GLU A 102 2.33 -0.36 -3.04
N VAL A 103 3.54 0.14 -2.97
CA VAL A 103 3.77 1.57 -3.01
C VAL A 103 4.34 1.96 -4.37
N GLU A 104 3.97 3.15 -4.82
CA GLU A 104 4.44 3.65 -6.11
C GLU A 104 5.32 4.88 -5.90
N PHE A 105 6.49 4.84 -6.52
CA PHE A 105 7.43 5.93 -6.42
C PHE A 105 8.37 5.96 -7.63
N ASP A 106 9.15 7.02 -7.71
CA ASP A 106 10.10 7.18 -8.81
C ASP A 106 11.52 6.93 -8.29
N SER A 107 11.58 6.37 -7.09
CA SER A 107 12.87 6.07 -6.48
C SER A 107 13.75 7.31 -6.46
N GLY A 108 13.56 8.12 -5.43
CA GLY A 108 14.32 9.35 -5.28
C GLY A 108 14.76 9.55 -3.83
N PRO A 109 15.65 10.56 -3.63
CA PRO A 109 16.15 10.87 -2.30
C PRO A 109 15.08 11.60 -1.47
N SER A 110 14.15 10.81 -0.94
CA SER A 110 13.08 11.36 -0.13
C SER A 110 13.62 12.47 0.77
N SER A 111 13.41 13.71 0.34
CA SER A 111 13.87 14.85 1.11
C SER A 111 15.41 14.86 1.17
N GLY A 112 16.01 15.32 0.08
CA GLY A 112 17.46 15.38 0.01
C GLY A 112 18.00 16.60 0.75
#